data_5DO5
# 
_entry.id   5DO5 
# 
_audit_conform.dict_name       mmcif_pdbx.dic 
_audit_conform.dict_version    5.379 
_audit_conform.dict_location   http://mmcif.pdb.org/dictionaries/ascii/mmcif_pdbx.dic 
# 
loop_
_database_2.database_id 
_database_2.database_code 
_database_2.pdbx_database_accession 
_database_2.pdbx_DOI 
PDB   5DO5         pdb_00005do5 10.2210/pdb5do5/pdb 
WWPDB D_1000213378 ?            ?                   
# 
_pdbx_database_status.status_code                     REL 
_pdbx_database_status.status_code_sf                  REL 
_pdbx_database_status.status_code_mr                  ? 
_pdbx_database_status.entry_id                        5DO5 
_pdbx_database_status.recvd_initial_deposition_date   2015-09-10 
_pdbx_database_status.SG_entry                        N 
_pdbx_database_status.deposit_site                    RCSB 
_pdbx_database_status.process_site                    RCSB 
_pdbx_database_status.status_code_cs                  ? 
_pdbx_database_status.methods_development_category    ? 
_pdbx_database_status.pdb_format_compatible           Y 
_pdbx_database_status.status_code_nmr_data            ? 
# 
loop_
_audit_author.name 
_audit_author.pdbx_ordinal 
'Pallan, P.S.' 1 
'Egli, M.'     2 
# 
_citation.abstract                  ? 
_citation.abstract_id_CAS           ? 
_citation.book_id_ISBN              ? 
_citation.book_publisher            ? 
_citation.book_publisher_city       ? 
_citation.book_title                ? 
_citation.coordinate_linkage        ? 
_citation.country                   ? 
_citation.database_id_Medline       ? 
_citation.details                   ? 
_citation.id                        primary 
_citation.journal_abbrev            'To Be Published' 
_citation.journal_id_ASTM           ? 
_citation.journal_id_CSD            0353 
_citation.journal_id_ISSN           ? 
_citation.journal_full              ? 
_citation.journal_issue             ? 
_citation.journal_volume            ? 
_citation.language                  ? 
_citation.page_first                ? 
_citation.page_last                 ? 
_citation.title                     
;Crystal Structure of 2'-Fluoro-RNA bearing a phosphorodithioate
;
_citation.year                      ? 
_citation.database_id_CSD           ? 
_citation.pdbx_database_id_DOI      ? 
_citation.pdbx_database_id_PubMed   ? 
_citation.unpublished_flag          ? 
# 
loop_
_citation_author.citation_id 
_citation_author.name 
_citation_author.ordinal 
_citation_author.identifier_ORCID 
primary 'Pallan, P.S.' 1 ? 
primary 'Egli, M.'     2 ? 
# 
_cell.angle_alpha                  90.000 
_cell.angle_alpha_esd              ? 
_cell.angle_beta                   127.500 
_cell.angle_beta_esd               ? 
_cell.angle_gamma                  90.000 
_cell.angle_gamma_esd              ? 
_cell.entry_id                     5DO5 
_cell.details                      ? 
_cell.formula_units_Z              ? 
_cell.length_a                     41.237 
_cell.length_a_esd                 ? 
_cell.length_b                     34.366 
_cell.length_b_esd                 ? 
_cell.length_c                     31.976 
_cell.length_c_esd                 ? 
_cell.volume                       ? 
_cell.volume_esd                   ? 
_cell.Z_PDB                        4 
_cell.reciprocal_angle_alpha       ? 
_cell.reciprocal_angle_beta        ? 
_cell.reciprocal_angle_gamma       ? 
_cell.reciprocal_angle_alpha_esd   ? 
_cell.reciprocal_angle_beta_esd    ? 
_cell.reciprocal_angle_gamma_esd   ? 
_cell.reciprocal_length_a          ? 
_cell.reciprocal_length_b          ? 
_cell.reciprocal_length_c          ? 
_cell.reciprocal_length_a_esd      ? 
_cell.reciprocal_length_b_esd      ? 
_cell.reciprocal_length_c_esd      ? 
_cell.pdbx_unique_axis             ? 
# 
_symmetry.entry_id                         5DO5 
_symmetry.cell_setting                     ? 
_symmetry.Int_Tables_number                5 
_symmetry.space_group_name_Hall            ? 
_symmetry.space_group_name_H-M             'C 1 2 1' 
_symmetry.pdbx_full_space_group_name_H-M   ? 
# 
loop_
_entity.id 
_entity.type 
_entity.src_method 
_entity.pdbx_description 
_entity.formula_weight 
_entity.pdbx_number_of_molecules 
_entity.pdbx_ec 
_entity.pdbx_mutation 
_entity.pdbx_fragment 
_entity.details 
1 polymer syn 
;RNA (5'-R(*CP*GP*CP*GP*AP*AP*UP*UP*(AF2)P*(2SG)P*CP*G)-3')
;
3887.498 1  ? ? ? ? 
2 water   nat water                                                        18.015   67 ? ? ? ? 
# 
_entity_poly.entity_id                      1 
_entity_poly.type                           polyribonucleotide 
_entity_poly.nstd_linkage                   no 
_entity_poly.nstd_monomer                   yes 
_entity_poly.pdbx_seq_one_letter_code       'CGCGAAUU(AF2)(2SG)CG' 
_entity_poly.pdbx_seq_one_letter_code_can   CGCGAAUUXXCG 
_entity_poly.pdbx_strand_id                 A 
_entity_poly.pdbx_target_identifier         ? 
# 
loop_
_entity_poly_seq.entity_id 
_entity_poly_seq.num 
_entity_poly_seq.mon_id 
_entity_poly_seq.hetero 
1 1  C   n 
1 2  G   n 
1 3  C   n 
1 4  G   n 
1 5  A   n 
1 6  A   n 
1 7  U   n 
1 8  U   n 
1 9  AF2 n 
1 10 2SG n 
1 11 C   n 
1 12 G   n 
# 
_pdbx_entity_src_syn.entity_id              1 
_pdbx_entity_src_syn.pdbx_src_id            1 
_pdbx_entity_src_syn.pdbx_alt_source_flag   sample 
_pdbx_entity_src_syn.pdbx_beg_seq_num       1 
_pdbx_entity_src_syn.pdbx_end_seq_num       12 
_pdbx_entity_src_syn.organism_scientific    'synthetic construct' 
_pdbx_entity_src_syn.organism_common_name   ? 
_pdbx_entity_src_syn.ncbi_taxonomy_id       32630 
_pdbx_entity_src_syn.details                ? 
# 
_struct_ref.id                         1 
_struct_ref.db_name                    PDB 
_struct_ref.db_code                    5DO5 
_struct_ref.pdbx_db_accession          5DO5 
_struct_ref.pdbx_db_isoform            ? 
_struct_ref.entity_id                  1 
_struct_ref.pdbx_seq_one_letter_code   ? 
_struct_ref.pdbx_align_begin           1 
# 
_struct_ref_seq.align_id                      1 
_struct_ref_seq.ref_id                        1 
_struct_ref_seq.pdbx_PDB_id_code              5DO5 
_struct_ref_seq.pdbx_strand_id                A 
_struct_ref_seq.seq_align_beg                 1 
_struct_ref_seq.pdbx_seq_align_beg_ins_code   ? 
_struct_ref_seq.seq_align_end                 12 
_struct_ref_seq.pdbx_seq_align_end_ins_code   ? 
_struct_ref_seq.pdbx_db_accession             5DO5 
_struct_ref_seq.db_align_beg                  101 
_struct_ref_seq.pdbx_db_align_beg_ins_code    ? 
_struct_ref_seq.db_align_end                  112 
_struct_ref_seq.pdbx_db_align_end_ins_code    ? 
_struct_ref_seq.pdbx_auth_seq_align_beg       101 
_struct_ref_seq.pdbx_auth_seq_align_end       112 
# 
loop_
_chem_comp.id 
_chem_comp.type 
_chem_comp.mon_nstd_flag 
_chem_comp.name 
_chem_comp.pdbx_synonyms 
_chem_comp.formula 
_chem_comp.formula_weight 
2SG 'RNA linking' n 'guanosine phosphorodithioate'                          ? 'C10 H16 N5 O6 P S2' 397.368 
A   'RNA linking' y "ADENOSINE-5'-MONOPHOSPHATE"                            ? 'C10 H14 N5 O7 P'    347.221 
AF2 'DNA linking' n 
;2'-deoxy-2'-fluoroadenosine 5'-(dihydrogen phosphate)
;
? 'C10 H13 F N5 O6 P'  349.212 
C   'RNA linking' y "CYTIDINE-5'-MONOPHOSPHATE"                             ? 'C9 H14 N3 O8 P'     323.197 
G   'RNA linking' y "GUANOSINE-5'-MONOPHOSPHATE"                            ? 'C10 H14 N5 O8 P'    363.221 
HOH non-polymer   . WATER                                                   ? 'H2 O'               18.015  
U   'RNA linking' y "URIDINE-5'-MONOPHOSPHATE"                              ? 'C9 H13 N2 O9 P'     324.181 
# 
_exptl.absorpt_coefficient_mu     ? 
_exptl.absorpt_correction_T_max   ? 
_exptl.absorpt_correction_T_min   ? 
_exptl.absorpt_correction_type    ? 
_exptl.absorpt_process_details    ? 
_exptl.entry_id                   5DO5 
_exptl.crystals_number            1 
_exptl.details                    ? 
_exptl.method                     'X-RAY DIFFRACTION' 
_exptl.method_details             ? 
# 
_exptl_crystal.colour                      ? 
_exptl_crystal.density_diffrn              ? 
_exptl_crystal.density_Matthews            2.41 
_exptl_crystal.density_method              ? 
_exptl_crystal.density_percent_sol         49.04 
_exptl_crystal.description                 ? 
_exptl_crystal.F_000                       ? 
_exptl_crystal.id                          1 
_exptl_crystal.preparation                 ? 
_exptl_crystal.size_max                    ? 
_exptl_crystal.size_mid                    ? 
_exptl_crystal.size_min                    ? 
_exptl_crystal.size_rad                    ? 
_exptl_crystal.colour_lustre               ? 
_exptl_crystal.colour_modifier             ? 
_exptl_crystal.colour_primary              ? 
_exptl_crystal.density_meas                ? 
_exptl_crystal.density_meas_esd            ? 
_exptl_crystal.density_meas_gt             ? 
_exptl_crystal.density_meas_lt             ? 
_exptl_crystal.density_meas_temp           ? 
_exptl_crystal.density_meas_temp_esd       ? 
_exptl_crystal.density_meas_temp_gt        ? 
_exptl_crystal.density_meas_temp_lt        ? 
_exptl_crystal.pdbx_crystal_image_url      ? 
_exptl_crystal.pdbx_crystal_image_format   ? 
_exptl_crystal.pdbx_mosaicity              ? 
_exptl_crystal.pdbx_mosaicity_esd          ? 
# 
_exptl_crystal_grow.apparatus       ? 
_exptl_crystal_grow.atmosphere      ? 
_exptl_crystal_grow.crystal_id      1 
_exptl_crystal_grow.details         ? 
_exptl_crystal_grow.method          'VAPOR DIFFUSION, HANGING DROP' 
_exptl_crystal_grow.method_ref      ? 
_exptl_crystal_grow.pH              6.0 
_exptl_crystal_grow.pressure        ? 
_exptl_crystal_grow.pressure_esd    ? 
_exptl_crystal_grow.seeding         ? 
_exptl_crystal_grow.seeding_ref     ? 
_exptl_crystal_grow.temp            291 
_exptl_crystal_grow.temp_details    ? 
_exptl_crystal_grow.temp_esd        ? 
_exptl_crystal_grow.time            ? 
_exptl_crystal_grow.pdbx_details    
'sodium cacodylate, pH 6.0, 40 mM sodium chloride, 10 mM magnesium chloride, 6 mM spermine tetrahydrochloride, and 5% v/v MPD' 
_exptl_crystal_grow.pdbx_pH_range   ? 
# 
_diffrn.ambient_environment    ? 
_diffrn.ambient_temp           100 
_diffrn.ambient_temp_details   ? 
_diffrn.ambient_temp_esd       ? 
_diffrn.crystal_id             1 
_diffrn.crystal_support        ? 
_diffrn.crystal_treatment      ? 
_diffrn.details                ? 
_diffrn.id                     1 
_diffrn.ambient_pressure       ? 
_diffrn.ambient_pressure_esd   ? 
_diffrn.ambient_pressure_gt    ? 
_diffrn.ambient_pressure_lt    ? 
_diffrn.ambient_temp_gt        ? 
_diffrn.ambient_temp_lt        ? 
# 
_diffrn_detector.details                      ? 
_diffrn_detector.detector                     CCD 
_diffrn_detector.diffrn_id                    1 
_diffrn_detector.type                         'MARMOSAIC 300 mm CCD' 
_diffrn_detector.area_resol_mean              ? 
_diffrn_detector.dtime                        ? 
_diffrn_detector.pdbx_frames_total            ? 
_diffrn_detector.pdbx_collection_time_total   ? 
_diffrn_detector.pdbx_collection_date         2013-10-03 
# 
_diffrn_radiation.collimation                      ? 
_diffrn_radiation.diffrn_id                        1 
_diffrn_radiation.filter_edge                      ? 
_diffrn_radiation.inhomogeneity                    ? 
_diffrn_radiation.monochromator                    ? 
_diffrn_radiation.polarisn_norm                    ? 
_diffrn_radiation.polarisn_ratio                   ? 
_diffrn_radiation.probe                            ? 
_diffrn_radiation.type                             ? 
_diffrn_radiation.xray_symbol                      ? 
_diffrn_radiation.wavelength_id                    1 
_diffrn_radiation.pdbx_monochromatic_or_laue_m_l   M 
_diffrn_radiation.pdbx_wavelength_list             ? 
_diffrn_radiation.pdbx_wavelength                  ? 
_diffrn_radiation.pdbx_diffrn_protocol             'SINGLE WAVELENGTH' 
_diffrn_radiation.pdbx_analyzer                    ? 
_diffrn_radiation.pdbx_scattering_type             x-ray 
# 
_diffrn_radiation_wavelength.id           1 
_diffrn_radiation_wavelength.wavelength   0.97857 
_diffrn_radiation_wavelength.wt           1.0 
# 
_diffrn_source.current                     ? 
_diffrn_source.details                     ? 
_diffrn_source.diffrn_id                   1 
_diffrn_source.power                       ? 
_diffrn_source.size                        ? 
_diffrn_source.source                      SYNCHROTRON 
_diffrn_source.target                      ? 
_diffrn_source.type                        'APS BEAMLINE 21-ID-G' 
_diffrn_source.voltage                     ? 
_diffrn_source.take-off_angle              ? 
_diffrn_source.pdbx_wavelength_list        0.97857 
_diffrn_source.pdbx_wavelength             ? 
_diffrn_source.pdbx_synchrotron_beamline   21-ID-G 
_diffrn_source.pdbx_synchrotron_site       APS 
# 
_reflns.B_iso_Wilson_estimate            ? 
_reflns.entry_id                         5DO5 
_reflns.data_reduction_details           ? 
_reflns.data_reduction_method            ? 
_reflns.d_resolution_high                1.200 
_reflns.d_resolution_low                 50.000 
_reflns.details                          ? 
_reflns.limit_h_max                      ? 
_reflns.limit_h_min                      ? 
_reflns.limit_k_max                      ? 
_reflns.limit_k_min                      ? 
_reflns.limit_l_max                      ? 
_reflns.limit_l_min                      ? 
_reflns.number_all                       ? 
_reflns.number_obs                       11122 
_reflns.observed_criterion               ? 
_reflns.observed_criterion_F_max         ? 
_reflns.observed_criterion_F_min         ? 
_reflns.observed_criterion_I_max         ? 
_reflns.observed_criterion_I_min         ? 
_reflns.observed_criterion_sigma_F       ? 
_reflns.observed_criterion_sigma_I       ? 
_reflns.percent_possible_obs             99.300 
_reflns.R_free_details                   ? 
_reflns.Rmerge_F_all                     ? 
_reflns.Rmerge_F_obs                     ? 
_reflns.Friedel_coverage                 ? 
_reflns.number_gt                        ? 
_reflns.threshold_expression             ? 
_reflns.pdbx_redundancy                  5.700 
_reflns.pdbx_Rmerge_I_obs                0.069 
_reflns.pdbx_Rmerge_I_all                ? 
_reflns.pdbx_Rsym_value                  ? 
_reflns.pdbx_netI_over_av_sigmaI         44.679 
_reflns.pdbx_netI_over_sigmaI            11.600 
_reflns.pdbx_res_netI_over_av_sigmaI_2   ? 
_reflns.pdbx_res_netI_over_sigmaI_2      ? 
_reflns.pdbx_chi_squared                 1.854 
_reflns.pdbx_scaling_rejects             ? 
_reflns.pdbx_d_res_high_opt              ? 
_reflns.pdbx_d_res_low_opt               ? 
_reflns.pdbx_d_res_opt_method            ? 
_reflns.phase_calculation_details        ? 
_reflns.pdbx_Rrim_I_all                  0.077 
_reflns.pdbx_Rpim_I_all                  0.032 
_reflns.pdbx_d_opt                       ? 
_reflns.pdbx_number_measured_all         62980 
_reflns.pdbx_diffrn_id                   1 
_reflns.pdbx_ordinal                     1 
_reflns.pdbx_CC_half                     ? 
_reflns.pdbx_R_split                     ? 
# 
loop_
_reflns_shell.d_res_high 
_reflns_shell.d_res_low 
_reflns_shell.meanI_over_sigI_all 
_reflns_shell.meanI_over_sigI_obs 
_reflns_shell.number_measured_all 
_reflns_shell.number_measured_obs 
_reflns_shell.number_possible 
_reflns_shell.number_unique_all 
_reflns_shell.number_unique_obs 
_reflns_shell.percent_possible_all 
_reflns_shell.percent_possible_obs 
_reflns_shell.Rmerge_F_all 
_reflns_shell.Rmerge_F_obs 
_reflns_shell.Rmerge_I_all 
_reflns_shell.Rmerge_I_obs 
_reflns_shell.meanI_over_sigI_gt 
_reflns_shell.meanI_over_uI_all 
_reflns_shell.meanI_over_uI_gt 
_reflns_shell.number_measured_gt 
_reflns_shell.number_unique_gt 
_reflns_shell.percent_possible_gt 
_reflns_shell.Rmerge_F_gt 
_reflns_shell.Rmerge_I_gt 
_reflns_shell.pdbx_redundancy 
_reflns_shell.pdbx_Rsym_value 
_reflns_shell.pdbx_chi_squared 
_reflns_shell.pdbx_netI_over_sigmaI_all 
_reflns_shell.pdbx_netI_over_sigmaI_obs 
_reflns_shell.pdbx_Rrim_I_all 
_reflns_shell.pdbx_Rpim_I_all 
_reflns_shell.pdbx_rejects 
_reflns_shell.pdbx_ordinal 
_reflns_shell.pdbx_diffrn_id 
_reflns_shell.pdbx_CC_half 
_reflns_shell.pdbx_R_split 
1.200 1.240  ? ? ? ? ? 1050 ? 94.000  ? ? ? ? 0.293 ? ? ? ? ? ? ? ? 2.600 ? 0.751 ? ? 0.361 0.209 0 1  1 0.875 ? 
1.240 1.290  ? ? ? ? ? 1116 ? 99.200  ? ? ? ? 0.266 ? ? ? ? ? ? ? ? 3.400 ? 0.875 ? ? 0.314 0.165 0 2  1 0.911 ? 
1.290 1.350  ? ? ? ? ? 1090 ? 100.000 ? ? ? ? 0.288 ? ? ? ? ? ? ? ? 4.200 ? 0.878 ? ? 0.326 0.150 0 3  1 0.951 ? 
1.350 1.420  ? ? ? ? ? 1132 ? 100.000 ? ? ? ? 0.317 ? ? ? ? ? ? ? ? 5.600 ? 0.927 ? ? 0.347 0.140 0 4  1 0.962 ? 
1.420 1.510  ? ? ? ? ? 1102 ? 99.900  ? ? ? ? 0.269 ? ? ? ? ? ? ? ? 6.800 ? 1.139 ? ? 0.291 0.111 0 5  1 0.974 ? 
1.510 1.630  ? ? ? ? ? 1116 ? 100.000 ? ? ? ? 0.164 ? ? ? ? ? ? ? ? 6.900 ? 1.592 ? ? 0.177 0.067 0 6  1 0.988 ? 
1.630 1.790  ? ? ? ? ? 1130 ? 100.000 ? ? ? ? 0.110 ? ? ? ? ? ? ? ? 7.000 ? 1.932 ? ? 0.119 0.045 0 7  1 0.995 ? 
1.790 2.050  ? ? ? ? ? 1115 ? 100.000 ? ? ? ? 0.089 ? ? ? ? ? ? ? ? 6.900 ? 2.378 ? ? 0.097 0.037 0 8  1 0.994 ? 
2.050 2.590  ? ? ? ? ? 1121 ? 100.000 ? ? ? ? 0.071 ? ? ? ? ? ? ? ? 6.700 ? 2.915 ? ? 0.077 0.030 0 9  1 0.995 ? 
2.590 50.000 ? ? ? ? ? 1150 ? 99.600  ? ? ? ? 0.053 ? ? ? ? ? ? ? ? 6.200 ? 3.216 ? ? 0.060 0.026 0 10 1 0.995 ? 
# 
_refine.aniso_B[1][1]                            ? 
_refine.aniso_B[1][2]                            ? 
_refine.aniso_B[1][3]                            ? 
_refine.aniso_B[2][2]                            ? 
_refine.aniso_B[2][3]                            ? 
_refine.aniso_B[3][3]                            ? 
_refine.B_iso_max                                152.450 
_refine.B_iso_mean                               19.0865 
_refine.B_iso_min                                7.020 
_refine.correlation_coeff_Fo_to_Fc               ? 
_refine.correlation_coeff_Fo_to_Fc_free          ? 
_refine.details                                  ? 
_refine.diff_density_max                         ? 
_refine.diff_density_max_esd                     ? 
_refine.diff_density_min                         ? 
_refine.diff_density_min_esd                     ? 
_refine.diff_density_rms                         ? 
_refine.diff_density_rms_esd                     ? 
_refine.entry_id                                 5DO5 
_refine.pdbx_refine_id                           'X-RAY DIFFRACTION' 
_refine.ls_abs_structure_details                 ? 
_refine.ls_abs_structure_Flack                   ? 
_refine.ls_abs_structure_Flack_esd               ? 
_refine.ls_abs_structure_Rogers                  ? 
_refine.ls_abs_structure_Rogers_esd              ? 
_refine.ls_d_res_high                            1.20 
_refine.ls_d_res_low                             50 
_refine.ls_extinction_coef                       ? 
_refine.ls_extinction_coef_esd                   ? 
_refine.ls_extinction_expression                 ? 
_refine.ls_extinction_method                     ? 
_refine.ls_goodness_of_fit_all                   ? 
_refine.ls_goodness_of_fit_all_esd               ? 
_refine.ls_goodness_of_fit_obs                   ? 
_refine.ls_goodness_of_fit_obs_esd               ? 
_refine.ls_hydrogen_treatment                    ? 
_refine.ls_matrix_type                           ? 
_refine.ls_number_constraints                    ? 
_refine.ls_number_parameters                     ? 
_refine.ls_number_reflns_all                     ? 
_refine.ls_number_reflns_obs                     11102 
_refine.ls_number_reflns_R_free                  553 
_refine.ls_number_reflns_R_work                  ? 
_refine.ls_number_restraints                     ? 
_refine.ls_percent_reflns_obs                    99.3 
_refine.ls_percent_reflns_R_free                 5 
_refine.ls_R_factor_all                          ? 
_refine.ls_R_factor_obs                          ? 
_refine.ls_R_factor_R_free                       0.2297 
_refine.ls_R_factor_R_free_error                 ? 
_refine.ls_R_factor_R_free_error_details         ? 
_refine.ls_R_factor_R_work                       0.19 
_refine.ls_R_Fsqd_factor_obs                     ? 
_refine.ls_R_I_factor_obs                        ? 
_refine.ls_redundancy_reflns_all                 ? 
_refine.ls_redundancy_reflns_obs                 ? 
_refine.ls_restrained_S_all                      ? 
_refine.ls_restrained_S_obs                      ? 
_refine.ls_shift_over_esd_max                    ? 
_refine.ls_shift_over_esd_mean                   ? 
_refine.ls_structure_factor_coef                 ? 
_refine.ls_weighting_details                     ? 
_refine.ls_weighting_scheme                      ? 
_refine.ls_wR_factor_all                         ? 
_refine.ls_wR_factor_obs                         ? 
_refine.ls_wR_factor_R_free                      0.2297 
_refine.ls_wR_factor_R_work                      0.19 
_refine.occupancy_max                            ? 
_refine.occupancy_min                            ? 
_refine.solvent_model_details                    ? 
_refine.solvent_model_param_bsol                 ? 
_refine.solvent_model_param_ksol                 ? 
_refine.ls_R_factor_gt                           ? 
_refine.ls_goodness_of_fit_gt                    ? 
_refine.ls_goodness_of_fit_ref                   ? 
_refine.ls_shift_over_su_max                     ? 
_refine.ls_shift_over_su_max_lt                  ? 
_refine.ls_shift_over_su_mean                    ? 
_refine.ls_shift_over_su_mean_lt                 ? 
_refine.pdbx_ls_sigma_I                          ? 
_refine.pdbx_ls_sigma_F                          ? 
_refine.pdbx_ls_sigma_Fsqd                       ? 
_refine.pdbx_data_cutoff_high_absF               ? 
_refine.pdbx_data_cutoff_high_rms_absF           ? 
_refine.pdbx_data_cutoff_low_absF                ? 
_refine.pdbx_isotropic_thermal_model             ? 
_refine.pdbx_ls_cross_valid_method               THROUGHOUT 
_refine.pdbx_method_to_determine_struct          'MOLECULAR REPLACEMENT' 
_refine.pdbx_starting_model                      'PDB ID:2Q1R' 
_refine.pdbx_stereochemistry_target_values       ? 
_refine.pdbx_R_Free_selection_details            Random 
_refine.pdbx_stereochem_target_val_spec_case     ? 
_refine.pdbx_overall_ESU_R                       ? 
_refine.pdbx_overall_ESU_R_Free                  ? 
_refine.pdbx_solvent_vdw_probe_radii             ? 
_refine.pdbx_solvent_ion_probe_radii             ? 
_refine.pdbx_solvent_shrinkage_radii             ? 
_refine.pdbx_real_space_R                        ? 
_refine.pdbx_density_correlation                 ? 
_refine.pdbx_pd_number_of_powder_patterns        ? 
_refine.pdbx_pd_number_of_points                 ? 
_refine.pdbx_pd_meas_number_of_points            ? 
_refine.pdbx_pd_proc_ls_prof_R_factor            ? 
_refine.pdbx_pd_proc_ls_prof_wR_factor           ? 
_refine.pdbx_pd_Marquardt_correlation_coeff      ? 
_refine.pdbx_pd_Fsqrd_R_factor                   ? 
_refine.pdbx_pd_ls_matrix_band_width             ? 
_refine.pdbx_overall_phase_error                 ? 
_refine.pdbx_overall_SU_R_free_Cruickshank_DPI   ? 
_refine.pdbx_overall_SU_R_free_Blow_DPI          ? 
_refine.pdbx_overall_SU_R_Blow_DPI               ? 
_refine.pdbx_TLS_residual_ADP_flag               ? 
_refine.pdbx_diffrn_id                           1 
_refine.overall_SU_B                             ? 
_refine.overall_SU_ML                            ? 
_refine.overall_SU_R_Cruickshank_DPI             ? 
_refine.overall_SU_R_free                        ? 
_refine.overall_FOM_free_R_set                   ? 
_refine.overall_FOM_work_R_set                   ? 
_refine.pdbx_average_fsc_overall                 ? 
_refine.pdbx_average_fsc_work                    ? 
_refine.pdbx_average_fsc_free                    ? 
# 
_refine_hist.pdbx_refine_id                   'X-RAY DIFFRACTION' 
_refine_hist.cycle_id                         LAST 
_refine_hist.pdbx_number_atoms_protein        0 
_refine_hist.pdbx_number_atoms_nucleic_acid   255 
_refine_hist.pdbx_number_atoms_ligand         0 
_refine_hist.number_atoms_solvent             67 
_refine_hist.number_atoms_total               322 
_refine_hist.d_res_high                       1.20 
_refine_hist.d_res_low                        50 
# 
_pdbx_refine.pdbx_refine_id                              'X-RAY DIFFRACTION' 
_pdbx_refine.entry_id                                    5DO5 
_pdbx_refine.R_factor_all_no_cutoff                      ? 
_pdbx_refine.R_factor_obs_no_cutoff                      0.19 
_pdbx_refine.free_R_factor_no_cutoff                     0.2297 
_pdbx_refine.free_R_error_no_cutoff                      ? 
_pdbx_refine.free_R_val_test_set_size_perc_no_cutoff     ? 
_pdbx_refine.free_R_val_test_set_ct_no_cutoff            ? 
_pdbx_refine.R_factor_all_4sig_cutoff                    ? 
_pdbx_refine.R_factor_obs_4sig_cutoff                    ? 
_pdbx_refine.free_R_factor_4sig_cutoff                   ? 
_pdbx_refine.free_R_val_test_set_size_perc_4sig_cutoff   ? 
_pdbx_refine.free_R_val_test_set_ct_4sig_cutoff          ? 
_pdbx_refine.number_reflns_obs_4sig_cutoff               ? 
# 
_struct.entry_id                     5DO5 
_struct.title                        
;Crystal Structure of 2'-Fluoro-RNA bearing a phosphorodithioate
;
_struct.pdbx_model_details           ? 
_struct.pdbx_formula_weight          ? 
_struct.pdbx_formula_weight_method   ? 
_struct.pdbx_model_type_details      ? 
_struct.pdbx_CASP_flag               ? 
# 
_struct_keywords.entry_id        5DO5 
_struct_keywords.text            
;RNA, 2'-fluoro-RNA, phosphorodithioate RNA, PS2-RNA
;
_struct_keywords.pdbx_keywords   RNA 
# 
loop_
_struct_asym.id 
_struct_asym.pdbx_blank_PDB_chainid_flag 
_struct_asym.pdbx_modified 
_struct_asym.entity_id 
_struct_asym.details 
A N N 1 ? 
B N N 2 ? 
# 
loop_
_struct_conn.id 
_struct_conn.conn_type_id 
_struct_conn.pdbx_leaving_atom_flag 
_struct_conn.pdbx_PDB_id 
_struct_conn.ptnr1_label_asym_id 
_struct_conn.ptnr1_label_comp_id 
_struct_conn.ptnr1_label_seq_id 
_struct_conn.ptnr1_label_atom_id 
_struct_conn.pdbx_ptnr1_label_alt_id 
_struct_conn.pdbx_ptnr1_PDB_ins_code 
_struct_conn.pdbx_ptnr1_standard_comp_id 
_struct_conn.ptnr1_symmetry 
_struct_conn.ptnr2_label_asym_id 
_struct_conn.ptnr2_label_comp_id 
_struct_conn.ptnr2_label_seq_id 
_struct_conn.ptnr2_label_atom_id 
_struct_conn.pdbx_ptnr2_label_alt_id 
_struct_conn.pdbx_ptnr2_PDB_ins_code 
_struct_conn.ptnr1_auth_asym_id 
_struct_conn.ptnr1_auth_comp_id 
_struct_conn.ptnr1_auth_seq_id 
_struct_conn.ptnr2_auth_asym_id 
_struct_conn.ptnr2_auth_comp_id 
_struct_conn.ptnr2_auth_seq_id 
_struct_conn.ptnr2_symmetry 
_struct_conn.pdbx_ptnr3_label_atom_id 
_struct_conn.pdbx_ptnr3_label_seq_id 
_struct_conn.pdbx_ptnr3_label_comp_id 
_struct_conn.pdbx_ptnr3_label_asym_id 
_struct_conn.pdbx_ptnr3_label_alt_id 
_struct_conn.pdbx_ptnr3_PDB_ins_code 
_struct_conn.details 
_struct_conn.pdbx_dist_value 
_struct_conn.pdbx_value_order 
_struct_conn.pdbx_role 
covale1  covale both ? A U   8  "O3'" A ? ? 1_555 A AF2 9  P  A ? A U   108 A AF2 109 1_555 ? ? ? ? ? ? ?            1.597 ? ? 
covale2  covale both ? A U   8  "O3'" B ? ? 1_555 A AF2 9  P  B ? A U   108 A AF2 109 1_555 ? ? ? ? ? ? ?            1.609 ? ? 
covale3  covale one  ? A AF2 9  "O3'" A ? ? 1_555 A 2SG 10 P  ? ? A AF2 109 A 2SG 110 1_555 ? ? ? ? ? ? ?            1.604 ? ? 
covale4  covale one  ? A AF2 9  "O3'" B ? ? 1_555 A 2SG 10 P  ? ? A AF2 109 A 2SG 110 1_555 ? ? ? ? ? ? ?            1.568 ? ? 
covale5  covale both ? A 2SG 10 "O3'" ? ? ? 1_555 A C   11 P  ? ? A 2SG 110 A C   111 1_555 ? ? ? ? ? ? ?            1.607 ? ? 
hydrog1  hydrog ?    ? A C   1  N3    ? ? ? 1_555 A G   12 N1 ? ? A C   101 A G   112 2_556 ? ? ? ? ? ? WATSON-CRICK ?     ? ? 
hydrog2  hydrog ?    ? A C   1  N4    ? ? ? 1_555 A G   12 O6 ? ? A C   101 A G   112 2_556 ? ? ? ? ? ? WATSON-CRICK ?     ? ? 
hydrog3  hydrog ?    ? A C   1  O2    ? ? ? 1_555 A G   12 N2 ? ? A C   101 A G   112 2_556 ? ? ? ? ? ? WATSON-CRICK ?     ? ? 
hydrog4  hydrog ?    ? A G   2  N1    ? ? ? 1_555 A C   11 N3 ? ? A G   102 A C   111 2_556 ? ? ? ? ? ? WATSON-CRICK ?     ? ? 
hydrog5  hydrog ?    ? A G   2  N2    ? ? ? 1_555 A C   11 O2 ? ? A G   102 A C   111 2_556 ? ? ? ? ? ? WATSON-CRICK ?     ? ? 
hydrog6  hydrog ?    ? A G   2  O6    ? ? ? 1_555 A C   11 N4 ? ? A G   102 A C   111 2_556 ? ? ? ? ? ? WATSON-CRICK ?     ? ? 
hydrog7  hydrog ?    ? A C   3  N3    ? ? ? 1_555 A 2SG 10 N1 ? ? A C   103 A 2SG 110 2_556 ? ? ? ? ? ? WATSON-CRICK ?     ? ? 
hydrog8  hydrog ?    ? A C   3  N4    ? ? ? 1_555 A 2SG 10 O6 ? ? A C   103 A 2SG 110 2_556 ? ? ? ? ? ? WATSON-CRICK ?     ? ? 
hydrog9  hydrog ?    ? A C   3  O2    ? ? ? 1_555 A 2SG 10 N2 ? ? A C   103 A 2SG 110 2_556 ? ? ? ? ? ? WATSON-CRICK ?     ? ? 
hydrog10 hydrog ?    ? A G   4  N1    ? ? ? 1_555 A AF2 9  N1 A ? A G   104 A AF2 109 2_556 ? ? ? ? ? ? TYPE_8_PAIR  ?     ? ? 
hydrog11 hydrog ?    ? A G   4  O6    ? ? ? 1_555 A AF2 9  N6 A ? A G   104 A AF2 109 2_556 ? ? ? ? ? ? TYPE_8_PAIR  ?     ? ? 
hydrog12 hydrog ?    ? A A   5  N1    ? ? ? 1_555 A U   8  N3 A ? A A   105 A U   108 2_556 ? ? ? ? ? ? WATSON-CRICK ?     ? ? 
hydrog13 hydrog ?    ? A A   5  N6    ? ? ? 1_555 A U   8  O4 A ? A A   105 A U   108 2_556 ? ? ? ? ? ? WATSON-CRICK ?     ? ? 
hydrog14 hydrog ?    ? A A   6  N1    A ? ? 1_555 A U   7  N3 A ? A A   106 A U   107 2_556 ? ? ? ? ? ? WATSON-CRICK ?     ? ? 
hydrog15 hydrog ?    ? A A   6  N6    A ? ? 1_555 A U   7  O4 A ? A A   106 A U   107 2_556 ? ? ? ? ? ? WATSON-CRICK ?     ? ? 
hydrog16 hydrog ?    ? A U   7  N3    A ? ? 1_555 A A   6  N1 A ? A U   107 A A   106 2_556 ? ? ? ? ? ? WATSON-CRICK ?     ? ? 
hydrog17 hydrog ?    ? A U   7  O4    A ? ? 1_555 A A   6  N6 A ? A U   107 A A   106 2_556 ? ? ? ? ? ? WATSON-CRICK ?     ? ? 
hydrog18 hydrog ?    ? A U   8  N3    A ? ? 1_555 A A   5  N1 ? ? A U   108 A A   105 2_556 ? ? ? ? ? ? WATSON-CRICK ?     ? ? 
hydrog19 hydrog ?    ? A U   8  O4    A ? ? 1_555 A A   5  N6 ? ? A U   108 A A   105 2_556 ? ? ? ? ? ? WATSON-CRICK ?     ? ? 
hydrog20 hydrog ?    ? A AF2 9  N1    A ? ? 1_555 A G   4  N1 ? ? A AF2 109 A G   104 2_556 ? ? ? ? ? ? TYPE_8_PAIR  ?     ? ? 
hydrog21 hydrog ?    ? A AF2 9  N6    A ? ? 1_555 A G   4  O6 ? ? A AF2 109 A G   104 2_556 ? ? ? ? ? ? TYPE_8_PAIR  ?     ? ? 
hydrog22 hydrog ?    ? A 2SG 10 N1    ? ? ? 1_555 A C   3  N3 ? ? A 2SG 110 A C   103 2_556 ? ? ? ? ? ? WATSON-CRICK ?     ? ? 
hydrog23 hydrog ?    ? A 2SG 10 N2    ? ? ? 1_555 A C   3  O2 ? ? A 2SG 110 A C   103 2_556 ? ? ? ? ? ? WATSON-CRICK ?     ? ? 
hydrog24 hydrog ?    ? A 2SG 10 O6    ? ? ? 1_555 A C   3  N4 ? ? A 2SG 110 A C   103 2_556 ? ? ? ? ? ? WATSON-CRICK ?     ? ? 
hydrog25 hydrog ?    ? A C   11 N3    ? ? ? 1_555 A G   2  N1 ? ? A C   111 A G   102 2_556 ? ? ? ? ? ? WATSON-CRICK ?     ? ? 
hydrog26 hydrog ?    ? A C   11 N4    ? ? ? 1_555 A G   2  O6 ? ? A C   111 A G   102 2_556 ? ? ? ? ? ? WATSON-CRICK ?     ? ? 
hydrog27 hydrog ?    ? A C   11 O2    ? ? ? 1_555 A G   2  N2 ? ? A C   111 A G   102 2_556 ? ? ? ? ? ? WATSON-CRICK ?     ? ? 
hydrog28 hydrog ?    ? A G   12 N1    ? ? ? 1_555 A C   1  N3 ? ? A G   112 A C   101 2_556 ? ? ? ? ? ? WATSON-CRICK ?     ? ? 
hydrog29 hydrog ?    ? A G   12 N2    ? ? ? 1_555 A C   1  O2 ? ? A G   112 A C   101 2_556 ? ? ? ? ? ? WATSON-CRICK ?     ? ? 
hydrog30 hydrog ?    ? A G   12 O6    ? ? ? 1_555 A C   1  N4 ? ? A G   112 A C   101 2_556 ? ? ? ? ? ? WATSON-CRICK ?     ? ? 
# 
loop_
_struct_conn_type.id 
_struct_conn_type.criteria 
_struct_conn_type.reference 
covale ? ? 
hydrog ? ? 
# 
_atom_sites.entry_id                    5DO5 
_atom_sites.fract_transf_matrix[1][1]   -0.02155000 
_atom_sites.fract_transf_matrix[1][2]   -0.01561843 
_atom_sites.fract_transf_matrix[1][3]   0.01503271 
_atom_sites.fract_transf_matrix[2][1]   0.00892580 
_atom_sites.fract_transf_matrix[2][2]   -0.02458716 
_atom_sites.fract_transf_matrix[2][3]   -0.01274966 
_atom_sites.fract_transf_matrix[3][1]   0.00307839 
_atom_sites.fract_transf_matrix[3][2]   -0.01720419 
_atom_sites.fract_transf_matrix[3][3]   0.03533266 
_atom_sites.fract_transf_vector[1]      0.019078 
_atom_sites.fract_transf_vector[2]      0.009606 
_atom_sites.fract_transf_vector[3]      0.436450 
# 
loop_
_atom_type.symbol 
C 
F 
N 
O 
P 
S 
# 
loop_
_atom_site.group_PDB 
_atom_site.id 
_atom_site.type_symbol 
_atom_site.label_atom_id 
_atom_site.label_alt_id 
_atom_site.label_comp_id 
_atom_site.label_asym_id 
_atom_site.label_entity_id 
_atom_site.label_seq_id 
_atom_site.pdbx_PDB_ins_code 
_atom_site.Cartn_x 
_atom_site.Cartn_y 
_atom_site.Cartn_z 
_atom_site.occupancy 
_atom_site.B_iso_or_equiv 
_atom_site.pdbx_formal_charge 
_atom_site.auth_seq_id 
_atom_site.auth_comp_id 
_atom_site.auth_asym_id 
_atom_site.auth_atom_id 
_atom_site.pdbx_PDB_model_num 
ATOM   1   O "O5'" A C   A 1 1  ? 4.207   -2.218  15.360  0.50 15.60  ? 101 C   A "O5'" 1 
ATOM   2   O "O5'" B C   A 1 1  ? 3.628   -2.385  17.491  0.50 22.37  ? 101 C   A "O5'" 1 
ATOM   3   C "C5'" . C   A 1 1  ? 3.523   -1.481  16.377  1.00 16.87  ? 101 C   A "C5'" 1 
ATOM   4   C "C4'" . C   A 1 1  ? 4.165   -0.169  16.690  1.00 15.48  ? 101 C   A "C4'" 1 
ATOM   5   O "O4'" . C   A 1 1  ? 5.549   -0.333  17.108  1.00 14.46  ? 101 C   A "O4'" 1 
ATOM   6   C "C3'" . C   A 1 1  ? 4.251   0.809   15.508  1.00 15.16  ? 101 C   A "C3'" 1 
ATOM   7   O "O3'" . C   A 1 1  ? 3.002   1.433   15.288  1.00 16.26  ? 101 C   A "O3'" 1 
ATOM   8   C "C2'" . C   A 1 1  ? 5.349   1.747   15.957  1.00 14.91  ? 101 C   A "C2'" 1 
ATOM   9   O "O2'" . C   A 1 1  ? 4.795   2.562   17.111  1.00 15.19  ? 101 C   A "O2'" 1 
ATOM   10  C "C1'" . C   A 1 1  ? 6.307   0.763   16.629  1.00 13.44  ? 101 C   A "C1'" 1 
ATOM   11  N N1    . C   A 1 1  ? 7.333   0.248   15.708  1.00 13.11  ? 101 C   A N1    1 
ATOM   12  C C2    . C   A 1 1  ? 8.366   1.122   15.372  1.00 12.13  ? 101 C   A C2    1 
ATOM   13  O O2    . C   A 1 1  ? 8.410   2.267   15.828  1.00 13.01  ? 101 C   A O2    1 
ATOM   14  N N3    . C   A 1 1  ? 9.356   0.712   14.523  1.00 11.79  ? 101 C   A N3    1 
ATOM   15  C C4    . C   A 1 1  ? 9.324   -0.517  14.021  1.00 10.42  ? 101 C   A C4    1 
ATOM   16  N N4    . C   A 1 1  ? 10.332  -0.865  13.183  1.00 11.67  ? 101 C   A N4    1 
ATOM   17  C C5    . C   A 1 1  ? 8.270   -1.426  14.348  1.00 11.40  ? 101 C   A C5    1 
ATOM   18  C C6    . C   A 1 1  ? 7.310   -1.010  15.190  1.00 12.31  ? 101 C   A C6    1 
ATOM   19  P P     . G   A 1 2  ? 2.634   2.019   13.846  1.00 17.79  ? 102 G   A P     1 
ATOM   20  O OP1   . G   A 1 2  ? 1.201   2.442   13.925  1.00 21.99  ? 102 G   A OP1   1 
ATOM   21  O OP2   . G   A 1 2  ? 3.035   1.097   12.753  1.00 19.17  ? 102 G   A OP2   1 
ATOM   22  O "O5'" . G   A 1 2  ? 3.530   3.302   13.712  1.00 16.88  ? 102 G   A "O5'" 1 
ATOM   23  C "C5'" . G   A 1 2  ? 3.271   4.468   14.535  1.00 17.09  ? 102 G   A "C5'" 1 
ATOM   24  C "C4'" . G   A 1 2  ? 4.319   5.448   14.086  1.00 16.35  ? 102 G   A "C4'" 1 
ATOM   25  O "O4'" . G   A 1 2  ? 5.628   4.925   14.361  1.00 15.98  ? 102 G   A "O4'" 1 
ATOM   26  C "C3'" . G   A 1 2  ? 4.355   5.708   12.589  1.00 15.96  ? 102 G   A "C3'" 1 
ATOM   27  O "O3'" . G   A 1 2  ? 3.323   6.585   12.223  1.00 18.54  ? 102 G   A "O3'" 1 
ATOM   28  C "C2'" . G   A 1 2  ? 5.734   6.298   12.388  1.00 16.86  ? 102 G   A "C2'" 1 
ATOM   29  O "O2'" . G   A 1 2  ? 5.924   7.668   12.972  1.00 18.87  ? 102 G   A "O2'" 1 
ATOM   30  C "C1'" . G   A 1 2  ? 6.520   5.409   13.329  1.00 15.58  ? 102 G   A "C1'" 1 
ATOM   31  N N9    . G   A 1 2  ? 7.123   4.198   12.749  1.00 14.56  ? 102 G   A N9    1 
ATOM   32  C C8    . G   A 1 2  ? 6.720   2.896   12.868  1.00 15.02  ? 102 G   A C8    1 
ATOM   33  N N7    . G   A 1 2  ? 7.516   2.059   12.205  1.00 14.76  ? 102 G   A N7    1 
ATOM   34  C C5    . G   A 1 2  ? 8.469   2.867   11.642  1.00 13.21  ? 102 G   A C5    1 
ATOM   35  C C6    . G   A 1 2  ? 9.594   2.551   10.817  1.00 13.27  ? 102 G   A C6    1 
ATOM   36  O O6    . G   A 1 2  ? 9.941   1.433   10.432  1.00 13.22  ? 102 G   A O6    1 
ATOM   37  N N1    . G   A 1 2  ? 10.326  3.677   10.445  1.00 13.79  ? 102 G   A N1    1 
ATOM   38  C C2    . G   A 1 2  ? 10.012  4.967   10.827  1.00 13.85  ? 102 G   A C2    1 
ATOM   39  N N2    . G   A 1 2  ? 10.839  5.946   10.373  1.00 14.83  ? 102 G   A N2    1 
ATOM   40  N N3    . G   A 1 2  ? 8.978   5.259   11.588  1.00 14.31  ? 102 G   A N3    1 
ATOM   41  C C4    . G   A 1 2  ? 8.247   4.204   11.967  1.00 13.49  ? 102 G   A C4    1 
ATOM   42  P P     . C   A 1 3  ? 2.800   6.625   10.698  1.00 18.14  ? 103 C   A P     1 
ATOM   43  O OP1   . C   A 1 3  ? 1.701   7.621   10.685  1.00 20.43  ? 103 C   A OP1   1 
ATOM   44  O OP2   . C   A 1 3  ? 2.543   5.204   10.343  1.00 19.87  ? 103 C   A OP2   1 
ATOM   45  O "O5'" . C   A 1 3  ? 4.014   7.144   9.824   1.00 16.65  ? 103 C   A "O5'" 1 
ATOM   46  C "C5'" . C   A 1 3  ? 4.495   8.497   9.883   1.00 18.84  ? 103 C   A "C5'" 1 
ATOM   47  C "C4'" . C   A 1 3  ? 5.660   8.722   8.974   1.00 16.97  ? 103 C   A "C4'" 1 
ATOM   48  O "O4'" . C   A 1 3  ? 6.817   7.952   9.420   1.00 16.83  ? 103 C   A "O4'" 1 
ATOM   49  C "C3'" . C   A 1 3  ? 5.462   8.275   7.529   1.00 17.72  ? 103 C   A "C3'" 1 
ATOM   50  O "O3'" . C   A 1 3  ? 4.683   9.195   6.779   1.00 20.31  ? 103 C   A "O3'" 1 
ATOM   51  C "C2'" . C   A 1 3  ? 6.894   8.173   7.046   1.00 16.22  ? 103 C   A "C2'" 1 
ATOM   52  O "O2'" . C   A 1 3  ? 7.457   9.512   6.967   1.00 19.67  ? 103 C   A "O2'" 1 
ATOM   53  C "C1'" . C   A 1 3  ? 7.540   7.523   8.262   1.00 15.67  ? 103 C   A "C1'" 1 
ATOM   54  N N1    . C   A 1 3  ? 7.519   6.052   8.240   1.00 14.81  ? 103 C   A N1    1 
ATOM   55  C C2    . C   A 1 3  ? 8.575   5.445   7.540   1.00 13.00  ? 103 C   A C2    1 
ATOM   56  O O2    . C   A 1 3  ? 9.415   6.162   7.008   1.00 14.60  ? 103 C   A O2    1 
ATOM   57  N N3    . C   A 1 3  ? 8.634   4.084   7.468   1.00 11.82  ? 103 C   A N3    1 
ATOM   58  C C4    . C   A 1 3  ? 7.681   3.383   8.074   1.00 10.78  ? 103 C   A C4    1 
ATOM   59  N N4    . C   A 1 3  ? 7.780   2.039   7.976   1.00 13.07  ? 103 C   A N4    1 
ATOM   60  C C5    . C   A 1 3  ? 6.602   3.967   8.780   1.00 11.75  ? 103 C   A C5    1 
ATOM   61  C C6    . C   A 1 3  ? 6.554   5.312   8.851   1.00 14.50  ? 103 C   A C6    1 
ATOM   62  P P     . G   A 1 4  ? 3.365   8.827   5.936   1.00 19.69  ? 104 G   A P     1 
ATOM   63  O OP1   . G   A 1 4  ? 2.427   9.971   5.950   1.00 25.46  ? 104 G   A OP1   1 
ATOM   64  O OP2   . G   A 1 4  ? 2.841   7.502   6.307   1.00 20.73  ? 104 G   A OP2   1 
ATOM   65  O "O5'" . G   A 1 4  ? 3.896   8.612   4.447   1.00 17.62  ? 104 G   A "O5'" 1 
ATOM   66  C "C5'" . G   A 1 4  ? 4.344   9.803   3.786   1.00 17.51  ? 104 G   A "C5'" 1 
ATOM   67  C "C4'" . G   A 1 4  ? 5.561   9.465   2.970   1.00 14.70  ? 104 G   A "C4'" 1 
ATOM   68  O "O4'" . G   A 1 4  ? 6.575   8.916   3.845   1.00 13.63  ? 104 G   A "O4'" 1 
ATOM   69  C "C3'" . G   A 1 4  ? 5.425   8.389   1.898   1.00 15.15  ? 104 G   A "C3'" 1 
ATOM   70  O "O3'" . G   A 1 4  ? 4.794   8.886   0.748   1.00 16.49  ? 104 G   A "O3'" 1 
ATOM   71  C "C2'" . G   A 1 4  ? 6.880   8.017   1.659   1.00 14.28  ? 104 G   A "C2'" 1 
ATOM   72  O "O2'" . G   A 1 4  ? 7.553   9.141   1.015   1.00 14.78  ? 104 G   A "O2'" 1 
ATOM   73  C "C1'" . G   A 1 4  ? 7.345   7.980   3.119   1.00 12.88  ? 104 G   A "C1'" 1 
ATOM   74  N N9    . G   A 1 4  ? 7.166   6.641   3.683   1.00 12.93  ? 104 G   A N9    1 
ATOM   75  C C8    . G   A 1 4  ? 6.219   6.163   4.529   1.00 13.93  ? 104 G   A C8    1 
ATOM   76  N N7    . G   A 1 4  ? 6.377   4.903   4.819   1.00 11.73  ? 104 G   A N7    1 
ATOM   77  C C5    . G   A 1 4  ? 7.504   4.526   4.115   1.00 11.14  ? 104 G   A C5    1 
ATOM   78  C C6    . G   A 1 4  ? 8.174   3.272   4.028   1.00 11.13  ? 104 G   A C6    1 
ATOM   79  O O6    . G   A 1 4  ? 7.918   2.191   4.563   1.00 11.15  ? 104 G   A O6    1 
ATOM   80  N N1    . G   A 1 4  ? 9.268   3.379   3.187   1.00 11.49  ? 104 G   A N1    1 
ATOM   81  C C2    . G   A 1 4  ? 9.700   4.486   2.514   1.00 12.41  ? 104 G   A C2    1 
ATOM   82  N N2    . G   A 1 4  ? 10.796  4.342   1.758   1.00 15.21  ? 104 G   A N2    1 
ATOM   83  N N3    . G   A 1 4  ? 9.076   5.662   2.597   1.00 12.12  ? 104 G   A N3    1 
ATOM   84  C C4    . G   A 1 4  ? 8.025   5.580   3.394   1.00 10.98  ? 104 G   A C4    1 
ATOM   85  P P     . A   A 1 5  ? 4.040   7.907   -0.265  1.00 18.87  ? 105 A   A P     1 
ATOM   86  O OP1   . A   A 1 5  ? 3.466   8.759   -1.351  1.00 22.29  ? 105 A   A OP1   1 
ATOM   87  O OP2   . A   A 1 5  ? 3.117   7.050   0.516   1.00 21.40  ? 105 A   A OP2   1 
ATOM   88  O "O5'" . A   A 1 5  ? 5.163   6.986   -0.886  1.00 18.32  ? 105 A   A "O5'" 1 
ATOM   89  C "C5'" . A   A 1 5  ? 6.199   7.505   -1.751  1.00 20.89  ? 105 A   A "C5'" 1 
ATOM   90  C "C4'" . A   A 1 5  ? 7.167   6.415   -2.113  1.00 18.28  ? 105 A   A "C4'" 1 
ATOM   91  O "O4'" . A   A 1 5  ? 7.797   5.822   -0.951  1.00 18.19  ? 105 A   A "O4'" 1 
ATOM   92  C "C3'" . A   A 1 5  ? 6.530   5.219   -2.806  1.00 18.48  ? 105 A   A "C3'" 1 
ATOM   93  O "O3'" . A   A 1 5  ? 6.230   5.455   -4.151  1.00 21.52  ? 105 A   A "O3'" 1 
ATOM   94  C "C2'" . A   A 1 5  ? 7.623   4.161   -2.646  1.00 17.87  ? 105 A   A "C2'" 1 
ATOM   95  O "O2'" . A   A 1 5  ? 8.711   4.543   -3.571  1.00 21.16  ? 105 A   A "O2'" 1 
ATOM   96  C "C1'" . A   A 1 5  ? 8.109   4.464   -1.228  1.00 15.63  ? 105 A   A "C1'" 1 
ATOM   97  N N9    . A   A 1 5  ? 7.461   3.650   -0.212  1.00 14.31  ? 105 A   A N9    1 
ATOM   98  C C8    . A   A 1 5  ? 6.482   4.025   0.701   1.00 15.14  ? 105 A   A C8    1 
ATOM   99  N N7    . A   A 1 5  ? 6.110   3.047   1.481   1.00 14.54  ? 105 A   A N7    1 
ATOM   100 C C5    . A   A 1 5  ? 6.886   1.954   1.070   1.00 11.95  ? 105 A   A C5    1 
ATOM   101 C C6    . A   A 1 5  ? 6.907   0.641   1.562   1.00 12.42  ? 105 A   A C6    1 
ATOM   102 N N6    . A   A 1 5  ? 6.143   0.179   2.568   1.00 14.17  ? 105 A   A N6    1 
ATOM   103 N N1    . A   A 1 5  ? 7.776   -0.171  0.934   1.00 14.91  ? 105 A   A N1    1 
ATOM   104 C C2    . A   A 1 5  ? 8.521   0.294   -0.051  1.00 14.12  ? 105 A   A C2    1 
ATOM   105 N N3    . A   A 1 5  ? 8.590   1.487   -0.589  1.00 15.66  ? 105 A   A N3    1 
ATOM   106 C C4    . A   A 1 5  ? 7.713   2.320   0.031   1.00 13.22  ? 105 A   A C4    1 
ATOM   107 P P     A A   A 1 6  ? 5.276   4.322   -4.854  0.55 18.07  ? 106 A   A P     1 
ATOM   108 P P     B A   A 1 6  ? 4.828   5.422   -4.933  0.45 15.37  ? 106 A   A P     1 
ATOM   109 O OP1   A A   A 1 6  ? 5.173   4.727   -6.277  0.55 22.44  ? 106 A   A OP1   1 
ATOM   110 O OP1   B A   A 1 6  ? 4.840   6.395   -6.045  0.45 20.88  ? 106 A   A OP1   1 
ATOM   111 O OP2   A A   A 1 6  ? 4.048   4.214   -4.037  0.55 18.25  ? 106 A   A OP2   1 
ATOM   112 O OP2   B A   A 1 6  ? 3.719   5.348   -3.969  0.45 18.27  ? 106 A   A OP2   1 
ATOM   113 O "O5'" A A   A 1 6  ? 6.085   2.967   -4.791  0.55 24.48  ? 106 A   A "O5'" 1 
ATOM   114 O "O5'" B A   A 1 6  ? 4.983   3.958   -5.587  0.45 16.62  ? 106 A   A "O5'" 1 
ATOM   115 C "C5'" A A   A 1 6  ? 6.832   2.534   -5.947  0.55 18.22  ? 106 A   A "C5'" 1 
ATOM   116 C "C5'" B A   A 1 6  ? 6.215   3.895   -6.352  0.45 14.29  ? 106 A   A "C5'" 1 
ATOM   117 C "C4'" A A   A 1 6  ? 7.203   1.091   -5.750  0.55 15.89  ? 106 A   A "C4'" 1 
ATOM   118 C "C4'" B A   A 1 6  ? 6.714   2.490   -6.407  0.45 13.06  ? 106 A   A "C4'" 1 
ATOM   119 O "O4'" A A   A 1 6  ? 7.700   0.914   -4.395  0.55 15.83  ? 106 A   A "O4'" 1 
ATOM   120 O "O4'" B A   A 1 6  ? 7.293   2.135   -5.109  0.45 12.09  ? 106 A   A "O4'" 1 
ATOM   121 C "C3'" A A   A 1 6  ? 6.081   0.067   -5.861  0.55 14.11  ? 106 A   A "C3'" 1 
ATOM   122 C "C3'" B A   A 1 6  ? 5.681   1.404   -6.649  0.45 12.13  ? 106 A   A "C3'" 1 
ATOM   123 O "O3'" A A   A 1 6  ? 5.794   -0.237  -7.208  0.55 16.40  ? 106 A   A "O3'" 1 
ATOM   124 O "O3'" B A   A 1 6  ? 5.257   1.312   -7.990  0.45 12.67  ? 106 A   A "O3'" 1 
ATOM   125 C "C2'" A A   A 1 6  ? 6.650   -1.106  -5.075  0.55 14.24  ? 106 A   A "C2'" 1 
ATOM   126 C "C2'" B A   A 1 6  ? 6.478   0.177   -6.228  0.45 14.37  ? 106 A   A "C2'" 1 
ATOM   127 O "O2'" A A   A 1 6  ? 7.666   -1.947  -5.568  0.55 15.54  ? 106 A   A "O2'" 1 
ATOM   128 O "O2'" B A   A 1 6  ? 7.216   -0.369  -7.123  0.45 20.83  ? 106 A   A "O2'" 1 
ATOM   129 C "C1'" A A   A 1 6  ? 7.245   -0.332  -3.911  0.55 15.77  ? 106 A   A "C1'" 1 
ATOM   130 C "C1'" B A   A 1 6  ? 7.192   0.737   -4.993  0.45 16.04  ? 106 A   A "C1'" 1 
ATOM   131 N N9    A A   A 1 6  ? 6.278   -0.011  -2.860  0.55 14.79  ? 106 A   A N9    1 
ATOM   132 N N9    B A   A 1 6  ? 6.417   0.434   -3.801  0.45 18.59  ? 106 A   A N9    1 
ATOM   133 C C8    A A   A 1 6  ? 5.566   1.143   -2.621  0.55 20.67  ? 106 A   A C8    1 
ATOM   134 C C8    B A   A 1 6  ? 5.535   1.157   -3.069  0.45 16.41  ? 106 A   A C8    1 
ATOM   135 N N7    A A   A 1 6  ? 4.792   1.030   -1.559  0.55 14.24  ? 106 A   A N7    1 
ATOM   136 N N7    B A   A 1 6  ? 5.067   0.442   -2.045  0.45 16.92  ? 106 A   A N7    1 
ATOM   137 C C5    A A   A 1 6  ? 5.032   -0.273  -1.097  0.55 12.41  ? 106 A   A C5    1 
ATOM   138 C C5    B A   A 1 6  ? 5.698   -0.790  -2.154  0.45 17.74  ? 106 A   A C5    1 
ATOM   139 C C6    A A   A 1 6  ? 4.567   -1.031  -0.036  0.55 12.57  ? 106 A   A C6    1 
ATOM   140 C C6    B A   A 1 6  ? 5.646   -1.978  -1.397  0.45 15.32  ? 106 A   A C6    1 
ATOM   141 N N6    A A   A 1 6  ? 3.682   -0.655  0.881   0.55 12.51  ? 106 A   A N6    1 
ATOM   142 N N6    B A   A 1 6  ? 4.894   -2.166  -0.314  0.45 29.89  ? 106 A   A N6    1 
ATOM   143 N N1    A A   A 1 6  ? 5.060   -2.282  0.074   0.55 15.38  ? 106 A   A N1    1 
ATOM   144 N N1    B A   A 1 6  ? 6.420   -3.010  -1.809  0.45 19.72  ? 106 A   A N1    1 
ATOM   145 C C2    A A   A 1 6  ? 5.943   -2.753  -0.786  0.55 15.00  ? 106 A   A C2    1 
ATOM   146 C C2    B A   A 1 6  ? 7.196   -2.873  -2.896  0.45 28.81  ? 106 A   A C2    1 
ATOM   147 N N3    A A   A 1 6  ? 6.470   -2.147  -1.830  0.55 14.25  ? 106 A   A N3    1 
ATOM   148 N N3    B A   A 1 6  ? 7.330   -1.808  -3.693  0.45 26.84  ? 106 A   A N3    1 
ATOM   149 C C4    A A   A 1 6  ? 5.963   -0.919  -1.902  0.55 17.05  ? 106 A   A C4    1 
ATOM   150 C C4    B A   A 1 6  ? 6.531   -0.823  -3.223  0.45 19.72  ? 106 A   A C4    1 
ATOM   151 P P     A U   A 1 7  ? 4.328   -0.715  -7.675  0.55 16.86  ? 107 U   A P     1 
ATOM   152 P P     B U   A 1 7  ? 3.764   0.925   -8.383  0.45 13.05  ? 107 U   A P     1 
ATOM   153 O OP1   A U   A 1 7  ? 4.417   -0.943  -9.146  0.55 19.90  ? 107 U   A OP1   1 
ATOM   154 O OP1   B U   A 1 7  ? 3.640   1.141   -9.847  0.45 16.94  ? 107 U   A OP1   1 
ATOM   155 O OP2   A U   A 1 7  ? 3.308   0.208   -7.153  0.55 19.96  ? 107 U   A OP2   1 
ATOM   156 O OP2   B U   A 1 7  ? 2.821   1.661   -7.500  0.45 14.60  ? 107 U   A OP2   1 
ATOM   157 O "O5'" A U   A 1 7  ? 4.167   -2.138  -7.005  0.55 15.62  ? 107 U   A "O5'" 1 
ATOM   158 O "O5'" B U   A 1 7  ? 3.558   -0.619  -8.084  0.45 13.43  ? 107 U   A "O5'" 1 
ATOM   159 C "C5'" A U   A 1 7  ? 5.060   -3.212  -7.406  0.55 18.76  ? 107 U   A "C5'" 1 
ATOM   160 C "C5'" B U   A 1 7  ? 4.566   -1.560  -8.516  0.45 12.82  ? 107 U   A "C5'" 1 
ATOM   161 C "C4'" A U   A 1 7  ? 4.739   -4.367  -6.498  0.55 17.81  ? 107 U   A "C4'" 1 
ATOM   162 C "C4'" B U   A 1 7  ? 4.297   -2.875  -7.843  0.45 13.91  ? 107 U   A "C4'" 1 
ATOM   163 O "O4'" A U   A 1 7  ? 5.091   -4.069  -5.120  0.55 18.10  ? 107 U   A "O4'" 1 
ATOM   164 O "O4'" B U   A 1 7  ? 4.669   -2.810  -6.444  0.45 15.62  ? 107 U   A "O4'" 1 
ATOM   165 C "C3'" A U   A 1 7  ? 3.256   -4.731  -6.455  0.55 17.23  ? 107 U   A "C3'" 1 
ATOM   166 C "C3'" B U   A 1 7  ? 2.840   -3.298  -7.810  0.45 13.51  ? 107 U   A "C3'" 1 
ATOM   167 O "O3'" A U   A 1 7  ? 2.858   -5.464  -7.604  0.55 24.64  ? 107 U   A "O3'" 1 
ATOM   168 O "O3'" B U   A 1 7  ? 2.464   -3.942  -9.009  0.45 12.56  ? 107 U   A "O3'" 1 
ATOM   169 C "C2'" A U   A 1 7  ? 3.199   -5.502  -5.146  0.55 17.36  ? 107 U   A "C2'" 1 
ATOM   170 C "C2'" B U   A 1 7  ? 2.772   -4.235  -6.620  0.45 14.27  ? 107 U   A "C2'" 1 
ATOM   171 O "O2'" A U   A 1 7  ? 3.873   -6.861  -5.280  0.55 23.27  ? 107 U   A "O2'" 1 
ATOM   172 O "O2'" B U   A 1 7  ? 3.539   -5.573  -7.121  0.45 13.66  ? 107 U   A "O2'" 1 
ATOM   173 C "C1'" A U   A 1 7  ? 4.068   -4.583  -4.285  0.55 18.28  ? 107 U   A "C1'" 1 
ATOM   174 C "C1'" B U   A 1 7  ? 3.793   -3.614  -5.676  0.45 13.84  ? 107 U   A "C1'" 1 
ATOM   175 N N1    A U   A 1 7  ? 3.362   -3.414  -3.723  0.55 18.04  ? 107 U   A N1    1 
ATOM   176 N N1    B U   A 1 7  ? 3.183   -2.758  -4.631  0.45 15.22  ? 107 U   A N1    1 
ATOM   177 C C2    A U   A 1 7  ? 2.762   -3.610  -2.494  0.55 25.94  ? 107 U   A C2    1 
ATOM   178 C C2    B U   A 1 7  ? 2.826   -3.443  -3.486  0.45 15.21  ? 107 U   A C2    1 
ATOM   179 O O2    A U   A 1 7  ? 2.878   -4.729  -2.012  0.55 17.78  ? 107 U   A O2    1 
ATOM   180 O O2    B U   A 1 7  ? 3.003   -4.633  -3.366  0.45 17.61  ? 107 U   A O2    1 
ATOM   181 N N3    A U   A 1 7  ? 2.137   -2.466  -2.058  0.55 16.10  ? 107 U   A N3    1 
ATOM   182 N N3    B U   A 1 7  ? 2.254   -2.761  -2.448  0.45 22.18  ? 107 U   A N3    1 
ATOM   183 C C4    A U   A 1 7  ? 2.023   -1.212  -2.623  0.55 17.93  ? 107 U   A C4    1 
ATOM   184 C C4    B U   A 1 7  ? 1.987   -1.406  -2.427  0.45 17.31  ? 107 U   A C4    1 
ATOM   185 O O4    A U   A 1 7  ? 1.387   -0.338  -1.997  0.55 16.78  ? 107 U   A O4    1 
ATOM   186 O O4    B U   A 1 7  ? 1.458   -1.067  -1.336  0.45 10.99  ? 107 U   A O4    1 
ATOM   187 C C5    A U   A 1 7  ? 2.673   -1.097  -3.887  0.55 20.49  ? 107 U   A C5    1 
ATOM   188 C C5    B U   A 1 7  ? 2.378   -0.765  -3.638  0.45 14.11  ? 107 U   A C5    1 
ATOM   189 C C6    A U   A 1 7  ? 3.300   -2.197  -4.351  0.55 20.72  ? 107 U   A C6    1 
ATOM   190 C C6    B U   A 1 7  ? 2.954   -1.404  -4.703  0.45 13.62  ? 107 U   A C6    1 
ATOM   191 P P     A U   A 1 8  ? 1.459   -5.091  -8.321  0.55 24.75  ? 108 U   A P     1 
ATOM   192 P P     B U   A 1 8  ? 0.905   -4.014  -9.379  0.45 14.02  ? 108 U   A P     1 
ATOM   193 O OP1   A U   A 1 8  ? 1.572   -5.392  -9.757  0.55 34.25  ? 108 U   A OP1   1 
ATOM   194 O OP1   B U   A 1 8  ? 0.806   -4.546  -10.754 0.45 21.09  ? 108 U   A OP1   1 
ATOM   195 O OP2   A U   A 1 8  ? 1.063   -3.742  -7.849  0.55 29.04  ? 108 U   A OP2   1 
ATOM   196 O OP2   B U   A 1 8  ? 0.286   -2.710  -9.039  0.45 18.05  ? 108 U   A OP2   1 
ATOM   197 O "O5'" A U   A 1 8  ? 0.436   -6.099  -7.643  0.55 23.07  ? 108 U   A "O5'" 1 
ATOM   198 O "O5'" B U   A 1 8  ? 0.319   -5.084  -8.373  0.45 11.85  ? 108 U   A "O5'" 1 
ATOM   199 C "C5'" A U   A 1 8  ? 0.865   -7.444  -7.416  0.55 21.98  ? 108 U   A "C5'" 1 
ATOM   200 C "C5'" B U   A 1 8  ? 0.612   -6.492  -8.525  0.45 18.00  ? 108 U   A "C5'" 1 
ATOM   201 C "C4'" A U   A 1 8  ? 0.154   -8.035  -6.235  0.55 21.55  ? 108 U   A "C4'" 1 
ATOM   202 C "C4'" B U   A 1 8  ? -0.016  -7.130  -7.318  0.45 15.70  ? 108 U   A "C4'" 1 
ATOM   203 O "O4'" A U   A 1 8  ? 0.646   -7.441  -5.003  0.55 21.63  ? 108 U   A "O4'" 1 
ATOM   204 O "O4'" B U   A 1 8  ? 0.606   -6.607  -6.125  0.45 15.03  ? 108 U   A "O4'" 1 
ATOM   205 C "C3'" A U   A 1 8  ? -1.345  -7.792  -6.191  0.55 19.01  ? 108 U   A "C3'" 1 
ATOM   206 C "C3'" B U   A 1 8  ? -1.493  -6.832  -7.115  0.45 13.63  ? 108 U   A "C3'" 1 
ATOM   207 O "O3'" A U   A 1 8  ? -2.060  -8.726  -6.983  0.55 19.01  ? 108 U   A "O3'" 1 
ATOM   208 O "O3'" B U   A 1 8  ? -2.322  -7.583  -7.975  0.45 14.27  ? 108 U   A "O3'" 1 
ATOM   209 C "C2'" A U   A 1 8  ? -1.665  -7.940  -4.715  0.55 21.10  ? 108 U   A "C2'" 1 
ATOM   210 C "C2'" B U   A 1 8  ? -1.649  -7.212  -5.651  0.45 14.46  ? 108 U   A "C2'" 1 
ATOM   211 O "O2'" A U   A 1 8  ? -1.636  -9.391  -4.439  0.55 19.08  ? 108 U   A "O2'" 1 
ATOM   212 O "O2'" B U   A 1 8  ? -1.549  -8.673  -5.577  0.45 14.44  ? 108 U   A "O2'" 1 
ATOM   213 C "C1'" A U   A 1 8  ? -0.411  -7.343  -4.077  0.55 18.47  ? 108 U   A "C1'" 1 
ATOM   214 C "C1'" B U   A 1 8  ? -0.357  -6.610  -5.085  0.45 13.35  ? 108 U   A "C1'" 1 
ATOM   215 N N1    A U   A 1 8  ? -0.569  -5.914  -3.730  0.55 14.53  ? 108 U   A N1    1 
ATOM   216 N N1    B U   A 1 8  ? -0.588  -5.242  -4.598  0.45 12.55  ? 108 U   A N1    1 
ATOM   217 C C2    A U   A 1 8  ? -1.084  -5.690  -2.471  0.55 13.42  ? 108 U   A C2    1 
ATOM   218 C C2    B U   A 1 8  ? -1.095  -5.091  -3.328  0.45 15.05  ? 108 U   A C2    1 
ATOM   219 O O2    A U   A 1 8  ? -1.388  -6.568  -1.670  0.55 14.82  ? 108 U   A O2    1 
ATOM   220 O O2    B U   A 1 8  ? -1.345  -6.050  -2.617  0.45 15.09  ? 108 U   A O2    1 
ATOM   221 N N3    A U   A 1 8  ? -1.244  -4.369  -2.101  0.55 12.10  ? 108 U   A N3    1 
ATOM   222 N N3    B U   A 1 8  ? -1.298  -3.793  -2.910  0.45 14.00  ? 108 U   A N3    1 
ATOM   223 C C4    A U   A 1 8  ? -0.935  -3.295  -2.910  0.55 11.49  ? 108 U   A C4    1 
ATOM   224 C C4    B U   A 1 8  ? -1.053  -2.630  -3.630  0.45 11.51  ? 108 U   A C4    1 
ATOM   225 O O4    A U   A 1 8  ? -1.122  -2.162  -2.484  0.55 13.90  ? 108 U   A O4    1 
ATOM   226 O O4    B U   A 1 8  ? -1.286  -1.525  -3.120  0.45 12.21  ? 108 U   A O4    1 
ATOM   227 C C5    A U   A 1 8  ? -0.412  -3.602  -4.216  0.55 12.36  ? 108 U   A C5    1 
ATOM   228 C C5    B U   A 1 8  ? -0.528  -2.867  -4.941  0.45 9.87   ? 108 U   A C5    1 
ATOM   229 C C6    A U   A 1 8  ? -0.253  -4.883  -4.563  0.55 14.11  ? 108 U   A C6    1 
ATOM   230 C C6    B U   A 1 8  ? -0.323  -4.123  -5.364  0.45 12.11  ? 108 U   A C6    1 
HETATM 231 F F     A AF2 A 1 9  ? -7.752  -8.840  -3.007  0.55 12.02  ? 109 AF2 A F     1 
HETATM 232 F F     B AF2 A 1 9  ? -7.415  -9.003  -3.564  0.45 16.11  ? 109 AF2 A F     1 
HETATM 233 P P     A AF2 A 1 9  ? -3.335  -8.175  -7.771  0.55 22.23  ? 109 AF2 A P     1 
HETATM 234 P P     B AF2 A 1 9  ? -3.717  -6.978  -8.502  0.45 15.64  ? 109 AF2 A P     1 
HETATM 235 N N1    A AF2 A 1 9  ? -5.421  -3.488  -0.422  0.55 12.57  ? 109 AF2 A N1    1 
HETATM 236 N N1    B AF2 A 1 9  ? -5.396  -3.291  -0.825  0.45 9.86   ? 109 AF2 A N1    1 
HETATM 237 C C2    A AF2 A 1 9  ? -5.996  -4.670  -0.165  0.55 11.77  ? 109 AF2 A C2    1 
HETATM 238 C C2    B AF2 A 1 9  ? -5.806  -4.535  -0.548  0.45 11.06  ? 109 AF2 A C2    1 
HETATM 239 N N3    A AF2 A 1 9  ? -6.014  -5.763  -0.936  0.55 12.56  ? 109 AF2 A N3    1 
HETATM 240 N N3    B AF2 A 1 9  ? -5.805  -5.621  -1.314  0.45 11.13  ? 109 AF2 A N3    1 
HETATM 241 C C4    A AF2 A 1 9  ? -5.348  -5.541  -2.089  0.55 10.29  ? 109 AF2 A C4    1 
HETATM 242 C C4    B AF2 A 1 9  ? -5.306  -5.340  -2.534  0.45 12.79  ? 109 AF2 A C4    1 
HETATM 243 C C5    A AF2 A 1 9  ? -4.703  -4.393  -2.508  0.55 9.72   ? 109 AF2 A C5    1 
HETATM 244 C C5    B AF2 A 1 9  ? -4.845  -4.110  -2.966  0.45 10.58  ? 109 AF2 A C5    1 
HETATM 245 C C6    A AF2 A 1 9  ? -4.761  -3.314  -1.598  0.55 10.17  ? 109 AF2 A C6    1 
HETATM 246 C C6    B AF2 A 1 9  ? -4.900  -3.039  -2.049  0.45 8.24   ? 109 AF2 A C6    1 
HETATM 247 N N6    A AF2 A 1 9  ? -4.193  -2.150  -1.849  0.55 8.84   ? 109 AF2 A N6    1 
HETATM 248 N N6    B AF2 A 1 9  ? -4.479  -1.814  -2.366  0.45 7.02   ? 109 AF2 A N6    1 
HETATM 249 N N7    A AF2 A 1 9  ? -4.141  -4.576  -3.758  0.55 9.99   ? 109 AF2 A N7    1 
HETATM 250 N N7    B AF2 A 1 9  ? -4.413  -4.219  -4.271  0.45 12.66  ? 109 AF2 A N7    1 
HETATM 251 C C8    A AF2 A 1 9  ? -4.447  -5.817  -4.077  0.55 12.72  ? 109 AF2 A C8    1 
HETATM 252 C C8    B AF2 A 1 9  ? -4.607  -5.470  -4.615  0.45 12.70  ? 109 AF2 A C8    1 
HETATM 253 N N9    A AF2 A 1 9  ? -5.174  -6.460  -3.113  0.55 13.77  ? 109 AF2 A N9    1 
HETATM 254 N N9    B AF2 A 1 9  ? -5.153  -6.215  -3.587  0.45 14.27  ? 109 AF2 A N9    1 
HETATM 255 C "C1'" A AF2 A 1 9  ? -5.701  -7.817  -3.094  0.55 12.53  ? 109 AF2 A "C1'" 1 
HETATM 256 C "C1'" B AF2 A 1 9  ? -5.499  -7.628  -3.623  0.45 12.96  ? 109 AF2 A "C1'" 1 
HETATM 257 O OP2   A AF2 A 1 9  ? -3.001  -6.803  -8.246  0.55 23.89  ? 109 AF2 A OP2   1 
HETATM 258 O OP2   B AF2 A 1 9  ? -3.577  -5.513  -8.614  0.45 14.54  ? 109 AF2 A OP2   1 
HETATM 259 C "C2'" A AF2 A 1 9  ? -7.167  -7.732  -3.577  0.55 13.81  ? 109 AF2 A "C2'" 1 
HETATM 260 C "C2'" B AF2 A 1 9  ? -6.993  -7.747  -3.935  0.45 13.63  ? 109 AF2 A "C2'" 1 
HETATM 261 O OP1   A AF2 A 1 9  ? -3.734  -9.209  -8.759  0.55 27.30  ? 109 AF2 A OP1   1 
HETATM 262 O OP1   B AF2 A 1 9  ? -4.109  -7.789  -9.678  0.45 17.65  ? 109 AF2 A OP1   1 
HETATM 263 C "C3'" A AF2 A 1 9  ? -6.970  -7.904  -5.081  0.55 13.68  ? 109 AF2 A "C3'" 1 
HETATM 264 C "C3'" B AF2 A 1 9  ? -6.922  -7.755  -5.454  0.45 13.56  ? 109 AF2 A "C3'" 1 
HETATM 265 O "O3'" A AF2 A 1 9  ? -8.141  -8.217  -5.845  0.55 13.56  ? 109 AF2 A "O3'" 1 
HETATM 266 O "O3'" B AF2 A 1 9  ? -8.105  -8.222  -6.084  0.45 15.14  ? 109 AF2 A "O3'" 1 
HETATM 267 C "C4'" A AF2 A 1 9  ? -5.952  -9.045  -5.047  0.55 13.98  ? 109 AF2 A "C4'" 1 
HETATM 268 C "C4'" B AF2 A 1 9  ? -5.749  -8.697  -5.678  0.45 13.60  ? 109 AF2 A "C4'" 1 
HETATM 269 O "O4'" A AF2 A 1 9  ? -5.033  -8.680  -3.970  0.55 13.37  ? 109 AF2 A "O4'" 1 
HETATM 270 O "O4'" B AF2 A 1 9  ? -4.801  -8.289  -4.651  0.45 11.88  ? 109 AF2 A "O4'" 1 
HETATM 271 C "C5'" A AF2 A 1 9  ? -5.150  -9.292  -6.289  0.55 14.70  ? 109 AF2 A "C5'" 1 
HETATM 272 C "C5'" B AF2 A 1 9  ? -5.130  -8.647  -7.044  0.45 13.26  ? 109 AF2 A "C5'" 1 
HETATM 273 O "O5'" A AF2 A 1 9  ? -4.514  -8.066  -6.709  0.55 16.44  ? 109 AF2 A "O5'" 1 
HETATM 274 O "O5'" B AF2 A 1 9  ? -4.749  -7.296  -7.338  0.45 12.39  ? 109 AF2 A "O5'" 1 
HETATM 275 P P     . 2SG A 1 10 ? -9.230  -7.170  -6.382  1.00 15.93  ? 110 2SG A P     1 
HETATM 276 S SP1   . 2SG A 1 10 ? -10.505 -8.267  -7.301  1.00 18.02  ? 110 2SG A SP1   1 
HETATM 277 S SP2   . 2SG A 1 10 ? -8.254  -5.716  -7.217  1.00 21.65  ? 110 2SG A SP2   1 
HETATM 278 O "O5'" . 2SG A 1 10 ? -9.745  -6.588  -4.992  1.00 15.46  ? 110 2SG A "O5'" 1 
HETATM 279 C "C5'" . 2SG A 1 10 ? -10.419 -7.403  -4.002  1.00 17.46  ? 110 2SG A "C5'" 1 
HETATM 280 C "C4'" . 2SG A 1 10 ? -10.698 -6.547  -2.806  1.00 14.82  ? 110 2SG A "C4'" 1 
HETATM 281 C "C3'" . 2SG A 1 10 ? -11.509 -5.291  -3.063  1.00 13.94  ? 110 2SG A "C3'" 1 
HETATM 282 O "O3'" . 2SG A 1 10 ? -12.878 -5.582  -3.249  1.00 15.70  ? 110 2SG A "O3'" 1 
HETATM 283 C "C2'" . 2SG A 1 10 ? -11.212 -4.513  -1.793  1.00 14.18  ? 110 2SG A "C2'" 1 
HETATM 284 O "O2'" . 2SG A 1 10 ? -11.859 -5.074  -0.659  1.00 17.27  ? 110 2SG A "O2'" 1 
HETATM 285 C "C1'" . 2SG A 1 10 ? -9.707  -4.780  -1.656  1.00 13.39  ? 110 2SG A "C1'" 1 
HETATM 286 O "O4'" . 2SG A 1 10 ? -9.453  -6.028  -2.262  1.00 14.18  ? 110 2SG A "O4'" 1 
HETATM 287 N N9    . 2SG A 1 10 ? -8.896  -3.764  -2.327  1.00 13.22  ? 110 2SG A N9    1 
HETATM 288 C C4    . 2SG A 1 10 ? -8.646  -2.478  -1.874  1.00 12.31  ? 110 2SG A C4    1 
HETATM 289 C C5    . 2SG A 1 10 ? -7.880  -1.884  -2.854  1.00 11.74  ? 110 2SG A C5    1 
HETATM 290 N N7    . 2SG A 1 10 ? -7.648  -2.775  -3.884  1.00 13.10  ? 110 2SG A N7    1 
HETATM 291 C C8    . 2SG A 1 10 ? -8.297  -3.870  -3.555  1.00 13.06  ? 110 2SG A C8    1 
HETATM 292 N N3    . 2SG A 1 10 ? -9.087  -1.975  -0.697  1.00 12.24  ? 110 2SG A N3    1 
HETATM 293 C C2    . 2SG A 1 10 ? -8.760  -0.715  -0.523  1.00 10.86  ? 110 2SG A C2    1 
HETATM 294 N N2    . 2SG A 1 10 ? -9.169  -0.046  0.585   1.00 13.37  ? 110 2SG A N2    1 
HETATM 295 N N1    . 2SG A 1 10 ? -7.934  -0.055  -1.404  1.00 11.17  ? 110 2SG A N1    1 
HETATM 296 C C6    . 2SG A 1 10 ? -7.380  -0.576  -2.570  1.00 11.90  ? 110 2SG A C6    1 
HETATM 297 O O6    . 2SG A 1 10 ? -6.633  0.112   -3.256  1.00 12.68  ? 110 2SG A O6    1 
ATOM   298 P P     . C   A 1 11 ? -13.869 -4.672  -4.129  1.00 16.25  ? 111 C   A P     1 
ATOM   299 O OP1   . C   A 1 11 ? -15.181 -5.369  -4.147  1.00 18.99  ? 111 C   A OP1   1 
ATOM   300 O OP2   . C   A 1 11 ? -13.236 -4.363  -5.419  1.00 16.10  ? 111 C   A OP2   1 
ATOM   301 O "O5'" . C   A 1 11 ? -14.029 -3.318  -3.320  1.00 17.71  ? 111 C   A "O5'" 1 
ATOM   302 C "C5'" . C   A 1 11 ? -14.656 -3.321  -2.019  1.00 19.74  ? 111 C   A "C5'" 1 
ATOM   303 C "C4'" . C   A 1 11 ? -14.431 -1.987  -1.358  1.00 17.06  ? 111 C   A "C4'" 1 
ATOM   304 O "O4'" . C   A 1 11 ? -13.009 -1.782  -1.103  1.00 17.27  ? 111 C   A "O4'" 1 
ATOM   305 C "C3'" . C   A 1 11 ? -14.843 -0.768  -2.162  1.00 15.58  ? 111 C   A "C3'" 1 
ATOM   306 O "O3'" . C   A 1 11 ? -16.250 -0.559  -2.143  1.00 16.84  ? 111 C   A "O3'" 1 
ATOM   307 C "C2'" . C   A 1 11 ? -14.076 0.324   -1.445  1.00 15.55  ? 111 C   A "C2'" 1 
ATOM   308 O "O2'" . C   A 1 11 ? -14.646 0.669   -0.157  1.00 18.06  ? 111 C   A "O2'" 1 
ATOM   309 C "C1'" . C   A 1 11 ? -12.749 -0.391  -1.221  1.00 15.89  ? 111 C   A "C1'" 1 
ATOM   310 N N1    . C   A 1 11 ? -11.824 -0.211  -2.345  1.00 15.29  ? 111 C   A N1    1 
ATOM   311 C C2    . C   A 1 11 ? -11.076 0.982   -2.367  1.00 14.04  ? 111 C   A C2    1 
ATOM   312 O O2    . C   A 1 11 ? -11.239 1.792   -1.435  1.00 15.29  ? 111 C   A O2    1 
ATOM   313 N N3    . C   A 1 11 ? -10.196 1.227   -3.383  1.00 12.94  ? 111 C   A N3    1 
ATOM   314 C C4    . C   A 1 11 ? -10.059 0.327   -4.350  1.00 13.12  ? 111 C   A C4    1 
ATOM   315 N N4    . C   A 1 11 ? -9.186  0.618   -5.324  1.00 12.93  ? 111 C   A N4    1 
ATOM   316 C C5    . C   A 1 11 ? -10.818 -0.886  -4.356  1.00 13.72  ? 111 C   A C5    1 
ATOM   317 C C6    . C   A 1 11 ? -11.684 -1.130  -3.356  1.00 14.42  ? 111 C   A C6    1 
ATOM   318 P P     . G   A 1 12 ? -16.963 0.149   -3.390  1.00 18.36  ? 112 G   A P     1 
ATOM   319 O OP1   . G   A 1 12 ? -18.426 0.156   -3.050  1.00 20.64  ? 112 G   A OP1   1 
ATOM   320 O OP2   . G   A 1 12 ? -16.512 -0.492  -4.637  1.00 20.22  ? 112 G   A OP2   1 
ATOM   321 O "O5'" . G   A 1 12 ? -16.453 1.652   -3.392  1.00 16.04  ? 112 G   A "O5'" 1 
ATOM   322 C "C5'" . G   A 1 12 ? -16.743 2.472   -2.226  1.00 16.75  ? 112 G   A "C5'" 1 
ATOM   323 C "C4'" . G   A 1 12 ? -16.054 3.801   -2.371  1.00 16.25  ? 112 G   A "C4'" 1 
ATOM   324 O "O4'" . G   A 1 12 ? -14.610 3.625   -2.298  1.00 16.31  ? 112 G   A "O4'" 1 
ATOM   325 C "C3'" . G   A 1 12 ? -16.268 4.531   -3.689  1.00 14.77  ? 112 G   A "C3'" 1 
ATOM   326 O "O3'" . G   A 1 12 ? -17.514 5.206   -3.773  1.00 20.52  ? 112 G   A "O3'" 1 
ATOM   327 C "C2'" . G   A 1 12 ? -15.113 5.508   -3.673  1.00 15.92  ? 112 G   A "C2'" 1 
ATOM   328 O "O2'" . G   A 1 12 ? -15.386 6.613   -2.786  1.00 19.89  ? 112 G   A "O2'" 1 
ATOM   329 C "C1'" . G   A 1 12 ? -14.010 4.626   -3.110  1.00 15.84  ? 112 G   A "C1'" 1 
ATOM   330 N N9    . G   A 1 12 ? -13.221 3.927   -4.144  1.00 12.50  ? 112 G   A N9    1 
ATOM   331 C C8    . G   A 1 12 ? -13.324 2.664   -4.637  1.00 13.56  ? 112 G   A C8    1 
ATOM   332 N N7    . G   A 1 12 ? -12.429 2.393   -5.569  1.00 12.50  ? 112 G   A N7    1 
ATOM   333 C C5    . G   A 1 12 ? -11.690 3.571   -5.686  1.00 11.46  ? 112 G   A C5    1 
ATOM   334 C C6    . G   A 1 12 ? -10.592 3.924   -6.511  1.00 11.22  ? 112 G   A C6    1 
ATOM   335 O O6    . G   A 1 12 ? -10.026 3.225   -7.346  1.00 10.77  ? 112 G   A O6    1 
ATOM   336 N N1    . G   A 1 12 ? -10.156 5.224   -6.306  1.00 11.66  ? 112 G   A N1    1 
ATOM   337 C C2    . G   A 1 12 ? -10.720 6.090   -5.395  1.00 11.42  ? 112 G   A C2    1 
ATOM   338 N N2    . G   A 1 12 ? -10.158 7.307   -5.339  1.00 12.55  ? 112 G   A N2    1 
ATOM   339 N N3    . G   A 1 12 ? -11.744 5.776   -4.617  1.00 12.36  ? 112 G   A N3    1 
ATOM   340 C C4    . G   A 1 12 ? -12.170 4.525   -4.812  1.00 11.04  ? 112 G   A C4    1 
HETATM 341 O O     . HOH B 2 .  ? -2.338  -10.699 -7.395  0.50 24.18  ? 201 HOH A O     1 
HETATM 342 O O     . HOH B 2 .  ? -19.198 -0.282  -0.902  1.00 38.40  ? 202 HOH A O     1 
HETATM 343 O O     . HOH B 2 .  ? -2.272  0.570   -3.575  1.00 37.54  ? 203 HOH A O     1 
HETATM 344 O O     . HOH B 2 .  ? -4.908  -0.286  -4.902  1.00 34.56  ? 204 HOH A O     1 
HETATM 345 O O     . HOH B 2 .  ? -19.168 3.951   -5.044  1.00 25.76  ? 205 HOH A O     1 
HETATM 346 O O     . HOH B 2 .  ? 8.245   8.394   12.539  1.00 36.22  ? 206 HOH A O     1 
HETATM 347 O O     . HOH B 2 .  ? -3.261  -2.455  -5.595  1.00 28.91  ? 207 HOH A O     1 
HETATM 348 O O     . HOH B 2 .  ? 2.494   1.518   1.202   1.00 33.33  ? 208 HOH A O     1 
HETATM 349 O O     . HOH B 2 .  ? 10.433  2.189   -2.128  1.00 31.72  ? 209 HOH A O     1 
HETATM 350 O O     . HOH B 2 .  ? -20.348 1.699   -3.542  1.00 24.56  ? 210 HOH A O     1 
HETATM 351 O O     . HOH B 2 .  ? -12.152 2.862   0.669   1.00 40.80  ? 211 HOH A O     1 
HETATM 352 O O     . HOH B 2 .  ? 9.913   8.874   0.136   1.00 25.61  ? 212 HOH A O     1 
HETATM 353 O O     . HOH B 2 .  ? -7.196  -7.791  0.040   1.00 27.91  ? 213 HOH A O     1 
HETATM 354 O O     . HOH B 2 .  ? 2.381   2.415   -5.091  1.00 27.34  ? 214 HOH A O     1 
HETATM 355 O O     . HOH B 2 .  ? -17.429 7.921   -3.755  1.00 39.39  ? 215 HOH A O     1 
HETATM 356 O O     . HOH B 2 .  ? -10.973 -3.694  1.402   1.00 28.20  ? 216 HOH A O     1 
HETATM 357 O O     . HOH B 2 .  ? -10.169 0.916   -8.606  1.00 20.76  ? 217 HOH A O     1 
HETATM 358 O O     . HOH B 2 .  ? 8.796   -0.942  10.172  1.00 24.71  ? 218 HOH A O     1 
HETATM 359 O O     . HOH B 2 .  ? 2.717   5.117   7.487   1.00 24.08  ? 219 HOH A O     1 
HETATM 360 O O     . HOH B 2 .  ? 4.404   3.562   6.059   1.00 20.40  ? 220 HOH A O     1 
HETATM 361 O O     . HOH B 2 .  ? -15.091 -7.649  -2.715  1.00 40.79  ? 221 HOH A O     1 
HETATM 362 O O     . HOH B 2 .  ? -14.198 5.811   -0.504  1.00 56.50  ? 222 HOH A O     1 
HETATM 363 O O     . HOH B 2 .  ? -12.780 0.379   -7.357  1.00 18.24  ? 223 HOH A O     1 
HETATM 364 O O     . HOH B 2 .  ? 5.855   0.821   5.688   1.00 23.13  ? 224 HOH A O     1 
HETATM 365 O O     . HOH B 2 .  ? 9.130   6.322   -5.590  1.00 37.38  ? 225 HOH A O     1 
HETATM 366 O O     . HOH B 2 .  ? -10.856 -3.698  -6.584  1.00 20.16  ? 226 HOH A O     1 
HETATM 367 O O     . HOH B 2 .  ? 3.658   2.664   10.252  1.00 22.85  ? 227 HOH A O     1 
HETATM 368 O O     . HOH B 2 .  ? 7.174   4.014   17.599  1.00 19.18  ? 228 HOH A O     1 
HETATM 369 O O     . HOH B 2 .  ? 5.625   -4.513  14.691  1.00 29.33  ? 229 HOH A O     1 
HETATM 370 O O     . HOH B 2 .  ? -14.106 -1.761  -5.980  1.00 27.35  ? 230 HOH A O     1 
HETATM 371 O O     . HOH B 2 .  ? -13.816 -7.114  -0.897  1.00 27.43  ? 231 HOH A O     1 
HETATM 372 O O     . HOH B 2 .  ? -6.666  -2.152  -6.473  1.00 20.99  ? 232 HOH A O     1 
HETATM 373 O O     . HOH B 2 .  ? -11.359 -1.183  2.011   1.00 26.62  ? 233 HOH A O     1 
HETATM 374 O O     . HOH B 2 .  ? 12.365  -2.869  13.475  0.50 144.09 ? 234 HOH A O     1 
HETATM 375 O O     . HOH B 2 .  ? 8.784   10.946  9.079   1.00 28.32  ? 235 HOH A O     1 
HETATM 376 O O     . HOH B 2 .  ? -17.375 -0.243  0.486   1.00 31.02  ? 236 HOH A O     1 
HETATM 377 O O     . HOH B 2 .  ? 5.611   -0.091  11.981  0.60 18.38  ? 237 HOH A O     1 
HETATM 378 O O     . HOH B 2 .  ? 2.151   3.106   18.190  1.00 27.83  ? 238 HOH A O     1 
HETATM 379 O O     . HOH B 2 .  ? 10.364  8.881   10.438  1.00 30.15  ? 239 HOH A O     1 
HETATM 380 O O     . HOH B 2 .  ? 6.277   11.489  -0.327  1.00 27.07  ? 240 HOH A O     1 
HETATM 381 O O     . HOH B 2 .  ? 11.553  6.516   -0.155  1.00 23.46  ? 241 HOH A O     1 
HETATM 382 O O     . HOH B 2 .  ? 3.248   3.955   1.835   1.00 41.34  ? 242 HOH A O     1 
HETATM 383 O O     . HOH B 2 .  ? 5.681   0.193   9.133   1.00 25.14  ? 243 HOH A O     1 
HETATM 384 O O     . HOH B 2 .  ? -9.261  -1.523  -7.486  1.00 25.19  ? 244 HOH A O     1 
HETATM 385 O O     . HOH B 2 .  ? 3.552   1.423   3.596   1.00 26.55  ? 245 HOH A O     1 
HETATM 386 O O     . HOH B 2 .  ? 6.644   6.575   16.762  1.00 38.74  ? 246 HOH A O     1 
HETATM 387 O O     . HOH B 2 .  ? 2.518   5.453   4.009   1.00 25.20  ? 247 HOH A O     1 
HETATM 388 O O     . HOH B 2 .  ? 10.399  -3.882  12.437  1.00 28.71  ? 248 HOH A O     1 
HETATM 389 O O     . HOH B 2 .  ? 6.738   -0.787  11.188  0.40 15.84  ? 249 HOH A O     1 
HETATM 390 O O     . HOH B 2 .  ? 4.512   12.013  8.226   0.50 22.47  ? 250 HOH A O     1 
HETATM 391 O O     . HOH B 2 .  ? 2.717   11.695  8.601   0.50 25.38  ? 251 HOH A O     1 
HETATM 392 O O     . HOH B 2 .  ? 13.510  3.232   0.383   1.00 19.55  ? 252 HOH A O     1 
HETATM 393 O O     . HOH B 2 .  ? 3.095   8.546   14.809  1.00 41.34  ? 253 HOH A O     1 
HETATM 394 O O     . HOH B 2 .  ? -10.002 -0.203  3.910   1.00 28.10  ? 254 HOH A O     1 
HETATM 395 O O     . HOH B 2 .  ? -6.954  0.259   -7.981  1.00 46.82  ? 255 HOH A O     1 
HETATM 396 O O     . HOH B 2 .  ? 5.777   -3.087  12.331  1.00 42.92  ? 256 HOH A O     1 
HETATM 397 O O     . HOH B 2 .  ? 8.614   6.883   15.529  1.00 36.49  ? 257 HOH A O     1 
HETATM 398 O O     . HOH B 2 .  ? 3.923   1.266   8.132   1.00 31.62  ? 258 HOH A O     1 
HETATM 399 O O     . HOH B 2 .  ? 9.217   9.141   -2.642  1.00 51.65  ? 259 HOH A O     1 
HETATM 400 O O     . HOH B 2 .  ? -4.628  -1.224  -6.967  0.50 17.89  ? 260 HOH A O     1 
HETATM 401 O O     . HOH B 2 .  ? 7.004   3.748   20.353  1.00 34.13  ? 261 HOH A O     1 
HETATM 402 O O     . HOH B 2 .  ? 3.670   1.429   5.857   1.00 19.24  ? 262 HOH A O     1 
HETATM 403 O O     . HOH B 2 .  ? 3.314   -0.936  5.654   1.00 24.32  ? 263 HOH A O     1 
HETATM 404 O O     . HOH B 2 .  ? 0.480   3.792   4.877   1.00 48.12  ? 264 HOH A O     1 
HETATM 405 O O     . HOH B 2 .  ? 1.584   2.156   6.433   1.00 32.16  ? 265 HOH A O     1 
HETATM 406 O O     . HOH B 2 .  ? -9.251  3.069   4.603   1.00 152.45 ? 266 HOH A O     1 
HETATM 407 O O     . HOH B 2 .  ? 14.766  7.268   -0.504  1.00 43.62  ? 267 HOH A O     1 
# 
loop_
_atom_site_anisotrop.id 
_atom_site_anisotrop.type_symbol 
_atom_site_anisotrop.pdbx_label_atom_id 
_atom_site_anisotrop.pdbx_label_alt_id 
_atom_site_anisotrop.pdbx_label_comp_id 
_atom_site_anisotrop.pdbx_label_asym_id 
_atom_site_anisotrop.pdbx_label_seq_id 
_atom_site_anisotrop.pdbx_PDB_ins_code 
_atom_site_anisotrop.U[1][1] 
_atom_site_anisotrop.U[2][2] 
_atom_site_anisotrop.U[3][3] 
_atom_site_anisotrop.U[1][2] 
_atom_site_anisotrop.U[1][3] 
_atom_site_anisotrop.U[2][3] 
_atom_site_anisotrop.pdbx_auth_seq_id 
_atom_site_anisotrop.pdbx_auth_comp_id 
_atom_site_anisotrop.pdbx_auth_asym_id 
_atom_site_anisotrop.pdbx_auth_atom_id 
1   O "O5'" A C   A 1  ? 0.1329 0.2143 0.2455 -0.0051 0.0331  0.0005  101 C   A "O5'" 
2   O "O5'" B C   A 1  ? 0.2924 0.2471 0.3106 -0.0311 -0.0255 0.0479  101 C   A "O5'" 
3   C "C5'" . C   A 1  ? 0.1995 0.2345 0.2068 -0.0153 0.0234  -0.0131 101 C   A "C5'" 
4   C "C4'" . C   A 1  ? 0.1698 0.2240 0.1944 0.0047  -0.0082 0.0067  101 C   A "C4'" 
5   O "O4'" . C   A 1  ? 0.1658 0.1948 0.1887 0.0197  0.0173  0.0144  101 C   A "O4'" 
6   C "C3'" . C   A 1  ? 0.1615 0.2153 0.1993 0.0276  0.0060  0.0018  101 C   A "C3'" 
7   O "O3'" . C   A 1  ? 0.1845 0.2269 0.2065 0.0597  0.0223  -0.0042 101 C   A "O3'" 
8   C "C2'" . C   A 1  ? 0.2057 0.1687 0.1921 0.0324  0.0032  -0.0087 101 C   A "C2'" 
9   O "O2'" . C   A 1  ? 0.1883 0.2099 0.1789 0.0394  0.0185  0.0064  101 C   A "O2'" 
10  C "C1'" . C   A 1  ? 0.1725 0.1828 0.1553 0.0131  0.0074  -0.0054 101 C   A "C1'" 
11  N N1    . C   A 1  ? 0.1621 0.1786 0.1576 0.0081  0.0078  -0.0012 101 C   A N1    
12  C C2    . C   A 1  ? 0.1704 0.1567 0.1338 0.0115  -0.0038 0.0034  101 C   A C2    
13  O O2    . C   A 1  ? 0.1832 0.1754 0.1355 0.0056  0.0049  -0.0194 101 C   A O2    
14  N N3    . C   A 1  ? 0.1482 0.1394 0.1603 0.0160  -0.0017 0.0109  101 C   A N3    
15  C C4    . C   A 1  ? 0.1314 0.1376 0.1267 0.0044  -0.0166 0.0137  101 C   A C4    
16  N N4    . C   A 1  ? 0.1341 0.1594 0.1501 0.0121  -0.0072 0.0120  101 C   A N4    
17  C C5    . C   A 1  ? 0.1295 0.1560 0.1476 0.0063  -0.0060 0.0181  101 C   A C5    
18  C C6    . C   A 1  ? 0.1409 0.1596 0.1674 0.0170  0.0044  0.0174  101 C   A C6    
19  P P     . G   A 2  ? 0.1841 0.2704 0.2214 0.0512  -0.0059 0.0006  102 G   A P     
20  O OP1   . G   A 2  ? 0.1791 0.3462 0.3104 0.0707  -0.0072 0.0487  102 G   A OP1   
21  O OP2   . G   A 2  ? 0.2187 0.2979 0.2118 0.0198  -0.0171 -0.0296 102 G   A OP2   
22  O "O5'" . G   A 2  ? 0.1999 0.2432 0.1985 0.0671  -0.0018 0.0111  102 G   A "O5'" 
23  C "C5'" . G   A 2  ? 0.1796 0.2447 0.2251 0.0854  0.0053  0.0082  102 G   A "C5'" 
24  C "C4'" . G   A 2  ? 0.1999 0.2465 0.1748 0.0672  -0.0013 -0.0037 102 G   A "C4'" 
25  O "O4'" . G   A 2  ? 0.1903 0.2499 0.1670 0.0507  -0.0002 -0.0104 102 G   A "O4'" 
26  C "C3'" . G   A 2  ? 0.2241 0.2140 0.1683 0.0838  -0.0005 -0.0270 102 G   A "C3'" 
27  O "O3'" . G   A 2  ? 0.2508 0.2522 0.2017 0.1130  0.0045  0.0049  102 G   A "O3'" 
28  C "C2'" . G   A 2  ? 0.2425 0.2036 0.1945 0.0759  0.0152  -0.0005 102 G   A "C2'" 
29  O "O2'" . G   A 2  ? 0.2882 0.2123 0.2166 0.0557  0.0131  -0.0136 102 G   A "O2'" 
30  C "C1'" . G   A 2  ? 0.2098 0.2166 0.1657 0.0504  0.0094  -0.0021 102 G   A "C1'" 
31  N N9    . G   A 2  ? 0.1854 0.2016 0.1661 0.0499  0.0027  0.0168  102 G   A N9    
32  C C8    . G   A 2  ? 0.1722 0.2095 0.1890 0.0286  -0.0008 0.0047  102 G   A C8    
33  N N7    . G   A 2  ? 0.1891 0.1959 0.1758 0.0263  0.0064  0.0122  102 G   A N7    
34  C C5    . G   A 2  ? 0.1794 0.1859 0.1367 0.0210  -0.0133 -0.0052 102 G   A C5    
35  C C6    . G   A 2  ? 0.1895 0.1671 0.1475 0.0090  -0.0038 -0.0155 102 G   A C6    
36  O O6    . G   A 2  ? 0.1710 0.1702 0.1612 0.0003  0.0056  -0.0135 102 G   A O6    
37  N N1    . G   A 2  ? 0.1913 0.1770 0.1557 -0.0038 -0.0129 -0.0121 102 G   A N1    
38  C C2    . G   A 2  ? 0.2035 0.1701 0.1525 0.0000  -0.0102 0.0020  102 G   A C2    
39  N N2    . G   A 2  ? 0.2216 0.1867 0.1550 -0.0209 -0.0094 -0.0058 102 G   A N2    
40  N N3    . G   A 2  ? 0.1988 0.1864 0.1586 0.0190  -0.0129 0.0057  102 G   A N3    
41  C C4    . G   A 2  ? 0.1563 0.1943 0.1619 0.0137  -0.0196 -0.0280 102 G   A C4    
42  P P     . C   A 3  ? 0.2284 0.2418 0.2189 0.0711  -0.0134 0.0241  103 C   A P     
43  O OP1   . C   A 3  ? 0.2056 0.2904 0.2802 0.0778  -0.0173 0.0319  103 C   A OP1   
44  O OP2   . C   A 3  ? 0.2524 0.2469 0.2558 0.0194  -0.0512 0.0437  103 C   A OP2   
45  O "O5'" . C   A 3  ? 0.2406 0.1865 0.2054 0.0684  -0.0037 0.0078  103 C   A "O5'" 
46  C "C5'" . C   A 3  ? 0.2940 0.1808 0.2410 0.0661  0.0018  -0.0115 103 C   A "C5'" 
47  C "C4'" . C   A 3  ? 0.2618 0.1583 0.2247 0.0381  -0.0368 -0.0181 103 C   A "C4'" 
48  O "O4'" . C   A 3  ? 0.2879 0.1702 0.1815 0.0674  -0.0194 -0.0121 103 C   A "O4'" 
49  C "C3'" . C   A 3  ? 0.2894 0.1827 0.2011 0.0502  -0.0352 0.0031  103 C   A "C3'" 
50  O "O3'" . C   A 3  ? 0.3441 0.1843 0.2434 0.0677  -0.0496 0.0109  103 C   A "O3'" 
51  C "C2'" . C   A 3  ? 0.2761 0.1614 0.1789 -0.0116 -0.0461 0.0091  103 C   A "C2'" 
52  O "O2'" . C   A 3  ? 0.3871 0.1470 0.2131 -0.0153 -0.0274 -0.0054 103 C   A "O2'" 
53  C "C1'" . C   A 3  ? 0.2764 0.1523 0.1665 0.0349  -0.0281 -0.0178 103 C   A "C1'" 
54  N N1    . C   A 3  ? 0.2251 0.1496 0.1882 0.0299  -0.0027 -0.0072 103 C   A N1    
55  C C2    . C   A 3  ? 0.1922 0.1461 0.1555 -0.0016 -0.0198 -0.0166 103 C   A C2    
56  O O2    . C   A 3  ? 0.2180 0.1548 0.1819 -0.0049 -0.0134 -0.0081 103 C   A O2    
57  N N3    . C   A 3  ? 0.1539 0.1472 0.1482 0.0155  -0.0017 -0.0026 103 C   A N3    
58  C C4    . C   A 3  ? 0.1649 0.1502 0.0945 0.0035  -0.0123 -0.0080 103 C   A C4    
59  N N4    . C   A 3  ? 0.1936 0.1460 0.1570 0.0112  -0.0131 -0.0052 103 C   A N4    
60  C C5    . C   A 3  ? 0.1603 0.1734 0.1126 0.0154  -0.0124 -0.0094 103 C   A C5    
61  C C6    . C   A 3  ? 0.2090 0.1753 0.1665 0.0545  0.0013  0.0190  103 C   A C6    
62  P P     . G   A 4  ? 0.2183 0.2771 0.2527 0.0814  0.0107  0.0485  104 G   A P     
63  O OP1   . G   A 4  ? 0.3133 0.3094 0.3448 0.1404  0.0407  0.0475  104 G   A OP1   
64  O OP2   . G   A 4  ? 0.2381 0.2880 0.2615 0.0476  0.0249  0.0463  104 G   A OP2   
65  O "O5'" . G   A 4  ? 0.1930 0.2385 0.2381 0.0245  -0.0122 0.0262  104 G   A "O5'" 
66  C "C5'" . G   A 4  ? 0.1918 0.2144 0.2591 0.0501  -0.0134 0.0389  104 G   A "C5'" 
67  C "C4'" . G   A 4  ? 0.1964 0.1746 0.1877 0.0231  -0.0339 0.0127  104 G   A "C4'" 
68  O "O4'" . G   A 4  ? 0.1750 0.1529 0.1901 0.0249  -0.0249 -0.0036 104 G   A "O4'" 
69  C "C3'" . G   A 4  ? 0.1911 0.1688 0.2156 -0.0185 -0.0487 0.0121  104 G   A "C3'" 
70  O "O3'" . G   A 4  ? 0.2390 0.1883 0.1991 -0.0008 -0.0521 0.0101  104 G   A "O3'" 
71  C "C2'" . G   A 4  ? 0.2125 0.1590 0.1709 -0.0025 -0.0165 0.0149  104 G   A "C2'" 
72  O "O2'" . G   A 4  ? 0.2077 0.1625 0.1914 -0.0149 -0.0230 0.0040  104 G   A "O2'" 
73  C "C1'" . G   A 4  ? 0.1781 0.1383 0.1730 0.0027  -0.0139 -0.0102 104 G   A "C1'" 
74  N N9    . G   A 4  ? 0.1737 0.1443 0.1734 0.0182  -0.0097 0.0148  104 G   A N9    
75  C C8    . G   A 4  ? 0.2072 0.1306 0.1914 0.0125  0.0207  -0.0168 104 G   A C8    
76  N N7    . G   A 4  ? 0.1643 0.1211 0.1603 -0.0051 0.0004  -0.0199 104 G   A N7    
77  C C5    . G   A 4  ? 0.1739 0.1237 0.1256 -0.0041 -0.0118 -0.0304 104 G   A C5    
78  C C6    . G   A 4  ? 0.1791 0.1329 0.1110 0.0070  0.0005  -0.0205 104 G   A C6    
79  O O6    . G   A 4  ? 0.1416 0.1372 0.1447 -0.0038 -0.0071 -0.0148 104 G   A O6    
80  N N1    . G   A 4  ? 0.1429 0.1467 0.1471 -0.0022 -0.0096 0.0004  104 G   A N1    
81  C C2    . G   A 4  ? 0.1552 0.1424 0.1737 -0.0086 -0.0031 -0.0056 104 G   A C2    
82  N N2    . G   A 4  ? 0.1642 0.1989 0.2145 -0.0029 0.0300  0.0105  104 G   A N2    
83  N N3    . G   A 4  ? 0.1778 0.1408 0.1419 0.0003  -0.0133 -0.0094 104 G   A N3    
84  C C4    . G   A 4  ? 0.1399 0.1379 0.1393 -0.0086 -0.0326 -0.0073 104 G   A C4    
85  P P     . A   A 5  ? 0.2515 0.2540 0.2115 -0.0488 -0.0536 -0.0020 105 A   A P     
86  O OP1   . A   A 5  ? 0.2805 0.3291 0.2372 -0.0443 -0.0842 0.0166  105 A   A OP1   
87  O OP2   . A   A 5  ? 0.2728 0.2813 0.2590 -0.0668 -0.0041 -0.0239 105 A   A OP2   
88  O "O5'" . A   A 5  ? 0.2604 0.2467 0.1889 -0.0740 -0.0340 -0.0261 105 A   A "O5'" 
89  C "C5'" . A   A 5  ? 0.3152 0.2243 0.2542 -0.0317 0.0140  0.0505  105 A   A "C5'" 
90  C "C4'" . A   A 5  ? 0.2651 0.2217 0.2076 -0.0593 -0.0192 0.0193  105 A   A "C4'" 
91  O "O4'" . A   A 5  ? 0.3023 0.1835 0.2053 -0.0594 -0.0391 -0.0101 105 A   A "O4'" 
92  C "C3'" . A   A 5  ? 0.2111 0.2576 0.2334 -0.0559 -0.0412 0.0052  105 A   A "C3'" 
93  O "O3'" . A   A 5  ? 0.2405 0.3413 0.2359 -0.0415 -0.0508 -0.0114 105 A   A "O3'" 
94  C "C2'" . A   A 5  ? 0.2468 0.2722 0.1600 -0.0218 -0.0042 -0.0392 105 A   A "C2'" 
95  O "O2'" . A   A 5  ? 0.2750 0.3310 0.1982 -0.0335 0.0210  -0.0453 105 A   A "O2'" 
96  C "C1'" . A   A 5  ? 0.2163 0.1990 0.1785 -0.0550 -0.0191 -0.0222 105 A   A "C1'" 
97  N N9    . A   A 5  ? 0.1930 0.1820 0.1687 -0.0308 -0.0222 -0.0131 105 A   A N9    
98  C C8    . A   A 5  ? 0.2195 0.1651 0.1908 -0.0220 -0.0053 -0.0227 105 A   A C8    
99  N N7    . A   A 5  ? 0.2022 0.1819 0.1685 -0.0013 -0.0040 -0.0221 105 A   A N7    
100 C C5    . A   A 5  ? 0.1592 0.1547 0.1402 -0.0418 -0.0322 -0.0430 105 A   A C5    
101 C C6    . A   A 5  ? 0.1325 0.1704 0.1692 -0.0231 -0.0250 -0.0241 105 A   A C6    
102 N N6    . A   A 5  ? 0.1692 0.1466 0.2229 -0.0215 0.0179  -0.0260 105 A   A N6    
103 N N1    . A   A 5  ? 0.1794 0.1760 0.2113 -0.0156 0.0078  -0.0353 105 A   A N1    
104 C C2    . A   A 5  ? 0.1845 0.2012 0.1506 -0.0086 -0.0162 -0.0481 105 A   A C2    
105 N N3    . A   A 5  ? 0.2169 0.2033 0.1749 -0.0317 0.0150  -0.0471 105 A   A N3    
106 C C4    . A   A 5  ? 0.1711 0.1776 0.1536 -0.0379 -0.0204 -0.0386 105 A   A C4    
107 P P     A A   A 6  ? 0.2281 0.2379 0.2205 -0.0012 -0.0467 0.0051  106 A   A P     
108 P P     B A   A 6  ? 0.2204 0.1627 0.2006 0.0228  -0.0305 -0.0122 106 A   A P     
109 O OP1   A A   A 6  ? 0.3351 0.3016 0.2159 -0.0446 -0.0502 0.0100  106 A   A OP1   
110 O OP1   B A   A 6  ? 0.3985 0.1903 0.2046 0.0411  -0.0193 -0.0046 106 A   A OP1   
111 O OP2   A A   A 6  ? 0.2263 0.2371 0.2300 0.0063  -0.0388 -0.0183 106 A   A OP2   
112 O OP2   B A   A 6  ? 0.2404 0.1965 0.2573 0.0665  0.0126  -0.0152 106 A   A OP2   
113 O "O5'" A A   A 6  ? 0.3623 0.2966 0.2715 0.0834  0.0803  0.0298  106 A   A "O5'" 
114 O "O5'" B A   A 6  ? 0.2245 0.1729 0.2342 0.0031  0.0317  -0.0265 106 A   A "O5'" 
115 C "C5'" A A   A 6  ? 0.2523 0.2171 0.2228 -0.0408 0.0293  0.0070  106 A   A "C5'" 
116 C "C5'" B A   A 6  ? 0.1852 0.1641 0.1935 -0.0112 -0.0039 0.0086  106 A   A "C5'" 
117 C "C4'" A A   A 6  ? 0.1897 0.2148 0.1995 -0.0429 -0.0108 -0.0137 106 A   A "C4'" 
118 C "C4'" B A   A 6  ? 0.1571 0.1782 0.1611 -0.0107 -0.0147 -0.0160 106 A   A "C4'" 
119 O "O4'" A A   A 6  ? 0.2146 0.2134 0.1734 -0.0453 0.0088  -0.0333 106 A   A "O4'" 
120 O "O4'" B A   A 6  ? 0.1237 0.1789 0.1565 -0.0003 -0.0031 -0.0170 106 A   A "O4'" 
121 C "C3'" A A   A 6  ? 0.1599 0.2173 0.1589 -0.0356 0.0411  -0.0385 106 A   A "C3'" 
122 C "C3'" B A   A 6  ? 0.1566 0.1815 0.1229 -0.0130 0.0177  -0.0452 106 A   A "C3'" 
123 O "O3'" A A   A 6  ? 0.2409 0.2104 0.1718 -0.0439 0.0048  -0.0344 106 A   A "O3'" 
124 O "O3'" B A   A 6  ? 0.1562 0.2058 0.1193 0.0016  0.0252  -0.0590 106 A   A "O3'" 
125 C "C2'" A A   A 6  ? 0.1974 0.2038 0.1399 -0.0344 0.0496  -0.0462 106 A   A "C2'" 
126 C "C2'" B A   A 6  ? 0.1937 0.1775 0.1747 -0.0153 0.0005  -0.0239 106 A   A "C2'" 
127 O "O2'" A A   A 6  ? 0.1760 0.2329 0.1817 -0.0207 0.0306  -0.0533 106 A   A "O2'" 
128 O "O2'" B A   A 6  ? 0.2593 0.2294 0.3027 0.0482  0.0395  -0.0869 106 A   A "O2'" 
129 C "C1'" A A   A 6  ? 0.2235 0.2119 0.1639 -0.0489 0.0159  -0.0399 106 A   A "C1'" 
130 C "C1'" B A   A 6  ? 0.2136 0.1869 0.2090 -0.0468 -0.0467 0.0100  106 A   A "C1'" 
131 N N9    A A   A 6  ? 0.2156 0.2303 0.1161 -0.0513 -0.0085 -0.0549 106 A   A N9    
132 N N9    B A   A 6  ? 0.3375 0.1921 0.1765 -0.1131 -0.0267 -0.0414 106 A   A N9    
133 C C8    A A   A 6  ? 0.3319 0.2560 0.1975 0.0040  0.0815  -0.0067 106 A   A C8    
134 C C8    B A   A 6  ? 0.1766 0.2692 0.1776 -0.0878 -0.0755 0.0034  106 A   A C8    
135 N N7    A A   A 6  ? 0.1909 0.2101 0.1402 -0.0684 -0.0037 -0.0587 106 A   A N7    
136 N N7    B A   A 6  ? 0.2750 0.2458 0.1222 -0.0971 -0.0875 -0.0232 106 A   A N7    
137 C C5    A A   A 6  ? 0.1628 0.2094 0.0992 -0.0723 -0.0386 -0.0703 106 A   A C5    
138 C C5    B A   A 6  ? 0.2817 0.2267 0.1659 -0.1228 -0.0637 -0.0346 106 A   A C5    
139 C C6    A A   A 6  ? 0.1160 0.2028 0.1587 -0.0901 -0.0365 -0.0511 106 A   A C6    
140 C C6    B A   A 6  ? 0.1672 0.2584 0.1564 -0.0894 -0.0700 -0.0051 106 A   A C6    
141 N N6    A A   A 6  ? 0.1220 0.2241 0.1292 -0.0641 -0.0409 -0.0304 106 A   A N6    
142 N N6    B A   A 6  ? 0.4792 0.3340 0.3225 0.0184  0.1630  0.0536  106 A   A N6    
143 N N1    A A   A 6  ? 0.1759 0.2216 0.1868 -0.0562 -0.0102 -0.0365 106 A   A N1    
144 N N1    B A   A 6  ? 0.2571 0.2760 0.2161 -0.0636 0.0017  -0.0007 106 A   A N1    
145 C C2    A A   A 6  ? 0.1775 0.2122 0.1803 -0.0652 -0.0167 -0.0527 106 A   A C2    
146 C C2    B A   A 6  ? 0.5355 0.2584 0.3008 -0.0009 0.1627  0.0449  106 A   A C2    
147 N N3    A A   A 6  ? 0.1420 0.2256 0.1738 -0.0523 -0.0302 -0.0442 106 A   A N3    
148 N N3    B A   A 6  ? 0.4683 0.2890 0.2626 0.0182  0.0585  0.0673  106 A   A N3    
149 C C4    A A   A 6  ? 0.1720 0.2656 0.2101 -0.0118 0.0219  0.0022  106 A   A C4    
150 C C4    B A   A 6  ? 0.3530 0.2184 0.1777 -0.0960 -0.0215 -0.0139 106 A   A C4    
151 P P     A U   A 7  ? 0.2319 0.2438 0.1647 -0.0225 -0.0026 -0.0418 107 U   A P     
152 P P     B U   A 7  ? 0.1527 0.2022 0.1409 0.0109  0.0069  -0.0359 107 U   A P     
153 O OP1   A U   A 7  ? 0.3284 0.2723 0.1555 -0.0013 -0.0394 -0.0290 107 U   A OP1   
154 O OP1   B U   A 7  ? 0.2439 0.2575 0.1421 -0.0342 -0.0244 -0.0342 107 U   A OP1   
155 O OP2   A U   A 7  ? 0.2531 0.2489 0.2564 -0.0021 -0.0248 -0.0737 107 U   A OP2   
156 O OP2   B U   A 7  ? 0.1633 0.2111 0.1805 0.0696  0.0149  0.0040  107 U   A OP2   
157 O "O5'" A U   A 7  ? 0.1905 0.2336 0.1693 -0.0371 0.0038  -0.0540 107 U   A "O5'" 
158 O "O5'" B U   A 7  ? 0.1356 0.2049 0.1697 0.0081  0.0223  -0.0429 107 U   A "O5'" 
159 C "C5'" A U   A 7  ? 0.2044 0.2676 0.2408 0.0079  0.0333  -0.0023 107 U   A "C5'" 
160 C "C5'" B U   A 7  ? 0.1261 0.2024 0.1585 0.0100  -0.0121 -0.0489 107 U   A "C5'" 
161 C "C4'" A U   A 7  ? 0.2042 0.2584 0.2143 -0.0127 0.0199  -0.0215 107 U   A "C4'" 
162 C "C4'" B U   A 7  ? 0.1561 0.2101 0.1623 0.0153  0.0081  -0.0415 107 U   A "C4'" 
163 O "O4'" A U   A 7  ? 0.1990 0.2680 0.2208 -0.0265 0.0127  -0.0273 107 U   A "O4'" 
164 O "O4'" B U   A 7  ? 0.1535 0.2606 0.1794 0.0006  -0.0258 -0.0102 107 U   A "O4'" 
165 C "C3'" A U   A 7  ? 0.2001 0.2591 0.1955 -0.0111 0.0254  -0.0510 107 U   A "C3'" 
166 C "C3'" B U   A 7  ? 0.1687 0.1959 0.1487 -0.0011 -0.0171 -0.0211 107 U   A "C3'" 
167 O "O3'" A U   A 7  ? 0.3433 0.3581 0.2346 -0.1036 -0.0143 -0.0701 107 U   A "O3'" 
168 O "O3'" B U   A 7  ? 0.1416 0.1932 0.1424 0.0084  0.0404  -0.0502 107 U   A "O3'" 
169 C "C2'" A U   A 7  ? 0.1567 0.2647 0.2380 0.0013  0.0051  -0.0083 107 U   A "C2'" 
170 C "C2'" B U   A 7  ? 0.1790 0.1918 0.1713 0.0106  -0.0163 -0.0072 107 U   A "C2'" 
171 O "O2'" A U   A 7  ? 0.3303 0.2826 0.2713 0.0532  0.0421  -0.0321 107 U   A "O2'" 
172 O "O2'" B U   A 7  ? 0.1038 0.2188 0.1966 0.0199  -0.0130 -0.0012 107 U   A "O2'" 
173 C "C1'" A U   A 7  ? 0.2019 0.2865 0.2063 -0.0119 0.0053  -0.0109 107 U   A "C1'" 
174 C "C1'" B U   A 7  ? 0.1419 0.2030 0.1808 0.0401  -0.0308 0.0094  107 U   A "C1'" 
175 N N1    A U   A 7  ? 0.1554 0.3004 0.2296 -0.0116 -0.0161 -0.0263 107 U   A N1    
176 N N1    B U   A 7  ? 0.1363 0.2252 0.2167 -0.0242 -0.0146 -0.0386 107 U   A N1    
177 C C2    A U   A 7  ? 0.3456 0.3164 0.3237 0.0811  0.1159  0.0184  107 U   A C2    
178 C C2    B U   A 7  ? 0.0844 0.2945 0.1990 0.0465  -0.0233 -0.0034 107 U   A C2    
179 O O2    A U   A 7  ? 0.2110 0.2574 0.2071 -0.0134 0.0171  -0.0662 107 U   A O2    
180 O O2    B U   A 7  ? 0.1476 0.3157 0.2057 0.1152  0.0413  0.0433  107 U   A O2    
181 N N3    A U   A 7  ? 0.0939 0.2436 0.2744 -0.0438 -0.0103 -0.0343 107 U   A N3    
182 N N3    B U   A 7  ? 0.2647 0.3016 0.2763 0.0213  0.0718  -0.0388 107 U   A N3    
183 C C4    A U   A 7  ? 0.1727 0.2711 0.2377 -0.0239 -0.0051 -0.0141 107 U   A C4    
184 C C4    B U   A 7  ? 0.1735 0.2893 0.1949 -0.0125 0.0190  -0.0373 107 U   A C4    
185 O O4    A U   A 7  ? 0.1785 0.2329 0.2261 -0.0299 0.0254  0.0290  107 U   A O4    
186 O O4    B U   A 7  ? 0.1013 0.1983 0.1180 -0.0819 -0.0357 0.0034  107 U   A O4    
187 C C5    A U   A 7  ? 0.2901 0.2532 0.2351 -0.0584 0.0287  -0.0702 107 U   A C5    
188 C C5    B U   A 7  ? 0.0949 0.2977 0.1435 -0.0417 0.0038  -0.0839 107 U   A C5    
189 C C6    A U   A 7  ? 0.2767 0.2360 0.2746 -0.0718 0.0370  -0.0668 107 U   A C6    
190 C C6    B U   A 7  ? 0.0967 0.2392 0.1816 0.0035  -0.0049 -0.0607 107 U   A C6    
191 P P     A U   A 8  ? 0.3453 0.3834 0.2117 -0.1152 -0.0296 -0.1010 108 U   A P     
192 P P     B U   A 8  ? 0.1575 0.2037 0.1716 0.0082  -0.0099 -0.0398 108 U   A P     
193 O OP1   A U   A 8  ? 0.5277 0.5848 0.1890 -0.1489 -0.0280 -0.0627 108 U   A OP1   
194 O OP1   B U   A 8  ? 0.3205 0.3227 0.1581 -0.0252 -0.0585 -0.0301 108 U   A OP1   
195 O OP2   A U   A 8  ? 0.3995 0.3241 0.3796 -0.0983 -0.0511 -0.0597 108 U   A OP2   
196 O OP2   B U   A 8  ? 0.1772 0.1770 0.3315 0.0298  -0.0732 -0.0100 108 U   A OP2   
197 O "O5'" A U   A 8  ? 0.2814 0.2679 0.3274 0.0277  0.0350  -0.0307 108 U   A "O5'" 
198 O "O5'" B U   A 8  ? 0.0652 0.1954 0.1896 0.0514  -0.0480 0.0013  108 U   A "O5'" 
199 C "C5'" A U   A 8  ? 0.1649 0.3619 0.3084 0.1232  0.0126  0.0328  108 U   A "C5'" 
200 C "C5'" B U   A 8  ? 0.2061 0.2139 0.2640 0.1215  0.0813  0.0133  108 U   A "C5'" 
201 C "C4'" A U   A 8  ? 0.2689 0.2530 0.2967 -0.0019 0.0273  -0.0601 108 U   A "C4'" 
202 C "C4'" B U   A 8  ? 0.1498 0.2131 0.2336 0.0782  -0.0151 0.0351  108 U   A "C4'" 
203 O "O4'" A U   A 8  ? 0.2509 0.2537 0.3173 0.0081  0.0440  -0.0989 108 U   A "O4'" 
204 O "O4'" B U   A 8  ? 0.1419 0.1688 0.2605 0.0672  -0.0123 0.0162  108 U   A "O4'" 
205 C "C3'" A U   A 8  ? 0.2637 0.1997 0.2588 -0.0216 0.0546  -0.0675 108 U   A "C3'" 
206 C "C3'" B U   A 8  ? 0.1475 0.1565 0.2141 0.0261  0.0048  -0.0207 108 U   A "C3'" 
207 O "O3'" A U   A 8  ? 0.2685 0.2237 0.2300 -0.0382 0.0871  -0.0837 108 U   A "O3'" 
208 O "O3'" B U   A 8  ? 0.1689 0.1813 0.1922 0.0031  0.0113  -0.0177 108 U   A "O3'" 
209 C "C2'" A U   A 8  ? 0.2995 0.2486 0.2537 -0.0983 0.0330  -0.0833 108 U   A "C2'" 
210 C "C2'" B U   A 8  ? 0.1751 0.1666 0.2077 0.0121  -0.0117 -0.0253 108 U   A "C2'" 
211 O "O2'" A U   A 8  ? 0.1673 0.2817 0.2758 -0.0363 -0.0239 -0.0091 108 U   A "O2'" 
212 O "O2'" B U   A 8  ? 0.1982 0.1686 0.1820 0.0335  0.0559  -0.0279 108 U   A "O2'" 
213 C "C1'" A U   A 8  ? 0.2030 0.2014 0.2972 0.0150  0.0101  -0.0533 108 U   A "C1'" 
214 C "C1'" B U   A 8  ? 0.1162 0.1491 0.2419 0.0682  -0.0285 0.0266  108 U   A "C1'" 
215 N N1    A U   A 8  ? 0.1578 0.1872 0.2072 -0.0137 -0.0030 -0.0432 108 U   A N1    
216 N N1    B U   A 8  ? 0.1331 0.1461 0.1976 -0.0046 0.0011  0.0151  108 U   A N1    
217 C C2    A U   A 8  ? 0.1311 0.1908 0.1881 0.0117  -0.0249 -0.0002 108 U   A C2    
218 C C2    B U   A 8  ? 0.2255 0.1726 0.1738 -0.0245 -0.0086 0.0180  108 U   A C2    
219 O O2    A U   A 8  ? 0.1390 0.2003 0.2235 0.0091  -0.0240 0.0131  108 U   A O2    
220 O O2    B U   A 8  ? 0.2167 0.1921 0.1648 -0.0325 -0.0656 0.0458  108 U   A O2    
221 N N3    A U   A 8  ? 0.1303 0.1956 0.1338 -0.0469 -0.0167 -0.0275 108 U   A N3    
222 N N3    B U   A 8  ? 0.1765 0.1820 0.1734 0.0032  0.0261  0.0263  108 U   A N3    
223 C C4    A U   A 8  ? 0.1064 0.1929 0.1375 -0.0062 -0.0163 -0.0108 108 U   A C4    
224 C C4    B U   A 8  ? 0.0719 0.1736 0.1915 0.0560  0.0354  0.0400  108 U   A C4    
225 O O4    A U   A 8  ? 0.2023 0.1937 0.1322 -0.0353 -0.0151 -0.0345 108 U   A O4    
226 O O4    B U   A 8  ? 0.1191 0.1873 0.1574 0.0696  0.0312  0.0360  108 U   A O4    
227 C C5    A U   A 8  ? 0.1392 0.2003 0.1301 -0.0224 -0.0153 -0.0217 108 U   A C5    
228 C C5    B U   A 8  ? 0.1045 0.1464 0.1241 0.0006  -0.0441 0.0085  108 U   A C5    
229 C C6    A U   A 8  ? 0.1409 0.2130 0.1823 -0.0088 0.0039  -0.0367 108 U   A C6    
230 C C6    B U   A 8  ? 0.1553 0.1474 0.1573 0.0312  -0.0299 0.0231  108 U   A C6    
231 F F     A AF2 A 9  ? 0.1104 0.1497 0.1965 0.0175  -0.0063 0.0203  109 AF2 A F     
232 F F     B AF2 A 9  ? 0.2092 0.1595 0.2436 0.0335  0.0334  0.0296  109 AF2 A F     
233 P P     A AF2 A 9  ? 0.3127 0.2797 0.2521 -0.0654 0.0347  -0.0573 109 AF2 A P     
234 P P     B AF2 A 9  ? 0.1737 0.2042 0.2163 -0.0048 -0.0102 -0.0252 109 AF2 A P     
235 N N1    A AF2 A 9  ? 0.1451 0.1538 0.1785 0.0023  0.0495  -0.0130 109 AF2 A N1    
236 N N1    B AF2 A 9  ? 0.0987 0.1338 0.1420 0.0039  0.0025  0.0146  109 AF2 A N1    
237 C C2    A AF2 A 9  ? 0.1309 0.1562 0.1601 -0.0006 0.0217  -0.0106 109 AF2 A C2    
238 C C2    B AF2 A 9  ? 0.1256 0.1468 0.1478 -0.0284 0.0151  -0.0021 109 AF2 A C2    
239 N N3    A AF2 A 9  ? 0.1880 0.1566 0.1329 -0.0058 0.0003  -0.0015 109 AF2 A N3    
240 N N3    B AF2 A 9  ? 0.1207 0.1425 0.1598 -0.0095 0.0042  -0.0052 109 AF2 A N3    
241 C C4    A AF2 A 9  ? 0.1223 0.1097 0.1592 0.0112  0.0075  -0.0093 109 AF2 A C4    
242 C C4    B AF2 A 9  ? 0.1633 0.1266 0.1959 -0.0253 0.0613  -0.0333 109 AF2 A C4    
243 C C5    A AF2 A 9  ? 0.1098 0.1225 0.1371 -0.0056 -0.0145 -0.0170 109 AF2 A C5    
244 C C5    B AF2 A 9  ? 0.1294 0.1286 0.1439 -0.0238 -0.0128 -0.0130 109 AF2 A C5    
245 C C6    A AF2 A 9  ? 0.1381 0.1173 0.1308 0.0105  0.0029  -0.0111 109 AF2 A C6    
246 C C6    B AF2 A 9  ? 0.0817 0.1230 0.1083 -0.0088 -0.0398 0.0067  109 AF2 A C6    
247 N N6    A AF2 A 9  ? 0.1117 0.1240 0.1000 0.0027  -0.0088 -0.0280 109 AF2 A N6    
248 N N6    B AF2 A 9  ? 0.0781 0.1063 0.0824 0.0256  -0.0048 -0.0093 109 AF2 A N6    
249 N N7    A AF2 A 9  ? 0.1432 0.1134 0.1231 -0.0010 -0.0136 -0.0112 109 AF2 A N7    
250 N N7    B AF2 A 9  ? 0.1987 0.1353 0.1468 -0.0069 0.0094  -0.0118 109 AF2 A N7    
251 C C8    A AF2 A 9  ? 0.1850 0.1339 0.1643 -0.0313 0.0238  -0.0316 109 AF2 A C8    
252 C C8    B AF2 A 9  ? 0.1777 0.1462 0.1587 -0.0120 0.0076  -0.0209 109 AF2 A C8    
253 N N9    A AF2 A 9  ? 0.2009 0.1144 0.2079 -0.0165 0.0672  -0.0351 109 AF2 A N9    
254 N N9    B AF2 A 9  ? 0.1922 0.1288 0.2210 -0.0159 0.0904  -0.0430 109 AF2 A N9    
255 C "C1'" A AF2 A 9  ? 0.1624 0.1219 0.1918 -0.0167 0.0314  -0.0300 109 AF2 A "C1'" 
256 C "C1'" B AF2 A 9  ? 0.1681 0.1339 0.1905 -0.0108 0.0402  -0.0434 109 AF2 A "C1'" 
257 O OP2   A AF2 A 9  ? 0.2835 0.3197 0.3044 -0.0499 0.0686  0.0115  109 AF2 A OP2   
258 O OP2   B AF2 A 9  ? 0.1648 0.2104 0.1774 -0.0022 -0.0248 0.0261  109 AF2 A OP2   
259 C "C2'" A AF2 A 9  ? 0.1764 0.1465 0.2019 -0.0007 0.0145  0.0079  109 AF2 A "C2'" 
260 C "C2'" B AF2 A 9  ? 0.1644 0.1382 0.2152 0.0006  0.0378  -0.0080 109 AF2 A "C2'" 
261 O OP1   A AF2 A 9  ? 0.3934 0.3889 0.2550 -0.0866 0.0306  -0.1133 109 AF2 A OP1   
262 O OP1   B AF2 A 9  ? 0.2263 0.2603 0.1842 -0.0388 -0.0098 -0.0196 109 AF2 A OP1   
263 C "C3'" A AF2 A 9  ? 0.1823 0.1320 0.2056 -0.0279 0.0115  -0.0126 109 AF2 A "C3'" 
264 C "C3'" B AF2 A 9  ? 0.1669 0.1354 0.2129 -0.0105 0.0239  -0.0195 109 AF2 A "C3'" 
265 O "O3'" A AF2 A 9  ? 0.1674 0.1344 0.2135 -0.0197 0.0182  -0.0142 109 AF2 A "O3'" 
266 O "O3'" B AF2 A 9  ? 0.1890 0.1222 0.2642 -0.0096 -0.0039 -0.0268 109 AF2 A "O3'" 
267 C "C4'" A AF2 A 9  ? 0.1821 0.1350 0.2143 -0.0242 -0.0147 -0.0414 109 AF2 A "C4'" 
268 C "C4'" B AF2 A 9  ? 0.1901 0.1317 0.1949 0.0017  0.0097  -0.0401 109 AF2 A "C4'" 
269 O "O4'" A AF2 A 9  ? 0.1794 0.1391 0.1896 -0.0105 0.0088  -0.0584 109 AF2 A "O4'" 
270 O "O4'" B AF2 A 9  ? 0.1698 0.1216 0.1598 0.0118  0.0290  -0.0223 109 AF2 A "O4'" 
271 C "C5'" A AF2 A 9  ? 0.2168 0.1440 0.1975 -0.0197 -0.0269 -0.0728 109 AF2 A "C5'" 
272 C "C5'" B AF2 A 9  ? 0.2001 0.1265 0.1771 0.0193  -0.0066 -0.0439 109 AF2 A "C5'" 
273 O "O5'" A AF2 A 9  ? 0.2392 0.1906 0.1948 -0.0331 -0.0270 -0.0066 109 AF2 A "O5'" 
274 O "O5'" B AF2 A 9  ? 0.1426 0.1440 0.1841 0.0065  -0.0359 -0.0133 109 AF2 A "O5'" 
275 P P     . 2SG A 10 ? 0.2007 0.1485 0.2559 0.0143  0.0128  0.0000  110 2SG A P     
276 S SP1   . 2SG A 10 ? 0.2190 0.1992 0.2664 0.0246  -0.0293 0.0071  110 2SG A SP1   
277 S SP2   . 2SG A 10 ? 0.3492 0.1466 0.3266 0.0003  0.0884  0.0088  110 2SG A SP2   
278 O "O5'" . 2SG A 10 ? 0.2056 0.1378 0.2440 0.0270  0.0051  0.0211  110 2SG A "O5'" 
279 C "C5'" . 2SG A 10 ? 0.2388 0.1712 0.2533 -0.0121 0.0314  -0.0083 110 2SG A "C5'" 
280 C "C4'" . 2SG A 10 ? 0.1606 0.1631 0.2393 0.0182  -0.0045 0.0109  110 2SG A "C4'" 
281 C "C3'" . 2SG A 10 ? 0.1586 0.1306 0.2404 -0.0108 -0.0038 0.0364  110 2SG A "C3'" 
282 O "O3'" . 2SG A 10 ? 0.1502 0.1686 0.2780 -0.0012 0.0021  0.0244  110 2SG A "O3'" 
283 C "C2'" . 2SG A 10 ? 0.1342 0.1767 0.2277 0.0272  0.0148  0.0152  110 2SG A "C2'" 
284 O "O2'" . 2SG A 10 ? 0.1606 0.2416 0.2541 0.0290  0.0456  0.0165  110 2SG A "O2'" 
285 C "C1'" . 2SG A 10 ? 0.1369 0.1458 0.2260 0.0284  0.0094  0.0238  110 2SG A "C1'" 
286 O "O4'" . 2SG A 10 ? 0.1392 0.1614 0.2381 0.0167  0.0261  0.0076  110 2SG A "O4'" 
287 N N9    . 2SG A 10 ? 0.1458 0.1584 0.1981 0.0064  0.0077  0.0061  110 2SG A N9    
288 C C4    . 2SG A 10 ? 0.1406 0.1628 0.1643 0.0093  -0.0063 0.0060  110 2SG A C4    
289 C C5    . 2SG A 10 ? 0.1194 0.1425 0.1843 0.0299  0.0131  0.0032  110 2SG A C5    
290 N N7    . 2SG A 10 ? 0.1516 0.1595 0.1866 0.0127  0.0226  -0.0078 110 2SG A N7    
291 C C8    . 2SG A 10 ? 0.1570 0.1339 0.2054 0.0364  0.0161  0.0047  110 2SG A C8    
292 N N3    . 2SG A 10 ? 0.1344 0.1480 0.1825 0.0198  0.0178  0.0223  110 2SG A N3    
293 C C2    . 2SG A 10 ? 0.1043 0.1487 0.1598 0.0235  -0.0038 0.0153  110 2SG A C2    
294 N N2    . 2SG A 10 ? 0.1678 0.1783 0.1618 0.0630  0.0137  0.0131  110 2SG A N2    
295 N N1    . 2SG A 10 ? 0.1242 0.1507 0.1497 0.0175  -0.0042 0.0157  110 2SG A N1    
296 C C6    . 2SG A 10 ? 0.1510 0.1405 0.1607 0.0283  0.0085  0.0120  110 2SG A C6    
297 O O6    . 2SG A 10 ? 0.1638 0.1587 0.1593 0.0051  0.0087  -0.0071 110 2SG A O6    
298 P P     . C   A 11 ? 0.1629 0.1839 0.2706 0.0115  -0.0079 0.0131  111 C   A P     
299 O OP1   . C   A 11 ? 0.1624 0.2620 0.2970 -0.0098 -0.0121 0.0274  111 C   A OP1   
300 O OP2   . C   A 11 ? 0.1841 0.1721 0.2554 0.0230  -0.0024 -0.0011 111 C   A OP2   
301 O "O5'" . C   A 11 ? 0.1895 0.1936 0.2900 0.0269  0.0549  0.0115  111 C   A "O5'" 
302 C "C5'" . C   A 11 ? 0.2877 0.1867 0.2756 0.0081  0.0552  0.0176  111 C   A "C5'" 
303 C "C4'" . C   A 11 ? 0.1874 0.1973 0.2634 0.0263  0.0188  0.0189  111 C   A "C4'" 
304 O "O4'" . C   A 11 ? 0.1691 0.2120 0.2751 0.0393  0.0497  0.0542  111 C   A "O4'" 
305 C "C3'" . C   A 11 ? 0.1592 0.1853 0.2474 0.0322  0.0530  0.0132  111 C   A "C3'" 
306 O "O3'" . C   A 11 ? 0.1687 0.2011 0.2701 0.0445  0.0675  0.0201  111 C   A "O3'" 
307 C "C2'" . C   A 11 ? 0.2022 0.1935 0.1951 0.0472  0.0321  0.0032  111 C   A "C2'" 
308 O "O2'" . C   A 11 ? 0.2200 0.2358 0.2303 0.0522  0.0727  0.0052  111 C   A "O2'" 
309 C "C1'" . C   A 11 ? 0.1674 0.2059 0.2304 0.0292  0.0457  0.0150  111 C   A "C1'" 
310 N N1    . C   A 11 ? 0.1895 0.1900 0.2016 0.0277  0.0333  0.0196  111 C   A N1    
311 C C2    . C   A 11 ? 0.1595 0.2074 0.1666 0.0169  -0.0030 0.0177  111 C   A C2    
312 O O2    . C   A 11 ? 0.1946 0.2044 0.1820 0.0267  0.0098  0.0147  111 C   A O2    
313 N N3    . C   A 11 ? 0.1579 0.1690 0.1649 0.0325  -0.0089 0.0265  111 C   A N3    
314 C C4    . C   A 11 ? 0.1598 0.1706 0.1679 0.0270  -0.0054 0.0190  111 C   A C4    
315 N N4    . C   A 11 ? 0.1745 0.1422 0.1748 0.0302  0.0028  0.0194  111 C   A N4    
316 C C5    . C   A 11 ? 0.1545 0.1705 0.1961 0.0298  0.0137  0.0136  111 C   A C5    
317 C C6    . C   A 11 ? 0.1492 0.1959 0.2026 0.0216  0.0121  0.0135  111 C   A C6    
318 P P     . G   A 12 ? 0.1745 0.2393 0.2839 0.0553  0.0487  0.0077  112 G   A P     
319 O OP1   . G   A 12 ? 0.1704 0.2455 0.3684 0.0484  0.0406  0.0142  112 G   A OP1   
320 O OP2   . G   A 12 ? 0.2371 0.2615 0.2696 0.0316  0.0239  -0.0191 112 G   A OP2   
321 O "O5'" . G   A 12 ? 0.1697 0.2199 0.2198 0.0754  0.0562  0.0291  112 G   A "O5'" 
322 C "C5'" . G   A 12 ? 0.1957 0.2119 0.2289 0.0661  0.0706  0.0338  112 G   A "C5'" 
323 C "C4'" . G   A 12 ? 0.1826 0.2287 0.2061 0.0533  0.0516  0.0301  112 G   A "C4'" 
324 O "O4'" . G   A 12 ? 0.1853 0.2333 0.2011 0.0664  0.0462  0.0198  112 G   A "O4'" 
325 C "C3'" . G   A 12 ? 0.1808 0.1848 0.1955 0.0720  0.0528  0.0119  112 G   A "C3'" 
326 O "O3'" . G   A 12 ? 0.1982 0.2890 0.2927 0.1181  0.0503  0.0362  112 G   A "O3'" 
327 C "C2'" . G   A 12 ? 0.2155 0.1882 0.2011 0.0514  0.0613  -0.0001 112 G   A "C2'" 
328 O "O2'" . G   A 12 ? 0.2825 0.2167 0.2567 0.0497  0.0677  -0.0378 112 G   A "O2'" 
329 C "C1'" . G   A 12 ? 0.1885 0.2208 0.1927 0.0352  0.0448  -0.0049 112 G   A "C1'" 
330 N N9    . G   A 12 ? 0.1438 0.1666 0.1642 0.0143  0.0118  0.0003  112 G   A N9    
331 C C8    . G   A 12 ? 0.1544 0.1667 0.1941 0.0070  0.0249  0.0091  112 G   A C8    
332 N N7    . G   A 12 ? 0.1542 0.1552 0.1654 0.0176  0.0084  0.0042  112 G   A N7    
333 C C5    . G   A 12 ? 0.1429 0.1554 0.1372 0.0160  -0.0022 0.0060  112 G   A C5    
334 C C6    . G   A 12 ? 0.1697 0.1226 0.1341 0.0209  0.0094  0.0001  112 G   A C6    
335 O O6    . G   A 12 ? 0.1561 0.1202 0.1328 0.0038  0.0017  -0.0088 112 G   A O6    
336 N N1    . G   A 12 ? 0.1601 0.1315 0.1513 0.0203  0.0038  -0.0103 112 G   A N1    
337 C C2    . G   A 12 ? 0.1656 0.1264 0.1420 0.0127  0.0101  -0.0071 112 G   A C2    
338 N N2    . G   A 12 ? 0.2029 0.1315 0.1423 -0.0041 -0.0111 -0.0066 112 G   A N2    
339 N N3    . G   A 12 ? 0.1571 0.1603 0.1522 0.0122  0.0085  0.0002  112 G   A N3    
340 C C4    . G   A 12 ? 0.1340 0.1590 0.1265 0.0162  -0.0106 0.0080  112 G   A C4    
341 O O     . HOH B .  ? 0.2921 0.3135 0.3131 0.0740  0.0768  0.0833  201 HOH A O     
342 O O     . HOH B .  ? 0.6067 0.3601 0.4924 0.0450  0.0671  0.0166  202 HOH A O     
343 O O     . HOH B .  ? 0.5756 0.4038 0.4470 -0.0696 0.0107  -0.0929 203 HOH A O     
344 O O     . HOH B .  ? 0.5352 0.2973 0.4806 0.0255  0.1116  0.0028  204 HOH A O     
345 O O     . HOH B .  ? 0.3285 0.3319 0.3184 -0.0074 -0.0280 -0.0274 205 HOH A O     
346 O O     . HOH B .  ? 0.4315 0.5777 0.3671 -0.1486 -0.1126 -0.0055 206 HOH A O     
347 O O     . HOH B .  ? 0.2808 0.3925 0.4251 -0.0166 -0.0230 0.0388  207 HOH A O     
348 O O     . HOH B .  ? 0.4357 0.4556 0.3753 0.0073  -0.0415 -0.0148 208 HOH A O     
349 O O     . HOH B .  ? 0.3517 0.4221 0.4313 0.0652  0.1531  0.0270  209 HOH A O     
350 O O     . HOH B .  ? 0.2128 0.2999 0.4204 0.0406  0.0227  0.0489  210 HOH A O     
351 O O     . HOH B .  ? 0.5822 0.4905 0.4776 -0.0141 0.0943  -0.0783 211 HOH A O     
352 O O     . HOH B .  ? 0.2778 0.3306 0.3646 0.0135  0.0604  0.0066  212 HOH A O     
353 O O     . HOH B .  ? 0.4357 0.2742 0.3505 0.0121  0.0004  -0.0174 213 HOH A O     
354 O O     . HOH B .  ? 0.3703 0.3182 0.3501 -0.0769 -0.0126 -0.0149 214 HOH A O     
355 O O     . HOH B .  ? 0.4379 0.5187 0.5401 0.2381  0.1029  0.1260  215 HOH A O     
356 O O     . HOH B .  ? 0.2895 0.4039 0.3781 0.0168  0.0129  -0.0183 216 HOH A O     
357 O O     . HOH B .  ? 0.3228 0.1932 0.2727 0.0162  0.0008  -0.0540 217 HOH A O     
358 O O     . HOH B .  ? 0.3741 0.2659 0.2988 -0.0231 0.0064  0.0566  218 HOH A O     
359 O O     . HOH B .  ? 0.3078 0.2636 0.3436 0.0724  -0.0108 0.0153  219 HOH A O     
360 O O     . HOH B .  ? 0.2248 0.3024 0.2482 -0.0134 -0.0335 0.0135  220 HOH A O     
361 O O     . HOH B .  ? 0.2724 0.5492 0.7281 0.0883  0.0567  0.0559  221 HOH A O     
362 O O     . HOH B .  ? 0.5583 0.8436 0.7448 -0.0141 -0.0011 0.0384  222 HOH A O     
363 O O     . HOH B .  ? 0.2787 0.2070 0.2072 0.0200  0.0319  -0.0337 223 HOH A O     
364 O O     . HOH B .  ? 0.2751 0.3117 0.2922 -0.0988 -0.0050 -0.0498 224 HOH A O     
365 O O     . HOH B .  ? 0.5244 0.4571 0.4388 -0.0383 -0.0359 -0.0126 225 HOH A O     
366 O O     . HOH B .  ? 0.2661 0.2293 0.2705 -0.0095 0.0187  -0.0106 226 HOH A O     
367 O O     . HOH B .  ? 0.2167 0.3428 0.3085 0.0353  0.0057  0.0218  227 HOH A O     
368 O O     . HOH B .  ? 0.2594 0.2308 0.2385 0.0492  0.0211  0.0000  228 HOH A O     
369 O O     . HOH B .  ? 0.3652 0.3527 0.3966 0.0264  -0.0480 0.0184  229 HOH A O     
370 O O     . HOH B .  ? 0.3836 0.2969 0.3588 -0.0639 -0.0058 -0.0130 230 HOH A O     
371 O O     . HOH B .  ? 0.2923 0.2714 0.4787 0.0008  0.0385  0.0158  231 HOH A O     
372 O O     . HOH B .  ? 0.2727 0.2957 0.2290 -0.0134 0.0269  -0.0075 232 HOH A O     
373 O O     . HOH B .  ? 0.2883 0.3478 0.3752 -0.0101 0.0326  -0.0036 233 HOH A O     
374 O O     . HOH B .  ? 1.4767 2.0421 1.9559 -0.0206 -0.3266 -0.0957 234 HOH A O     
375 O O     . HOH B .  ? 0.4275 0.2921 0.3564 -0.0543 -0.0770 0.0138  235 HOH A O     
376 O O     . HOH B .  ? 0.2719 0.4128 0.4939 0.0349  0.0315  0.0517  236 HOH A O     
377 O O     . HOH B .  ? 0.2735 0.1949 0.2299 -0.0331 0.0061  -0.0019 237 HOH A O     
378 O O     . HOH B .  ? 0.2862 0.3802 0.3910 0.0783  0.0317  -0.0158 238 HOH A O     
379 O O     . HOH B .  ? 0.4710 0.3211 0.3537 -0.0486 -0.1221 -0.0339 239 HOH A O     
380 O O     . HOH B .  ? 0.3214 0.3104 0.3967 0.0693  0.0248  0.0786  240 HOH A O     
381 O O     . HOH B .  ? 0.2385 0.3329 0.3200 0.0267  0.0464  0.0769  241 HOH A O     
382 O O     . HOH B .  ? 0.3892 0.6086 0.5731 0.0309  0.1931  0.0308  242 HOH A O     
383 O O     . HOH B .  ? 0.3190 0.3595 0.2766 -0.0906 -0.0085 -0.0105 243 HOH A O     
384 O O     . HOH B .  ? 0.3966 0.2484 0.3121 0.0837  0.0465  0.0161  244 HOH A O     
385 O O     . HOH B .  ? 0.3410 0.3493 0.3183 0.0548  -0.0220 -0.0157 245 HOH A O     
386 O O     . HOH B .  ? 0.6260 0.4352 0.4108 0.0494  -0.0319 -0.0205 246 HOH A O     
387 O O     . HOH B .  ? 0.2612 0.3520 0.3442 0.0161  0.0042  -0.0198 247 HOH A O     
388 O O     . HOH B .  ? 0.4612 0.2001 0.4294 0.0224  0.0869  -0.0494 248 HOH A O     
389 O O     . HOH B .  ? 0.1788 0.1950 0.2282 0.0301  -0.0229 0.0454  249 HOH A O     
390 O O     . HOH B .  ? 0.3509 0.2218 0.2809 0.0483  0.0183  0.0246  250 HOH A O     
391 O O     . HOH B .  ? 0.3076 0.2947 0.3621 0.0958  0.0080  0.0622  251 HOH A O     
392 O O     . HOH B .  ? 0.2343 0.2567 0.2520 -0.0130 0.0120  0.0057  252 HOH A O     
393 O O     . HOH B .  ? 0.6360 0.4025 0.5322 0.0494  0.0213  -0.0536 253 HOH A O     
394 O O     . HOH B .  ? 0.3266 0.3764 0.3649 0.0118  0.0218  0.0011  254 HOH A O     
395 O O     . HOH B .  ? 0.6463 0.4875 0.6453 0.1521  0.0566  0.0523  255 HOH A O     
396 O O     . HOH B .  ? 0.5234 0.5345 0.5729 -0.0184 0.0658  -0.0122 256 HOH A O     
397 O O     . HOH B .  ? 0.5830 0.3066 0.4967 -0.0702 -0.0102 -0.0523 257 HOH A O     
398 O O     . HOH B .  ? 0.4611 0.3984 0.3419 0.0827  0.1870  0.0414  258 HOH A O     
399 O O     . HOH B .  ? 0.7242 0.6169 0.6214 -0.1361 -0.0758 -0.0414 259 HOH A O     
400 O O     . HOH B .  ? 0.2382 0.2374 0.2043 -0.0319 -0.0005 -0.0739 260 HOH A O     
401 O O     . HOH B .  ? 0.4325 0.4912 0.3729 -0.0172 0.0208  -0.0380 261 HOH A O     
402 O O     . HOH B .  ? 0.1838 0.2441 0.3033 0.0031  0.0195  -0.0082 262 HOH A O     
403 O O     . HOH B .  ? 0.2436 0.3218 0.3585 -0.0272 -0.0153 0.0051  263 HOH A O     
404 O O     . HOH B .  ? 0.7380 0.5745 0.5160 -0.0592 -0.0239 -0.0294 264 HOH A O     
405 O O     . HOH B .  ? 0.3818 0.3543 0.4859 -0.0797 0.0235  -0.0693 265 HOH A O     
406 O O     . HOH B .  ? 1.7854 2.0131 1.9940 0.0033  -0.1274 -0.0277 266 HOH A O     
407 O O     . HOH B .  ? 0.5200 0.5475 0.5898 -0.0243 -0.0149 -0.0827 267 HOH A O     
# 
loop_
_pdbx_poly_seq_scheme.asym_id 
_pdbx_poly_seq_scheme.entity_id 
_pdbx_poly_seq_scheme.seq_id 
_pdbx_poly_seq_scheme.mon_id 
_pdbx_poly_seq_scheme.ndb_seq_num 
_pdbx_poly_seq_scheme.pdb_seq_num 
_pdbx_poly_seq_scheme.auth_seq_num 
_pdbx_poly_seq_scheme.pdb_mon_id 
_pdbx_poly_seq_scheme.auth_mon_id 
_pdbx_poly_seq_scheme.pdb_strand_id 
_pdbx_poly_seq_scheme.pdb_ins_code 
_pdbx_poly_seq_scheme.hetero 
A 1 1  C   1  101 101 C   CYT A . n 
A 1 2  G   2  102 102 G   GUA A . n 
A 1 3  C   3  103 103 C   CYT A . n 
A 1 4  G   4  104 104 G   GUA A . n 
A 1 5  A   5  105 105 A   ADE A . n 
A 1 6  A   6  106 106 A   ADE A . n 
A 1 7  U   7  107 107 U   URI A . n 
A 1 8  U   8  108 108 U   URI A . n 
A 1 9  AF2 9  109 109 AF2 AMF A . n 
A 1 10 2SG 10 110 110 2SG GUS A . n 
A 1 11 C   11 111 111 C   CYT A . n 
A 1 12 G   12 112 112 G   GUA A . n 
# 
loop_
_pdbx_nonpoly_scheme.asym_id 
_pdbx_nonpoly_scheme.entity_id 
_pdbx_nonpoly_scheme.mon_id 
_pdbx_nonpoly_scheme.ndb_seq_num 
_pdbx_nonpoly_scheme.pdb_seq_num 
_pdbx_nonpoly_scheme.auth_seq_num 
_pdbx_nonpoly_scheme.pdb_mon_id 
_pdbx_nonpoly_scheme.auth_mon_id 
_pdbx_nonpoly_scheme.pdb_strand_id 
_pdbx_nonpoly_scheme.pdb_ins_code 
B 2 HOH 1  201 263 HOH HOH A . 
B 2 HOH 2  202 266 HOH HOH A . 
B 2 HOH 3  203 226 HOH HOH A . 
B 2 HOH 4  204 239 HOH HOH A . 
B 2 HOH 5  205 201 HOH HOH A . 
B 2 HOH 6  206 232 HOH HOH A . 
B 2 HOH 7  207 224 HOH HOH A . 
B 2 HOH 8  208 252 HOH HOH A . 
B 2 HOH 9  209 235 HOH HOH A . 
B 2 HOH 10 210 225 HOH HOH A . 
B 2 HOH 11 211 246 HOH HOH A . 
B 2 HOH 12 212 230 HOH HOH A . 
B 2 HOH 13 213 249 HOH HOH A . 
B 2 HOH 14 214 238 HOH HOH A . 
B 2 HOH 15 215 243 HOH HOH A . 
B 2 HOH 16 216 213 HOH HOH A . 
B 2 HOH 17 217 218 HOH HOH A . 
B 2 HOH 18 218 231 HOH HOH A . 
B 2 HOH 19 219 210 HOH HOH A . 
B 2 HOH 20 220 204 HOH HOH A . 
B 2 HOH 21 221 244 HOH HOH A . 
B 2 HOH 22 222 261 HOH HOH A . 
B 2 HOH 23 223 202 HOH HOH A . 
B 2 HOH 24 224 216 HOH HOH A . 
B 2 HOH 25 225 262 HOH HOH A . 
B 2 HOH 26 226 203 HOH HOH A . 
B 2 HOH 27 227 205 HOH HOH A . 
B 2 HOH 28 228 217 HOH HOH A . 
B 2 HOH 29 229 254 HOH HOH A . 
B 2 HOH 30 230 209 HOH HOH A . 
B 2 HOH 31 231 208 HOH HOH A . 
B 2 HOH 32 232 206 HOH HOH A . 
B 2 HOH 33 233 223 HOH HOH A . 
B 2 HOH 34 234 253 HOH HOH A . 
B 2 HOH 35 235 214 HOH HOH A . 
B 2 HOH 36 236 227 HOH HOH A . 
B 2 HOH 37 237 220 HOH HOH A . 
B 2 HOH 38 238 240 HOH HOH A . 
B 2 HOH 39 239 260 HOH HOH A . 
B 2 HOH 40 240 212 HOH HOH A . 
B 2 HOH 41 241 219 HOH HOH A . 
B 2 HOH 42 242 257 HOH HOH A . 
B 2 HOH 43 243 215 HOH HOH A . 
B 2 HOH 44 244 211 HOH HOH A . 
B 2 HOH 45 245 233 HOH HOH A . 
B 2 HOH 46 246 251 HOH HOH A . 
B 2 HOH 47 247 234 HOH HOH A . 
B 2 HOH 48 248 228 HOH HOH A . 
B 2 HOH 49 249 255 HOH HOH A . 
B 2 HOH 50 250 229 HOH HOH A . 
B 2 HOH 51 251 267 HOH HOH A . 
B 2 HOH 52 252 207 HOH HOH A . 
B 2 HOH 53 253 250 HOH HOH A . 
B 2 HOH 54 254 237 HOH HOH A . 
B 2 HOH 55 255 264 HOH HOH A . 
B 2 HOH 56 256 236 HOH HOH A . 
B 2 HOH 57 257 265 HOH HOH A . 
B 2 HOH 58 258 242 HOH HOH A . 
B 2 HOH 59 259 241 HOH HOH A . 
B 2 HOH 60 260 259 HOH HOH A . 
B 2 HOH 61 261 245 HOH HOH A . 
B 2 HOH 62 262 256 HOH HOH A . 
B 2 HOH 63 263 221 HOH HOH A . 
B 2 HOH 64 264 258 HOH HOH A . 
B 2 HOH 65 265 222 HOH HOH A . 
B 2 HOH 66 266 248 HOH HOH A . 
B 2 HOH 67 267 247 HOH HOH A . 
# 
_pdbx_struct_assembly.id                   1 
_pdbx_struct_assembly.details              author_and_software_defined_assembly 
_pdbx_struct_assembly.method_details       PISA 
_pdbx_struct_assembly.oligomeric_details   dimeric 
_pdbx_struct_assembly.oligomeric_count     2 
# 
_pdbx_struct_assembly_gen.assembly_id       1 
_pdbx_struct_assembly_gen.oper_expression   1,2 
_pdbx_struct_assembly_gen.asym_id_list      A,B 
# 
loop_
_pdbx_struct_assembly_prop.biol_id 
_pdbx_struct_assembly_prop.type 
_pdbx_struct_assembly_prop.value 
_pdbx_struct_assembly_prop.details 
1 'ABSA (A^2)' 1190 ? 
1 MORE         -2   ? 
1 'SSA (A^2)'  4510 ? 
# 
loop_
_pdbx_struct_oper_list.id 
_pdbx_struct_oper_list.type 
_pdbx_struct_oper_list.name 
_pdbx_struct_oper_list.symmetry_operation 
_pdbx_struct_oper_list.matrix[1][1] 
_pdbx_struct_oper_list.matrix[1][2] 
_pdbx_struct_oper_list.matrix[1][3] 
_pdbx_struct_oper_list.vector[1] 
_pdbx_struct_oper_list.matrix[2][1] 
_pdbx_struct_oper_list.matrix[2][2] 
_pdbx_struct_oper_list.matrix[2][3] 
_pdbx_struct_oper_list.vector[2] 
_pdbx_struct_oper_list.matrix[3][1] 
_pdbx_struct_oper_list.matrix[3][2] 
_pdbx_struct_oper_list.matrix[3][3] 
_pdbx_struct_oper_list.vector[3] 
1 'identity operation'         1_555 x,y,z     1.0000000000  0.0000000000  0.0000000000  0.0000000000 0.0000000000  1.0000000000 0.0000000000 0.0000000000  0.0000000000  0.0000000000 1.0000000000  0.0000000000 
2 'crystal symmetry operation' 2_556 -x,y,-z+1 -0.8118224494 -0.5183571952 -0.2687938408 4.0907982072 -0.5183571952 0.4278758595 0.7404242480 -0.1559586804 -0.2687938408 0.7404242480 -0.6160534101 3.1646509767 
# 
_pdbx_point_symmetry.entry_id             5DO5 
_pdbx_point_symmetry.Schoenflies_symbol   C 
_pdbx_point_symmetry.circular_symmetry    ? 
_pdbx_point_symmetry.H-M_notation         ? 
# 
_pdbx_struct_special_symmetry.id              1 
_pdbx_struct_special_symmetry.PDB_model_num   1 
_pdbx_struct_special_symmetry.auth_asym_id    A 
_pdbx_struct_special_symmetry.auth_comp_id    HOH 
_pdbx_struct_special_symmetry.auth_seq_id     234 
_pdbx_struct_special_symmetry.PDB_ins_code    ? 
_pdbx_struct_special_symmetry.label_asym_id   B 
_pdbx_struct_special_symmetry.label_comp_id   HOH 
_pdbx_struct_special_symmetry.label_seq_id    . 
# 
loop_
_pdbx_audit_revision_history.ordinal 
_pdbx_audit_revision_history.data_content_type 
_pdbx_audit_revision_history.major_revision 
_pdbx_audit_revision_history.minor_revision 
_pdbx_audit_revision_history.revision_date 
1 'Structure model' 1 0 2016-09-21 
2 'Structure model' 1 1 2016-10-19 
3 'Structure model' 1 2 2017-09-20 
4 'Structure model' 1 3 2019-12-25 
5 'Structure model' 1 4 2023-09-27 
# 
_pdbx_audit_revision_details.ordinal             1 
_pdbx_audit_revision_details.revision_ordinal    1 
_pdbx_audit_revision_details.data_content_type   'Structure model' 
_pdbx_audit_revision_details.provider            repository 
_pdbx_audit_revision_details.type                'Initial release' 
_pdbx_audit_revision_details.description         ? 
_pdbx_audit_revision_details.details             ? 
# 
loop_
_pdbx_audit_revision_group.ordinal 
_pdbx_audit_revision_group.revision_ordinal 
_pdbx_audit_revision_group.data_content_type 
_pdbx_audit_revision_group.group 
1 2 'Structure model' 'Refinement description'     
2 3 'Structure model' 'Author supporting evidence' 
3 3 'Structure model' 'Derived calculations'       
4 4 'Structure model' 'Author supporting evidence' 
5 5 'Structure model' 'Data collection'            
6 5 'Structure model' 'Database references'        
7 5 'Structure model' 'Refinement description'     
# 
loop_
_pdbx_audit_revision_category.ordinal 
_pdbx_audit_revision_category.revision_ordinal 
_pdbx_audit_revision_category.data_content_type 
_pdbx_audit_revision_category.category 
1 3 'Structure model' pdbx_audit_support            
2 3 'Structure model' pdbx_struct_oper_list         
3 4 'Structure model' pdbx_audit_support            
4 5 'Structure model' chem_comp_atom                
5 5 'Structure model' chem_comp_bond                
6 5 'Structure model' database_2                    
7 5 'Structure model' pdbx_initial_refinement_model 
# 
loop_
_pdbx_audit_revision_item.ordinal 
_pdbx_audit_revision_item.revision_ordinal 
_pdbx_audit_revision_item.data_content_type 
_pdbx_audit_revision_item.item 
1 3 'Structure model' '_pdbx_audit_support.funding_organization'  
2 3 'Structure model' '_pdbx_struct_oper_list.symmetry_operation' 
3 4 'Structure model' '_pdbx_audit_support.funding_organization'  
4 5 'Structure model' '_database_2.pdbx_DOI'                      
5 5 'Structure model' '_database_2.pdbx_database_accession'       
# 
loop_
_software.citation_id 
_software.classification 
_software.compiler_name 
_software.compiler_version 
_software.contact_author 
_software.contact_author_email 
_software.date 
_software.description 
_software.dependencies 
_software.hardware 
_software.language 
_software.location 
_software.mods 
_software.name 
_software.os 
_software.os_version 
_software.type 
_software.version 
_software.pdbx_ordinal 
? refinement        ? ? ? ? ? ? ? ? ? ? ? SHELX       ? ? ? .    1 
? 'data extraction' ? ? ? ? ? ? ? ? ? ? ? PDB_EXTRACT ? ? ? 3.15 2 
? 'data reduction'  ? ? ? ? ? ? ? ? ? ? ? HKL-2000    ? ? ? .    3 
? 'data scaling'    ? ? ? ? ? ? ? ? ? ? ? HKL-2000    ? ? ? .    4 
? phasing           ? ? ? ? ? ? ? ? ? ? ? MOLREP      ? ? ? .    5 
# 
loop_
_pdbx_validate_rmsd_bond.id 
_pdbx_validate_rmsd_bond.PDB_model_num 
_pdbx_validate_rmsd_bond.auth_atom_id_1 
_pdbx_validate_rmsd_bond.auth_asym_id_1 
_pdbx_validate_rmsd_bond.auth_comp_id_1 
_pdbx_validate_rmsd_bond.auth_seq_id_1 
_pdbx_validate_rmsd_bond.PDB_ins_code_1 
_pdbx_validate_rmsd_bond.label_alt_id_1 
_pdbx_validate_rmsd_bond.auth_atom_id_2 
_pdbx_validate_rmsd_bond.auth_asym_id_2 
_pdbx_validate_rmsd_bond.auth_comp_id_2 
_pdbx_validate_rmsd_bond.auth_seq_id_2 
_pdbx_validate_rmsd_bond.PDB_ins_code_2 
_pdbx_validate_rmsd_bond.label_alt_id_2 
_pdbx_validate_rmsd_bond.bond_value 
_pdbx_validate_rmsd_bond.bond_target_value 
_pdbx_validate_rmsd_bond.bond_deviation 
_pdbx_validate_rmsd_bond.bond_standard_deviation 
_pdbx_validate_rmsd_bond.linker_flag 
1 1 "C2'" A C 101 ? ? "O2'" A C 101 ? ? 1.518 1.420 0.098  0.010 N 
2 1 "C2'" A G 102 ? ? "O2'" A G 102 ? ? 1.501 1.420 0.081  0.010 N 
3 1 "C2'" A A 106 ? B "O2'" A A 106 ? B 1.282 1.412 -0.130 0.013 N 
4 1 "C2'" A U 107 ? A "O2'" A U 107 ? A 1.523 1.420 0.103  0.010 N 
5 1 "C2'" A U 107 ? B "O2'" A U 107 ? B 1.622 1.420 0.202  0.010 N 
# 
loop_
_pdbx_validate_rmsd_angle.id 
_pdbx_validate_rmsd_angle.PDB_model_num 
_pdbx_validate_rmsd_angle.auth_atom_id_1 
_pdbx_validate_rmsd_angle.auth_asym_id_1 
_pdbx_validate_rmsd_angle.auth_comp_id_1 
_pdbx_validate_rmsd_angle.auth_seq_id_1 
_pdbx_validate_rmsd_angle.PDB_ins_code_1 
_pdbx_validate_rmsd_angle.label_alt_id_1 
_pdbx_validate_rmsd_angle.auth_atom_id_2 
_pdbx_validate_rmsd_angle.auth_asym_id_2 
_pdbx_validate_rmsd_angle.auth_comp_id_2 
_pdbx_validate_rmsd_angle.auth_seq_id_2 
_pdbx_validate_rmsd_angle.PDB_ins_code_2 
_pdbx_validate_rmsd_angle.label_alt_id_2 
_pdbx_validate_rmsd_angle.auth_atom_id_3 
_pdbx_validate_rmsd_angle.auth_asym_id_3 
_pdbx_validate_rmsd_angle.auth_comp_id_3 
_pdbx_validate_rmsd_angle.auth_seq_id_3 
_pdbx_validate_rmsd_angle.PDB_ins_code_3 
_pdbx_validate_rmsd_angle.label_alt_id_3 
_pdbx_validate_rmsd_angle.angle_value 
_pdbx_validate_rmsd_angle.angle_target_value 
_pdbx_validate_rmsd_angle.angle_deviation 
_pdbx_validate_rmsd_angle.angle_standard_deviation 
_pdbx_validate_rmsd_angle.linker_flag 
1  1 "O5'" A G 102 ? ? "C5'" A G 102 ? ? "C4'" A G 102 ? ? 103.27 109.40 -6.13  0.80 N 
2  1 C4    A A 105 ? ? C5    A A 105 ? ? C6    A A 105 ? ? 120.33 117.00 3.33   0.50 N 
3  1 C5    A A 105 ? ? C6    A A 105 ? ? N1    A A 105 ? ? 114.24 117.70 -3.46  0.50 N 
4  1 "C3'" A A 105 ? ? "O3'" A A 105 ? ? P     A A 106 ? B 130.72 119.70 11.02  1.20 Y 
5  1 P     A A 106 ? B "O5'" A A 106 ? B "C5'" A A 106 ? B 109.60 120.90 -11.30 1.60 N 
6  1 C8    A A 106 ? A N9    A A 106 ? A C4    A A 106 ? A 108.56 105.80 2.76   0.40 N 
7  1 N1    A U 107 ? A C2    A U 107 ? A N3    A U 107 ? A 111.20 114.90 -3.70  0.60 N 
8  1 N1    A U 107 ? B C2    A U 107 ? B N3    A U 107 ? B 119.37 114.90 4.47   0.60 N 
9  1 C2    A U 107 ? A N3    A U 107 ? A C4    A U 107 ? A 131.56 127.00 4.56   0.60 N 
10 1 C4    A U 107 ? B C5    A U 107 ? B C6    A U 107 ? B 124.53 119.70 4.83   0.60 N 
11 1 C5    A U 107 ? A C6    A U 107 ? A N1    A U 107 ? A 126.03 122.70 3.33   0.50 N 
12 1 C5    A U 107 ? B C6    A U 107 ? B N1    A U 107 ? B 119.28 122.70 -3.42  0.50 N 
13 1 N1    A U 107 ? A C2    A U 107 ? A O2    A U 107 ? A 116.02 122.80 -6.78  0.70 N 
14 1 N3    A U 107 ? A C2    A U 107 ? A O2    A U 107 ? A 132.78 122.20 10.58  0.70 N 
15 1 N3    A U 107 ? B C4    A U 107 ? B O4    A U 107 ? B 111.02 119.40 -8.38  0.70 N 
16 1 C5    A U 107 ? B C4    A U 107 ? B O4    A U 107 ? B 136.95 125.90 11.05  0.60 N 
17 1 "O5'" A U 108 ? B "C5'" A U 108 ? B "C4'" A U 108 ? B 104.10 109.40 -5.30  0.80 N 
# 
loop_
_chem_comp_atom.comp_id 
_chem_comp_atom.atom_id 
_chem_comp_atom.type_symbol 
_chem_comp_atom.pdbx_aromatic_flag 
_chem_comp_atom.pdbx_stereo_config 
_chem_comp_atom.pdbx_ordinal 
2SG P      P N N 1   
2SG SP1    S N N 2   
2SG SP2    S N N 3   
2SG "O5'"  O N N 4   
2SG "C5'"  C N N 5   
2SG "C4'"  C N R 6   
2SG "C3'"  C N S 7   
2SG "O3'"  O N N 8   
2SG "C2'"  C N R 9   
2SG "O2'"  O N N 10  
2SG "C1'"  C N R 11  
2SG "O4'"  O N N 12  
2SG N9     N Y N 13  
2SG C4     C Y N 14  
2SG C5     C Y N 15  
2SG N7     N Y N 16  
2SG C8     C Y N 17  
2SG N3     N N N 18  
2SG C2     C N N 19  
2SG N2     N N N 20  
2SG N1     N N N 21  
2SG C6     C N N 22  
2SG O6     O N N 23  
2SG H1     H N N 24  
2SG H2     H N N 25  
2SG H3     H N N 26  
2SG H4     H N N 27  
2SG H5     H N N 28  
2SG H6     H N N 29  
2SG H7     H N N 30  
2SG H8     H N N 31  
2SG H9     H N N 32  
2SG H10    H N N 33  
2SG H11    H N N 34  
2SG H13    H N N 35  
2SG H14    H N N 36  
2SG OP3    O N N 37  
2SG H15    H N N 38  
2SG H12    H N N 39  
2SG H16    H N N 40  
A   OP3    O N N 41  
A   P      P N N 42  
A   OP1    O N N 43  
A   OP2    O N N 44  
A   "O5'"  O N N 45  
A   "C5'"  C N N 46  
A   "C4'"  C N R 47  
A   "O4'"  O N N 48  
A   "C3'"  C N S 49  
A   "O3'"  O N N 50  
A   "C2'"  C N R 51  
A   "O2'"  O N N 52  
A   "C1'"  C N R 53  
A   N9     N Y N 54  
A   C8     C Y N 55  
A   N7     N Y N 56  
A   C5     C Y N 57  
A   C6     C Y N 58  
A   N6     N N N 59  
A   N1     N Y N 60  
A   C2     C Y N 61  
A   N3     N Y N 62  
A   C4     C Y N 63  
A   HOP3   H N N 64  
A   HOP2   H N N 65  
A   "H5'"  H N N 66  
A   "H5''" H N N 67  
A   "H4'"  H N N 68  
A   "H3'"  H N N 69  
A   "HO3'" H N N 70  
A   "H2'"  H N N 71  
A   "HO2'" H N N 72  
A   "H1'"  H N N 73  
A   H8     H N N 74  
A   H61    H N N 75  
A   H62    H N N 76  
A   H2     H N N 77  
AF2 F      F N N 78  
AF2 P      P N N 79  
AF2 N1     N Y N 80  
AF2 C2     C Y N 81  
AF2 N3     N Y N 82  
AF2 C4     C Y N 83  
AF2 C5     C Y N 84  
AF2 C6     C Y N 85  
AF2 N6     N N N 86  
AF2 N7     N Y N 87  
AF2 C8     C Y N 88  
AF2 N9     N Y N 89  
AF2 "C1'"  C N R 90  
AF2 OP2    O N N 91  
AF2 "C2'"  C N R 92  
AF2 OP1    O N N 93  
AF2 "C3'"  C N R 94  
AF2 "O3'"  O N N 95  
AF2 "C4'"  C N R 96  
AF2 "O4'"  O N N 97  
AF2 "C5'"  C N N 98  
AF2 "O5'"  O N N 99  
AF2 H2     H N N 100 
AF2 H8     H N N 101 
AF2 "H5'"  H N N 102 
AF2 "H5'A" H N N 103 
AF2 "H1'"  H N N 104 
AF2 "H2'"  H N N 105 
AF2 "H3'"  H N N 106 
AF2 "H4'"  H N N 107 
AF2 HN6    H N N 108 
AF2 HN6A   H N N 109 
AF2 HOP2   H N N 110 
AF2 "HO3'" H N N 111 
AF2 OP3    O N N 112 
AF2 HOP3   H N N 113 
C   OP3    O N N 114 
C   P      P N N 115 
C   OP1    O N N 116 
C   OP2    O N N 117 
C   "O5'"  O N N 118 
C   "C5'"  C N N 119 
C   "C4'"  C N R 120 
C   "O4'"  O N N 121 
C   "C3'"  C N S 122 
C   "O3'"  O N N 123 
C   "C2'"  C N R 124 
C   "O2'"  O N N 125 
C   "C1'"  C N R 126 
C   N1     N N N 127 
C   C2     C N N 128 
C   O2     O N N 129 
C   N3     N N N 130 
C   C4     C N N 131 
C   N4     N N N 132 
C   C5     C N N 133 
C   C6     C N N 134 
C   HOP3   H N N 135 
C   HOP2   H N N 136 
C   "H5'"  H N N 137 
C   "H5''" H N N 138 
C   "H4'"  H N N 139 
C   "H3'"  H N N 140 
C   "HO3'" H N N 141 
C   "H2'"  H N N 142 
C   "HO2'" H N N 143 
C   "H1'"  H N N 144 
C   H41    H N N 145 
C   H42    H N N 146 
C   H5     H N N 147 
C   H6     H N N 148 
G   OP3    O N N 149 
G   P      P N N 150 
G   OP1    O N N 151 
G   OP2    O N N 152 
G   "O5'"  O N N 153 
G   "C5'"  C N N 154 
G   "C4'"  C N R 155 
G   "O4'"  O N N 156 
G   "C3'"  C N S 157 
G   "O3'"  O N N 158 
G   "C2'"  C N R 159 
G   "O2'"  O N N 160 
G   "C1'"  C N R 161 
G   N9     N Y N 162 
G   C8     C Y N 163 
G   N7     N Y N 164 
G   C5     C Y N 165 
G   C6     C N N 166 
G   O6     O N N 167 
G   N1     N N N 168 
G   C2     C N N 169 
G   N2     N N N 170 
G   N3     N N N 171 
G   C4     C Y N 172 
G   HOP3   H N N 173 
G   HOP2   H N N 174 
G   "H5'"  H N N 175 
G   "H5''" H N N 176 
G   "H4'"  H N N 177 
G   "H3'"  H N N 178 
G   "HO3'" H N N 179 
G   "H2'"  H N N 180 
G   "HO2'" H N N 181 
G   "H1'"  H N N 182 
G   H8     H N N 183 
G   H1     H N N 184 
G   H21    H N N 185 
G   H22    H N N 186 
HOH O      O N N 187 
HOH H1     H N N 188 
HOH H2     H N N 189 
U   OP3    O N N 190 
U   P      P N N 191 
U   OP1    O N N 192 
U   OP2    O N N 193 
U   "O5'"  O N N 194 
U   "C5'"  C N N 195 
U   "C4'"  C N R 196 
U   "O4'"  O N N 197 
U   "C3'"  C N S 198 
U   "O3'"  O N N 199 
U   "C2'"  C N R 200 
U   "O2'"  O N N 201 
U   "C1'"  C N R 202 
U   N1     N N N 203 
U   C2     C N N 204 
U   O2     O N N 205 
U   N3     N N N 206 
U   C4     C N N 207 
U   O4     O N N 208 
U   C5     C N N 209 
U   C6     C N N 210 
U   HOP3   H N N 211 
U   HOP2   H N N 212 
U   "H5'"  H N N 213 
U   "H5''" H N N 214 
U   "H4'"  H N N 215 
U   "H3'"  H N N 216 
U   "HO3'" H N N 217 
U   "H2'"  H N N 218 
U   "HO2'" H N N 219 
U   "H1'"  H N N 220 
U   H3     H N N 221 
U   H5     H N N 222 
U   H6     H N N 223 
# 
loop_
_chem_comp_bond.comp_id 
_chem_comp_bond.atom_id_1 
_chem_comp_bond.atom_id_2 
_chem_comp_bond.value_order 
_chem_comp_bond.pdbx_aromatic_flag 
_chem_comp_bond.pdbx_stereo_config 
_chem_comp_bond.pdbx_ordinal 
2SG "O3'" "C3'"  sing N N 1   
2SG "O2'" "C2'"  sing N N 2   
2SG "C2'" "C3'"  sing N N 3   
2SG "C2'" "C1'"  sing N N 4   
2SG "C3'" "C4'"  sing N N 5   
2SG "C4'" "C5'"  sing N N 6   
2SG "C4'" "O4'"  sing N N 7   
2SG "C5'" "O5'"  sing N N 8   
2SG "C1'" "O4'"  sing N N 9   
2SG "C1'" N9     sing N N 10  
2SG N2    C2     sing N N 11  
2SG N3    C2     doub N N 12  
2SG N3    C4     sing N N 13  
2SG "O5'" P      sing N N 14  
2SG N9    C4     sing Y N 15  
2SG N9    C8     sing Y N 16  
2SG C2    N1     sing N N 17  
2SG C4    C5     doub Y N 18  
2SG SP1   P      sing N N 19  
2SG C8    N7     doub Y N 20  
2SG P     SP2    sing N N 21  
2SG N1    C6     sing N N 22  
2SG C5    N7     sing Y N 23  
2SG C5    C6     sing N N 24  
2SG C6    O6     doub N N 25  
2SG SP1   H1     sing N N 26  
2SG SP2   H2     sing N N 27  
2SG "C5'" H3     sing N N 28  
2SG "C5'" H4     sing N N 29  
2SG "C4'" H5     sing N N 30  
2SG "C3'" H6     sing N N 31  
2SG "O3'" H7     sing N N 32  
2SG "C2'" H8     sing N N 33  
2SG "O2'" H9     sing N N 34  
2SG "C1'" H10    sing N N 35  
2SG C8    H11    sing N N 36  
2SG N2    H13    sing N N 37  
2SG N2    H14    sing N N 38  
2SG P     OP3    sing N N 39  
2SG P     H15    sing N N 40  
2SG N1    H12    sing N N 41  
2SG OP3   H16    sing N N 42  
A   OP3   P      sing N N 43  
A   OP3   HOP3   sing N N 44  
A   P     OP1    doub N N 45  
A   P     OP2    sing N N 46  
A   P     "O5'"  sing N N 47  
A   OP2   HOP2   sing N N 48  
A   "O5'" "C5'"  sing N N 49  
A   "C5'" "C4'"  sing N N 50  
A   "C5'" "H5'"  sing N N 51  
A   "C5'" "H5''" sing N N 52  
A   "C4'" "O4'"  sing N N 53  
A   "C4'" "C3'"  sing N N 54  
A   "C4'" "H4'"  sing N N 55  
A   "O4'" "C1'"  sing N N 56  
A   "C3'" "O3'"  sing N N 57  
A   "C3'" "C2'"  sing N N 58  
A   "C3'" "H3'"  sing N N 59  
A   "O3'" "HO3'" sing N N 60  
A   "C2'" "O2'"  sing N N 61  
A   "C2'" "C1'"  sing N N 62  
A   "C2'" "H2'"  sing N N 63  
A   "O2'" "HO2'" sing N N 64  
A   "C1'" N9     sing N N 65  
A   "C1'" "H1'"  sing N N 66  
A   N9    C8     sing Y N 67  
A   N9    C4     sing Y N 68  
A   C8    N7     doub Y N 69  
A   C8    H8     sing N N 70  
A   N7    C5     sing Y N 71  
A   C5    C6     sing Y N 72  
A   C5    C4     doub Y N 73  
A   C6    N6     sing N N 74  
A   C6    N1     doub Y N 75  
A   N6    H61    sing N N 76  
A   N6    H62    sing N N 77  
A   N1    C2     sing Y N 78  
A   C2    N3     doub Y N 79  
A   C2    H2     sing N N 80  
A   N3    C4     sing Y N 81  
AF2 F     "C2'"  sing N N 82  
AF2 P     OP1    doub N N 83  
AF2 P     OP2    sing N N 84  
AF2 N1    C6     sing Y N 85  
AF2 C2    N1     doub Y N 86  
AF2 C2    N3     sing Y N 87  
AF2 N3    C4     doub Y N 88  
AF2 C4    N9     sing Y N 89  
AF2 C4    C5     sing Y N 90  
AF2 C5    N7     sing Y N 91  
AF2 C6    C5     doub Y N 92  
AF2 C6    N6     sing N N 93  
AF2 N6    HN6A   sing N N 94  
AF2 C8    N7     doub Y N 95  
AF2 C8    H8     sing N N 96  
AF2 N9    C8     sing Y N 97  
AF2 "C1'" N9     sing N N 98  
AF2 "C1'" "C2'"  sing N N 99  
AF2 OP2   HOP2   sing N N 100 
AF2 "C2'" "H2'"  sing N N 101 
AF2 "C2'" "C3'"  sing N N 102 
AF2 "C3'" "H3'"  sing N N 103 
AF2 "C3'" "O3'"  sing N N 104 
AF2 "O3'" "HO3'" sing N N 105 
AF2 "C4'" "C3'"  sing N N 106 
AF2 "C4'" "C5'"  sing N N 107 
AF2 "O4'" "C1'"  sing N N 108 
AF2 "O4'" "C4'"  sing N N 109 
AF2 "C5'" "O5'"  sing N N 110 
AF2 "C5'" "H5'A" sing N N 111 
AF2 "O5'" P      sing N N 112 
AF2 H2    C2     sing N N 113 
AF2 "H5'" "C5'"  sing N N 114 
AF2 "H1'" "C1'"  sing N N 115 
AF2 "H4'" "C4'"  sing N N 116 
AF2 HN6   N6     sing N N 117 
AF2 P     OP3    sing N N 118 
AF2 OP3   HOP3   sing N N 119 
C   OP3   P      sing N N 120 
C   OP3   HOP3   sing N N 121 
C   P     OP1    doub N N 122 
C   P     OP2    sing N N 123 
C   P     "O5'"  sing N N 124 
C   OP2   HOP2   sing N N 125 
C   "O5'" "C5'"  sing N N 126 
C   "C5'" "C4'"  sing N N 127 
C   "C5'" "H5'"  sing N N 128 
C   "C5'" "H5''" sing N N 129 
C   "C4'" "O4'"  sing N N 130 
C   "C4'" "C3'"  sing N N 131 
C   "C4'" "H4'"  sing N N 132 
C   "O4'" "C1'"  sing N N 133 
C   "C3'" "O3'"  sing N N 134 
C   "C3'" "C2'"  sing N N 135 
C   "C3'" "H3'"  sing N N 136 
C   "O3'" "HO3'" sing N N 137 
C   "C2'" "O2'"  sing N N 138 
C   "C2'" "C1'"  sing N N 139 
C   "C2'" "H2'"  sing N N 140 
C   "O2'" "HO2'" sing N N 141 
C   "C1'" N1     sing N N 142 
C   "C1'" "H1'"  sing N N 143 
C   N1    C2     sing N N 144 
C   N1    C6     sing N N 145 
C   C2    O2     doub N N 146 
C   C2    N3     sing N N 147 
C   N3    C4     doub N N 148 
C   C4    N4     sing N N 149 
C   C4    C5     sing N N 150 
C   N4    H41    sing N N 151 
C   N4    H42    sing N N 152 
C   C5    C6     doub N N 153 
C   C5    H5     sing N N 154 
C   C6    H6     sing N N 155 
G   OP3   P      sing N N 156 
G   OP3   HOP3   sing N N 157 
G   P     OP1    doub N N 158 
G   P     OP2    sing N N 159 
G   P     "O5'"  sing N N 160 
G   OP2   HOP2   sing N N 161 
G   "O5'" "C5'"  sing N N 162 
G   "C5'" "C4'"  sing N N 163 
G   "C5'" "H5'"  sing N N 164 
G   "C5'" "H5''" sing N N 165 
G   "C4'" "O4'"  sing N N 166 
G   "C4'" "C3'"  sing N N 167 
G   "C4'" "H4'"  sing N N 168 
G   "O4'" "C1'"  sing N N 169 
G   "C3'" "O3'"  sing N N 170 
G   "C3'" "C2'"  sing N N 171 
G   "C3'" "H3'"  sing N N 172 
G   "O3'" "HO3'" sing N N 173 
G   "C2'" "O2'"  sing N N 174 
G   "C2'" "C1'"  sing N N 175 
G   "C2'" "H2'"  sing N N 176 
G   "O2'" "HO2'" sing N N 177 
G   "C1'" N9     sing N N 178 
G   "C1'" "H1'"  sing N N 179 
G   N9    C8     sing Y N 180 
G   N9    C4     sing Y N 181 
G   C8    N7     doub Y N 182 
G   C8    H8     sing N N 183 
G   N7    C5     sing Y N 184 
G   C5    C6     sing N N 185 
G   C5    C4     doub Y N 186 
G   C6    O6     doub N N 187 
G   C6    N1     sing N N 188 
G   N1    C2     sing N N 189 
G   N1    H1     sing N N 190 
G   C2    N2     sing N N 191 
G   C2    N3     doub N N 192 
G   N2    H21    sing N N 193 
G   N2    H22    sing N N 194 
G   N3    C4     sing N N 195 
HOH O     H1     sing N N 196 
HOH O     H2     sing N N 197 
U   OP3   P      sing N N 198 
U   OP3   HOP3   sing N N 199 
U   P     OP1    doub N N 200 
U   P     OP2    sing N N 201 
U   P     "O5'"  sing N N 202 
U   OP2   HOP2   sing N N 203 
U   "O5'" "C5'"  sing N N 204 
U   "C5'" "C4'"  sing N N 205 
U   "C5'" "H5'"  sing N N 206 
U   "C5'" "H5''" sing N N 207 
U   "C4'" "O4'"  sing N N 208 
U   "C4'" "C3'"  sing N N 209 
U   "C4'" "H4'"  sing N N 210 
U   "O4'" "C1'"  sing N N 211 
U   "C3'" "O3'"  sing N N 212 
U   "C3'" "C2'"  sing N N 213 
U   "C3'" "H3'"  sing N N 214 
U   "O3'" "HO3'" sing N N 215 
U   "C2'" "O2'"  sing N N 216 
U   "C2'" "C1'"  sing N N 217 
U   "C2'" "H2'"  sing N N 218 
U   "O2'" "HO2'" sing N N 219 
U   "C1'" N1     sing N N 220 
U   "C1'" "H1'"  sing N N 221 
U   N1    C2     sing N N 222 
U   N1    C6     sing N N 223 
U   C2    O2     doub N N 224 
U   C2    N3     sing N N 225 
U   N3    C4     sing N N 226 
U   N3    H3     sing N N 227 
U   C4    O4     doub N N 228 
U   C4    C5     sing N N 229 
U   C5    C6     doub N N 230 
U   C5    H5     sing N N 231 
U   C6    H6     sing N N 232 
# 
loop_
_ndb_struct_conf_na.entry_id 
_ndb_struct_conf_na.feature 
5DO5 'double helix'         
5DO5 'a-form double helix'  
5DO5 'mismatched base pair' 
# 
loop_
_ndb_struct_na_base_pair.model_number 
_ndb_struct_na_base_pair.i_label_asym_id 
_ndb_struct_na_base_pair.i_label_comp_id 
_ndb_struct_na_base_pair.i_label_seq_id 
_ndb_struct_na_base_pair.i_symmetry 
_ndb_struct_na_base_pair.j_label_asym_id 
_ndb_struct_na_base_pair.j_label_comp_id 
_ndb_struct_na_base_pair.j_label_seq_id 
_ndb_struct_na_base_pair.j_symmetry 
_ndb_struct_na_base_pair.shear 
_ndb_struct_na_base_pair.stretch 
_ndb_struct_na_base_pair.stagger 
_ndb_struct_na_base_pair.buckle 
_ndb_struct_na_base_pair.propeller 
_ndb_struct_na_base_pair.opening 
_ndb_struct_na_base_pair.pair_number 
_ndb_struct_na_base_pair.pair_name 
_ndb_struct_na_base_pair.i_auth_asym_id 
_ndb_struct_na_base_pair.i_auth_seq_id 
_ndb_struct_na_base_pair.i_PDB_ins_code 
_ndb_struct_na_base_pair.j_auth_asym_id 
_ndb_struct_na_base_pair.j_auth_seq_id 
_ndb_struct_na_base_pair.j_PDB_ins_code 
_ndb_struct_na_base_pair.hbond_type_28 
_ndb_struct_na_base_pair.hbond_type_12 
1 A C   1  1_555 A G   12 2_556 0.168  -0.091 -0.013 7.385  -14.757 -0.558  1  A_C101:G112_A   A 101 ? A 112 ? 19 1 
1 A G   2  1_555 A C   11 2_556 -0.321 -0.162 0.021  -4.208 -16.773 1.711   2  A_G102:C111_A   A 102 ? A 111 ? 19 1 
1 A C   3  1_555 A 2SG 10 2_556 0.152  -0.110 0.304  -3.101 -14.790 -1.310  3  A_C103:2SG110_A A 103 ? A 110 ? 19 1 
1 A G   4  1_555 A AF2 9  2_556 0.043  1.456  -0.578 2.067  -4.394  -17.361 4  A_G104:AF2109_A A 104 ? A 109 ? 8  1 
1 A A   5  1_555 A U   8  2_556 0.269  -0.143 -0.027 2.112  -13.994 -6.011  5  A_A105:U108_A   A 105 ? A 108 ? 20 1 
1 A A   6  1_555 A U   7  2_556 -0.760 -0.284 0.337  6.071  -28.680 20.202  6  A_A106:U107_A   A 106 ? A 107 ? 20 1 
1 A U   7  1_555 A A   6  2_556 0.760  -0.284 0.337  -6.071 -28.680 20.202  7  A_U107:A106_A   A 107 ? A 106 ? 20 1 
1 A U   8  1_555 A A   5  2_556 -0.269 -0.143 -0.027 -2.112 -13.994 -6.011  8  A_U108:A105_A   A 108 ? A 105 ? 20 1 
1 A AF2 9  1_555 A G   4  2_556 -0.043 1.456  -0.578 -2.067 -4.394  -17.361 9  A_AF2109:G104_A A 109 ? A 104 ? 8  1 
1 A 2SG 10 1_555 A C   3  2_556 -0.152 -0.110 0.304  3.101  -14.790 -1.310  10 A_2SG110:C103_A A 110 ? A 103 ? 19 1 
1 A C   11 1_555 A G   2  2_556 0.321  -0.162 0.021  4.208  -16.773 1.711   11 A_C111:G102_A   A 111 ? A 102 ? 19 1 
1 A G   12 1_555 A C   1  2_556 -0.168 -0.091 -0.013 -7.385 -14.757 -0.558  12 A_G112:C101_A   A 112 ? A 101 ? 19 1 
# 
loop_
_ndb_struct_na_base_pair_step.model_number 
_ndb_struct_na_base_pair_step.i_label_asym_id_1 
_ndb_struct_na_base_pair_step.i_label_comp_id_1 
_ndb_struct_na_base_pair_step.i_label_seq_id_1 
_ndb_struct_na_base_pair_step.i_symmetry_1 
_ndb_struct_na_base_pair_step.j_label_asym_id_1 
_ndb_struct_na_base_pair_step.j_label_comp_id_1 
_ndb_struct_na_base_pair_step.j_label_seq_id_1 
_ndb_struct_na_base_pair_step.j_symmetry_1 
_ndb_struct_na_base_pair_step.i_label_asym_id_2 
_ndb_struct_na_base_pair_step.i_label_comp_id_2 
_ndb_struct_na_base_pair_step.i_label_seq_id_2 
_ndb_struct_na_base_pair_step.i_symmetry_2 
_ndb_struct_na_base_pair_step.j_label_asym_id_2 
_ndb_struct_na_base_pair_step.j_label_comp_id_2 
_ndb_struct_na_base_pair_step.j_label_seq_id_2 
_ndb_struct_na_base_pair_step.j_symmetry_2 
_ndb_struct_na_base_pair_step.shift 
_ndb_struct_na_base_pair_step.slide 
_ndb_struct_na_base_pair_step.rise 
_ndb_struct_na_base_pair_step.tilt 
_ndb_struct_na_base_pair_step.roll 
_ndb_struct_na_base_pair_step.twist 
_ndb_struct_na_base_pair_step.x_displacement 
_ndb_struct_na_base_pair_step.y_displacement 
_ndb_struct_na_base_pair_step.helical_rise 
_ndb_struct_na_base_pair_step.inclination 
_ndb_struct_na_base_pair_step.tip 
_ndb_struct_na_base_pair_step.helical_twist 
_ndb_struct_na_base_pair_step.step_number 
_ndb_struct_na_base_pair_step.step_name 
_ndb_struct_na_base_pair_step.i_auth_asym_id_1 
_ndb_struct_na_base_pair_step.i_auth_seq_id_1 
_ndb_struct_na_base_pair_step.i_PDB_ins_code_1 
_ndb_struct_na_base_pair_step.j_auth_asym_id_1 
_ndb_struct_na_base_pair_step.j_auth_seq_id_1 
_ndb_struct_na_base_pair_step.j_PDB_ins_code_1 
_ndb_struct_na_base_pair_step.i_auth_asym_id_2 
_ndb_struct_na_base_pair_step.i_auth_seq_id_2 
_ndb_struct_na_base_pair_step.i_PDB_ins_code_2 
_ndb_struct_na_base_pair_step.j_auth_asym_id_2 
_ndb_struct_na_base_pair_step.j_auth_seq_id_2 
_ndb_struct_na_base_pair_step.j_PDB_ins_code_2 
1 A C   1  1_555 A G   12 2_556 A G   2  1_555 A C   11 2_556 -0.376 -1.708 3.326 -3.440 13.205 31.851 -4.760 0.142  2.472 22.799 
5.940   34.582 1  AA_C101G102:C111G112_AA     A 101 ? A 112 ? A 102 ? A 111 ? 
1 A G   2  1_555 A C   11 2_556 A C   3  1_555 A 2SG 10 2_556 -0.392 -1.387 3.212 -2.168 4.161  35.916 -2.793 0.338  3.055 6.713  
3.497   36.211 2  AA_G102C103:2SG110C111_AA   A 102 ? A 111 ? A 103 ? A 110 ? 
1 A C   3  1_555 A 2SG 10 2_556 A G   4  1_555 A AF2 9  2_556 -1.041 -1.282 3.245 4.639  8.158  25.284 -4.642 3.308  2.490 17.871 
-10.161 26.943 3  AA_C103G104:AF21092SG110_AA A 103 ? A 110 ? A 104 ? A 109 ? 
1 A G   4  1_555 A AF2 9  2_556 A A   5  1_555 A U   8  2_556 0.503  -1.626 3.187 -4.677 14.456 30.658 -4.739 -1.495 2.131 25.472 
8.242   34.135 4  AA_G104A105:U108AF2109_AA   A 104 ? A 109 ? A 105 ? A 108 ? 
1 A A   5  1_555 A U   8  2_556 A A   6  1_555 A U   7  2_556 0.953  -1.048 2.937 -0.743 9.026  29.189 -3.512 -1.935 2.485 17.389 
1.432   30.533 5  AA_A105A106:U107U108_AA     A 105 ? A 108 ? A 106 ? A 107 ? 
1 A A   6  1_555 A U   7  2_556 A U   7  1_555 A A   6  2_556 0.000  -0.515 3.543 0.000  7.814  44.674 -1.411 0.000  3.411 10.188 
0.000   45.317 6  AA_A106U107:A106U107_AA     A 106 ? A 107 ? A 107 ? A 106 ? 
1 A U   7  1_555 A A   6  2_556 A U   8  1_555 A A   5  2_556 -0.953 -1.048 2.937 0.743  9.026  29.189 -3.512 1.935  2.485 17.389 
-1.432  30.533 7  AA_U107U108:A105A106_AA     A 107 ? A 106 ? A 108 ? A 105 ? 
1 A U   8  1_555 A A   5  2_556 A AF2 9  1_555 A G   4  2_556 -0.503 -1.626 3.187 4.677  14.456 30.658 -4.739 1.495  2.131 25.472 
-8.242  34.135 8  AA_U108AF2109:G104A105_AA   A 108 ? A 105 ? A 109 ? A 104 ? 
1 A AF2 9  1_555 A G   4  2_556 A 2SG 10 1_555 A C   3  2_556 1.041  -1.282 3.245 -4.639 8.158  25.284 -4.642 -3.308 2.490 17.871 
10.161  26.943 9  AA_AF21092SG110:C103G104_AA A 109 ? A 104 ? A 110 ? A 103 ? 
1 A 2SG 10 1_555 A C   3  2_556 A C   11 1_555 A G   2  2_556 0.392  -1.387 3.212 2.168  4.162  35.916 -2.793 -0.338 3.055 6.713  
-3.497  36.211 10 AA_2SG110C111:G102C103_AA   A 110 ? A 103 ? A 111 ? A 102 ? 
1 A C   11 1_555 A G   2  2_556 A G   12 1_555 A C   1  2_556 0.376  -1.708 3.326 3.440  13.205 31.851 -4.760 -0.142 2.472 22.799 
-5.940  34.582 11 AA_C111G112:C101G102_AA     A 111 ? A 102 ? A 112 ? A 101 ? 
# 
_pdbx_audit_support.funding_organization   
'National Institutes of Health/National Institute of General Medical Sciences (NIH/NIGMS)' 
_pdbx_audit_support.country                'United States' 
_pdbx_audit_support.grant_number           GM086937 
_pdbx_audit_support.ordinal                1 
# 
_pdbx_entity_nonpoly.entity_id   2 
_pdbx_entity_nonpoly.name        water 
_pdbx_entity_nonpoly.comp_id     HOH 
# 
_pdbx_initial_refinement_model.id               1 
_pdbx_initial_refinement_model.entity_id_list   ? 
_pdbx_initial_refinement_model.type             'experimental model' 
_pdbx_initial_refinement_model.source_name      PDB 
_pdbx_initial_refinement_model.accession_code   2Q1R 
_pdbx_initial_refinement_model.details          'PDB ID:2Q1R' 
# 
